data_8BV2
# 
_entry.id   8BV2 
# 
_audit_conform.dict_name       mmcif_pdbx.dic 
_audit_conform.dict_version    5.397 
_audit_conform.dict_location   http://mmcif.pdb.org/dictionaries/ascii/mmcif_pdbx.dic 
# 
loop_
_database_2.database_id 
_database_2.database_code 
_database_2.pdbx_database_accession 
_database_2.pdbx_DOI 
PDB   8BV2         pdb_00008bv2 10.2210/pdb8bv2/pdb 
WWPDB D_1292127112 ?            ?                   
# 
loop_
_pdbx_audit_revision_history.ordinal 
_pdbx_audit_revision_history.data_content_type 
_pdbx_audit_revision_history.major_revision 
_pdbx_audit_revision_history.minor_revision 
_pdbx_audit_revision_history.revision_date 
1 'Structure model' 1 0 2023-06-07 
2 'Structure model' 1 1 2023-06-21 
3 'Structure model' 1 2 2023-07-26 
4 'Structure model' 1 3 2024-10-23 
# 
_pdbx_audit_revision_details.ordinal             1 
_pdbx_audit_revision_details.revision_ordinal    1 
_pdbx_audit_revision_details.data_content_type   'Structure model' 
_pdbx_audit_revision_details.provider            repository 
_pdbx_audit_revision_details.type                'Initial release' 
_pdbx_audit_revision_details.description         ? 
_pdbx_audit_revision_details.details             ? 
# 
loop_
_pdbx_audit_revision_group.ordinal 
_pdbx_audit_revision_group.revision_ordinal 
_pdbx_audit_revision_group.data_content_type 
_pdbx_audit_revision_group.group 
1 2 'Structure model' 'Database references' 
2 3 'Structure model' 'Database references' 
3 4 'Structure model' 'Data collection'     
4 4 'Structure model' 'Structure summary'   
# 
loop_
_pdbx_audit_revision_category.ordinal 
_pdbx_audit_revision_category.revision_ordinal 
_pdbx_audit_revision_category.data_content_type 
_pdbx_audit_revision_category.category 
1 2 'Structure model' citation                  
2 2 'Structure model' citation_author           
3 3 'Structure model' citation                  
4 4 'Structure model' chem_comp_atom            
5 4 'Structure model' chem_comp_bond            
6 4 'Structure model' pdbx_entry_details        
7 4 'Structure model' pdbx_modification_feature 
# 
loop_
_pdbx_audit_revision_item.ordinal 
_pdbx_audit_revision_item.revision_ordinal 
_pdbx_audit_revision_item.data_content_type 
_pdbx_audit_revision_item.item 
1  2 'Structure model' '_citation.country'                            
2  2 'Structure model' '_citation.journal_abbrev'                     
3  2 'Structure model' '_citation.journal_id_ASTM'                    
4  2 'Structure model' '_citation.journal_id_CSD'                     
5  2 'Structure model' '_citation.journal_id_ISSN'                    
6  2 'Structure model' '_citation.page_first'                         
7  2 'Structure model' '_citation.page_last'                          
8  2 'Structure model' '_citation.pdbx_database_id_DOI'               
9  2 'Structure model' '_citation.pdbx_database_id_PubMed'            
10 2 'Structure model' '_citation.title'                              
11 2 'Structure model' '_citation.year'                               
12 3 'Structure model' '_citation.journal_volume'                     
13 4 'Structure model' '_pdbx_entry_details.has_protein_modification' 
# 
_pdbx_database_status.status_code                     REL 
_pdbx_database_status.status_code_sf                  REL 
_pdbx_database_status.status_code_mr                  ? 
_pdbx_database_status.entry_id                        8BV2 
_pdbx_database_status.recvd_initial_deposition_date   2022-12-01 
_pdbx_database_status.SG_entry                        N 
_pdbx_database_status.deposit_site                    PDBE 
_pdbx_database_status.process_site                    PDBE 
_pdbx_database_status.status_code_cs                  ? 
_pdbx_database_status.status_code_nmr_data            ? 
_pdbx_database_status.methods_development_category    ? 
_pdbx_database_status.pdb_format_compatible           Y 
# 
_pdbx_contact_author.id                 2 
_pdbx_contact_author.email              benarous.r@wanadoo.fr 
_pdbx_contact_author.name_first         Richard 
_pdbx_contact_author.name_last          Benarous 
_pdbx_contact_author.name_mi            ? 
_pdbx_contact_author.role               'principal investigator/group leader' 
_pdbx_contact_author.identifier_ORCID   0000-0003-0242-2816 
# 
loop_
_audit_author.name 
_audit_author.pdbx_ordinal 
_audit_author.identifier_ORCID 
'Ruff, M.'     1 0000-0001-5451-6377 
'Benarous, R.' 2 0000-0003-0242-2816 
# 
_citation.abstract                  ? 
_citation.abstract_id_CAS           ? 
_citation.book_id_ISBN              ? 
_citation.book_publisher            ? 
_citation.book_publisher_city       ? 
_citation.book_title                ? 
_citation.coordinate_linkage        ? 
_citation.country                   US 
_citation.database_id_Medline       ? 
_citation.details                   ? 
_citation.id                        primary 
_citation.journal_abbrev            'Antimicrob.Agents Chemother.' 
_citation.journal_id_ASTM           AMACCQ 
_citation.journal_id_CSD            0788 
_citation.journal_id_ISSN           1098-6596 
_citation.journal_full              ? 
_citation.journal_issue             ? 
_citation.journal_volume            67 
_citation.language                  ? 
_citation.page_first                e0046223 
_citation.page_last                 e0046223 
_citation.title                     'Biological and Structural Analyses of New Potent Allosteric Inhibitors of HIV-1 Integrase.' 
_citation.year                      2023 
_citation.database_id_CSD           ? 
_citation.pdbx_database_id_DOI      10.1128/aac.00462-23 
_citation.pdbx_database_id_PubMed   37310224 
_citation.pdbx_database_id_patent   ? 
_citation.unpublished_flag          ? 
# 
loop_
_citation_author.citation_id 
_citation_author.name 
_citation_author.ordinal 
_citation_author.identifier_ORCID 
primary 'Bonnard, D.'    1  0000-0001-9529-5785 
primary 'Le Rouzic, E.'  2  ?                   
primary 'Singer, M.R.'   3  ?                   
primary 'Yu, Z.'         4  ?                   
primary 'Le Strat, F.'   5  ?                   
primary 'Batisse, C.'    6  ?                   
primary 'Batisse, J.'    7  ?                   
primary 'Amadori, C.'    8  ?                   
primary 'Chasset, S.'    9  ?                   
primary 'Pye, V.E.'      10 ?                   
primary 'Emiliani, S.'   11 ?                   
primary 'Ledoussal, B.'  12 ?                   
primary 'Ruff, M.'       13 ?                   
primary 'Moreau, F.'     14 ?                   
primary 'Cherepanov, P.' 15 0000-0002-0634-538X 
primary 'Benarous, R.'   16 0000-0003-0242-2816 
# 
loop_
_entity.id 
_entity.type 
_entity.src_method 
_entity.pdbx_description 
_entity.formula_weight 
_entity.pdbx_number_of_molecules 
_entity.pdbx_ec 
_entity.pdbx_mutation 
_entity.pdbx_fragment 
_entity.details 
1 polymer     man Integrase 20139.646 1   2.7.7.-,3.1.-.- ? ? ? 
2 non-polymer syn 
'(2S)-2-[3-cyclopropyl-2-(3,4-dihydro-2H-chromen-6-yl)-6-methyl-phenyl]-2-[(2-methylpropan-2-yl)oxy]ethanoic acid' 394.503   1   ? 
? ? ? 
3 non-polymer syn 'MAGNESIUM ION' 24.305    1   ?               ? ? ? 
4 non-polymer syn 'SULFATE ION' 96.063    1   ?               ? ? ? 
5 water       nat water 18.015    102 ?               ? ? ? 
# 
_entity_name_com.entity_id   1 
_entity_name_com.name        IN 
# 
_entity_poly.entity_id                      1 
_entity_poly.type                           'polypeptide(L)' 
_entity_poly.nstd_linkage                   no 
_entity_poly.nstd_monomer                   yes 
_entity_poly.pdbx_seq_one_letter_code       
;MGSSHHHHHHSSGLVPRGSMHGQVDCSPGIWQLD(CAS)THLEGKVILVAVHVASGYIEAEVIPAETGQETAYFLLKLAG
RWPVKTVHTDNGSNFTSTTVKAA(CAS)WWAGIKQEFGIPYNPQSQGVVESMNKELKKIIGQVRDQAEHLKTAVQMAVFI
HNKKRKGGIGGYSAGERIVDIIATDIQTKE
;
_entity_poly.pdbx_seq_one_letter_code_can   
;MGSSHHHHHHSSGLVPRGSMHGQVDCSPGIWQLDCTHLEGKVILVAVHVASGYIEAEVIPAETGQETAYFLLKLAGRWPV
KTVHTDNGSNFTSTTVKAACWWAGIKQEFGIPYNPQSQGVVESMNKELKKIIGQVRDQAEHLKTAVQMAVFIHNKKRKGG
IGGYSAGERIVDIIATDIQTKE
;
_entity_poly.pdbx_strand_id                 A 
_entity_poly.pdbx_target_identifier         ? 
# 
loop_
_pdbx_entity_nonpoly.entity_id 
_pdbx_entity_nonpoly.name 
_pdbx_entity_nonpoly.comp_id 
2 '(2S)-2-[3-cyclopropyl-2-(3,4-dihydro-2H-chromen-6-yl)-6-methyl-phenyl]-2-[(2-methylpropan-2-yl)oxy]ethanoic acid' RWR 
3 'MAGNESIUM ION'                                                                                                    MG  
4 'SULFATE ION'                                                                                                      SO4 
5 water                                                                                                              HOH 
# 
loop_
_entity_poly_seq.entity_id 
_entity_poly_seq.num 
_entity_poly_seq.mon_id 
_entity_poly_seq.hetero 
1 1   MET n 
1 2   GLY n 
1 3   SER n 
1 4   SER n 
1 5   HIS n 
1 6   HIS n 
1 7   HIS n 
1 8   HIS n 
1 9   HIS n 
1 10  HIS n 
1 11  SER n 
1 12  SER n 
1 13  GLY n 
1 14  LEU n 
1 15  VAL n 
1 16  PRO n 
1 17  ARG n 
1 18  GLY n 
1 19  SER n 
1 20  MET n 
1 21  HIS n 
1 22  GLY n 
1 23  GLN n 
1 24  VAL n 
1 25  ASP n 
1 26  CYS n 
1 27  SER n 
1 28  PRO n 
1 29  GLY n 
1 30  ILE n 
1 31  TRP n 
1 32  GLN n 
1 33  LEU n 
1 34  ASP n 
1 35  CAS n 
1 36  THR n 
1 37  HIS n 
1 38  LEU n 
1 39  GLU n 
1 40  GLY n 
1 41  LYS n 
1 42  VAL n 
1 43  ILE n 
1 44  LEU n 
1 45  VAL n 
1 46  ALA n 
1 47  VAL n 
1 48  HIS n 
1 49  VAL n 
1 50  ALA n 
1 51  SER n 
1 52  GLY n 
1 53  TYR n 
1 54  ILE n 
1 55  GLU n 
1 56  ALA n 
1 57  GLU n 
1 58  VAL n 
1 59  ILE n 
1 60  PRO n 
1 61  ALA n 
1 62  GLU n 
1 63  THR n 
1 64  GLY n 
1 65  GLN n 
1 66  GLU n 
1 67  THR n 
1 68  ALA n 
1 69  TYR n 
1 70  PHE n 
1 71  LEU n 
1 72  LEU n 
1 73  LYS n 
1 74  LEU n 
1 75  ALA n 
1 76  GLY n 
1 77  ARG n 
1 78  TRP n 
1 79  PRO n 
1 80  VAL n 
1 81  LYS n 
1 82  THR n 
1 83  VAL n 
1 84  HIS n 
1 85  THR n 
1 86  ASP n 
1 87  ASN n 
1 88  GLY n 
1 89  SER n 
1 90  ASN n 
1 91  PHE n 
1 92  THR n 
1 93  SER n 
1 94  THR n 
1 95  THR n 
1 96  VAL n 
1 97  LYS n 
1 98  ALA n 
1 99  ALA n 
1 100 CAS n 
1 101 TRP n 
1 102 TRP n 
1 103 ALA n 
1 104 GLY n 
1 105 ILE n 
1 106 LYS n 
1 107 GLN n 
1 108 GLU n 
1 109 PHE n 
1 110 GLY n 
1 111 ILE n 
1 112 PRO n 
1 113 TYR n 
1 114 ASN n 
1 115 PRO n 
1 116 GLN n 
1 117 SER n 
1 118 GLN n 
1 119 GLY n 
1 120 VAL n 
1 121 VAL n 
1 122 GLU n 
1 123 SER n 
1 124 MET n 
1 125 ASN n 
1 126 LYS n 
1 127 GLU n 
1 128 LEU n 
1 129 LYS n 
1 130 LYS n 
1 131 ILE n 
1 132 ILE n 
1 133 GLY n 
1 134 GLN n 
1 135 VAL n 
1 136 ARG n 
1 137 ASP n 
1 138 GLN n 
1 139 ALA n 
1 140 GLU n 
1 141 HIS n 
1 142 LEU n 
1 143 LYS n 
1 144 THR n 
1 145 ALA n 
1 146 VAL n 
1 147 GLN n 
1 148 MET n 
1 149 ALA n 
1 150 VAL n 
1 151 PHE n 
1 152 ILE n 
1 153 HIS n 
1 154 ASN n 
1 155 LYS n 
1 156 LYS n 
1 157 ARG n 
1 158 LYS n 
1 159 GLY n 
1 160 GLY n 
1 161 ILE n 
1 162 GLY n 
1 163 GLY n 
1 164 TYR n 
1 165 SER n 
1 166 ALA n 
1 167 GLY n 
1 168 GLU n 
1 169 ARG n 
1 170 ILE n 
1 171 VAL n 
1 172 ASP n 
1 173 ILE n 
1 174 ILE n 
1 175 ALA n 
1 176 THR n 
1 177 ASP n 
1 178 ILE n 
1 179 GLN n 
1 180 THR n 
1 181 LYS n 
1 182 GLU n 
# 
_entity_src_gen.entity_id                          1 
_entity_src_gen.pdbx_src_id                        1 
_entity_src_gen.pdbx_alt_source_flag               sample 
_entity_src_gen.pdbx_seq_type                      'Biological sequence' 
_entity_src_gen.pdbx_beg_seq_num                   1 
_entity_src_gen.pdbx_end_seq_num                   182 
_entity_src_gen.gene_src_common_name               ? 
_entity_src_gen.gene_src_genus                     ? 
_entity_src_gen.pdbx_gene_src_gene                 gag-pol 
_entity_src_gen.gene_src_species                   ? 
_entity_src_gen.gene_src_strain                    ? 
_entity_src_gen.gene_src_tissue                    ? 
_entity_src_gen.gene_src_tissue_fraction           ? 
_entity_src_gen.gene_src_details                   ? 
_entity_src_gen.pdbx_gene_src_fragment             ? 
_entity_src_gen.pdbx_gene_src_scientific_name      'Human immunodeficiency virus 1' 
_entity_src_gen.pdbx_gene_src_ncbi_taxonomy_id     11676 
_entity_src_gen.pdbx_gene_src_variant              ? 
_entity_src_gen.pdbx_gene_src_cell_line            ? 
_entity_src_gen.pdbx_gene_src_atcc                 ? 
_entity_src_gen.pdbx_gene_src_organ                ? 
_entity_src_gen.pdbx_gene_src_organelle            ? 
_entity_src_gen.pdbx_gene_src_cell                 ? 
_entity_src_gen.pdbx_gene_src_cellular_location    ? 
_entity_src_gen.host_org_common_name               ? 
_entity_src_gen.pdbx_host_org_scientific_name      'Escherichia coli' 
_entity_src_gen.pdbx_host_org_ncbi_taxonomy_id     562 
_entity_src_gen.host_org_genus                     ? 
_entity_src_gen.pdbx_host_org_gene                 ? 
_entity_src_gen.pdbx_host_org_organ                ? 
_entity_src_gen.host_org_species                   ? 
_entity_src_gen.pdbx_host_org_tissue               ? 
_entity_src_gen.pdbx_host_org_tissue_fraction      ? 
_entity_src_gen.pdbx_host_org_strain               ? 
_entity_src_gen.pdbx_host_org_variant              ? 
_entity_src_gen.pdbx_host_org_cell_line            ? 
_entity_src_gen.pdbx_host_org_atcc                 ? 
_entity_src_gen.pdbx_host_org_culture_collection   ? 
_entity_src_gen.pdbx_host_org_cell                 ? 
_entity_src_gen.pdbx_host_org_organelle            ? 
_entity_src_gen.pdbx_host_org_cellular_location    ? 
_entity_src_gen.pdbx_host_org_vector_type          ? 
_entity_src_gen.pdbx_host_org_vector               ? 
_entity_src_gen.host_org_details                   ? 
_entity_src_gen.expression_system_id               ? 
_entity_src_gen.plasmid_name                       ? 
_entity_src_gen.plasmid_details                    ? 
_entity_src_gen.pdbx_description                   ? 
# 
loop_
_chem_comp.id 
_chem_comp.type 
_chem_comp.mon_nstd_flag 
_chem_comp.name 
_chem_comp.pdbx_synonyms 
_chem_comp.formula 
_chem_comp.formula_weight 
ALA 'L-peptide linking' y ALANINE ? 'C3 H7 N O2'       89.093  
ARG 'L-peptide linking' y ARGININE ? 'C6 H15 N4 O2 1'   175.209 
ASN 'L-peptide linking' y ASPARAGINE ? 'C4 H8 N2 O3'      132.118 
ASP 'L-peptide linking' y 'ASPARTIC ACID' ? 'C4 H7 N O4'       133.103 
CAS 'L-peptide linking' n 'S-(DIMETHYLARSENIC)CYSTEINE' ? 'C5 H12 As N O2 S' 225.141 
CYS 'L-peptide linking' y CYSTEINE ? 'C3 H7 N O2 S'     121.158 
GLN 'L-peptide linking' y GLUTAMINE ? 'C5 H10 N2 O3'     146.144 
GLU 'L-peptide linking' y 'GLUTAMIC ACID' ? 'C5 H9 N O4'       147.129 
GLY 'peptide linking'   y GLYCINE ? 'C2 H5 N O2'       75.067  
HIS 'L-peptide linking' y HISTIDINE ? 'C6 H10 N3 O2 1'   156.162 
HOH non-polymer         . WATER ? 'H2 O'             18.015  
ILE 'L-peptide linking' y ISOLEUCINE ? 'C6 H13 N O2'      131.173 
LEU 'L-peptide linking' y LEUCINE ? 'C6 H13 N O2'      131.173 
LYS 'L-peptide linking' y LYSINE ? 'C6 H15 N2 O2 1'   147.195 
MET 'L-peptide linking' y METHIONINE ? 'C5 H11 N O2 S'    149.211 
MG  non-polymer         . 'MAGNESIUM ION' ? 'Mg 2'             24.305  
PHE 'L-peptide linking' y PHENYLALANINE ? 'C9 H11 N O2'      165.189 
PRO 'L-peptide linking' y PROLINE ? 'C5 H9 N O2'       115.130 
RWR non-polymer         . 
'(2S)-2-[3-cyclopropyl-2-(3,4-dihydro-2H-chromen-6-yl)-6-methyl-phenyl]-2-[(2-methylpropan-2-yl)oxy]ethanoic acid' ? 'C25 H30 O4' 
394.503 
SER 'L-peptide linking' y SERINE ? 'C3 H7 N O3'       105.093 
SO4 non-polymer         . 'SULFATE ION' ? 'O4 S -2'          96.063  
THR 'L-peptide linking' y THREONINE ? 'C4 H9 N O3'       119.119 
TRP 'L-peptide linking' y TRYPTOPHAN ? 'C11 H12 N2 O2'    204.225 
TYR 'L-peptide linking' y TYROSINE ? 'C9 H11 N O3'      181.189 
VAL 'L-peptide linking' y VALINE ? 'C5 H11 N O2'      117.146 
# 
loop_
_pdbx_poly_seq_scheme.asym_id 
_pdbx_poly_seq_scheme.entity_id 
_pdbx_poly_seq_scheme.seq_id 
_pdbx_poly_seq_scheme.mon_id 
_pdbx_poly_seq_scheme.ndb_seq_num 
_pdbx_poly_seq_scheme.pdb_seq_num 
_pdbx_poly_seq_scheme.auth_seq_num 
_pdbx_poly_seq_scheme.pdb_mon_id 
_pdbx_poly_seq_scheme.auth_mon_id 
_pdbx_poly_seq_scheme.pdb_strand_id 
_pdbx_poly_seq_scheme.pdb_ins_code 
_pdbx_poly_seq_scheme.hetero 
A 1 1   MET 1   31  ?   ?   ?   A . n 
A 1 2   GLY 2   32  ?   ?   ?   A . n 
A 1 3   SER 3   33  ?   ?   ?   A . n 
A 1 4   SER 4   34  ?   ?   ?   A . n 
A 1 5   HIS 5   35  ?   ?   ?   A . n 
A 1 6   HIS 6   36  ?   ?   ?   A . n 
A 1 7   HIS 7   37  ?   ?   ?   A . n 
A 1 8   HIS 8   38  ?   ?   ?   A . n 
A 1 9   HIS 9   39  ?   ?   ?   A . n 
A 1 10  HIS 10  40  ?   ?   ?   A . n 
A 1 11  SER 11  41  ?   ?   ?   A . n 
A 1 12  SER 12  42  ?   ?   ?   A . n 
A 1 13  GLY 13  43  ?   ?   ?   A . n 
A 1 14  LEU 14  44  ?   ?   ?   A . n 
A 1 15  VAL 15  45  ?   ?   ?   A . n 
A 1 16  PRO 16  46  ?   ?   ?   A . n 
A 1 17  ARG 17  47  ?   ?   ?   A . n 
A 1 18  GLY 18  48  ?   ?   ?   A . n 
A 1 19  SER 19  49  ?   ?   ?   A . n 
A 1 20  MET 20  50  ?   ?   ?   A . n 
A 1 21  HIS 21  51  ?   ?   ?   A . n 
A 1 22  GLY 22  52  ?   ?   ?   A . n 
A 1 23  GLN 23  53  ?   ?   ?   A . n 
A 1 24  VAL 24  54  ?   ?   ?   A . n 
A 1 25  ASP 25  55  ?   ?   ?   A . n 
A 1 26  CYS 26  56  ?   ?   ?   A . n 
A 1 27  SER 27  57  57  SER SER A . n 
A 1 28  PRO 28  58  58  PRO PRO A . n 
A 1 29  GLY 29  59  59  GLY GLY A . n 
A 1 30  ILE 30  60  60  ILE ILE A . n 
A 1 31  TRP 31  61  61  TRP TRP A . n 
A 1 32  GLN 32  62  62  GLN GLN A . n 
A 1 33  LEU 33  63  63  LEU LEU A . n 
A 1 34  ASP 34  64  64  ASP ASP A . n 
A 1 35  CAS 35  65  65  CAS CAS A . n 
A 1 36  THR 36  66  66  THR THR A . n 
A 1 37  HIS 37  67  67  HIS HIS A . n 
A 1 38  LEU 38  68  68  LEU LEU A . n 
A 1 39  GLU 39  69  69  GLU GLU A . n 
A 1 40  GLY 40  70  70  GLY GLY A . n 
A 1 41  LYS 41  71  71  LYS LYS A . n 
A 1 42  VAL 42  72  72  VAL VAL A . n 
A 1 43  ILE 43  73  73  ILE ILE A . n 
A 1 44  LEU 44  74  74  LEU LEU A . n 
A 1 45  VAL 45  75  75  VAL VAL A . n 
A 1 46  ALA 46  76  76  ALA ALA A . n 
A 1 47  VAL 47  77  77  VAL VAL A . n 
A 1 48  HIS 48  78  78  HIS HIS A . n 
A 1 49  VAL 49  79  79  VAL VAL A . n 
A 1 50  ALA 50  80  80  ALA ALA A . n 
A 1 51  SER 51  81  81  SER SER A . n 
A 1 52  GLY 52  82  82  GLY GLY A . n 
A 1 53  TYR 53  83  83  TYR TYR A . n 
A 1 54  ILE 54  84  84  ILE ILE A . n 
A 1 55  GLU 55  85  85  GLU GLU A . n 
A 1 56  ALA 56  86  86  ALA ALA A . n 
A 1 57  GLU 57  87  87  GLU GLU A . n 
A 1 58  VAL 58  88  88  VAL VAL A . n 
A 1 59  ILE 59  89  89  ILE ILE A . n 
A 1 60  PRO 60  90  90  PRO PRO A . n 
A 1 61  ALA 61  91  91  ALA ALA A . n 
A 1 62  GLU 62  92  92  GLU GLU A . n 
A 1 63  THR 63  93  93  THR THR A . n 
A 1 64  GLY 64  94  94  GLY GLY A . n 
A 1 65  GLN 65  95  95  GLN GLN A . n 
A 1 66  GLU 66  96  96  GLU GLU A . n 
A 1 67  THR 67  97  97  THR THR A . n 
A 1 68  ALA 68  98  98  ALA ALA A . n 
A 1 69  TYR 69  99  99  TYR TYR A . n 
A 1 70  PHE 70  100 100 PHE PHE A . n 
A 1 71  LEU 71  101 101 LEU LEU A . n 
A 1 72  LEU 72  102 102 LEU LEU A . n 
A 1 73  LYS 73  103 103 LYS LYS A . n 
A 1 74  LEU 74  104 104 LEU LEU A . n 
A 1 75  ALA 75  105 105 ALA ALA A . n 
A 1 76  GLY 76  106 106 GLY GLY A . n 
A 1 77  ARG 77  107 107 ARG ARG A . n 
A 1 78  TRP 78  108 108 TRP TRP A . n 
A 1 79  PRO 79  109 109 PRO PRO A . n 
A 1 80  VAL 80  110 110 VAL VAL A . n 
A 1 81  LYS 81  111 111 LYS LYS A . n 
A 1 82  THR 82  112 112 THR THR A . n 
A 1 83  VAL 83  113 113 VAL VAL A . n 
A 1 84  HIS 84  114 114 HIS HIS A . n 
A 1 85  THR 85  115 115 THR THR A . n 
A 1 86  ASP 86  116 116 ASP ASP A . n 
A 1 87  ASN 87  117 117 ASN ASN A . n 
A 1 88  GLY 88  118 118 GLY GLY A . n 
A 1 89  SER 89  119 119 SER SER A . n 
A 1 90  ASN 90  120 120 ASN ASN A . n 
A 1 91  PHE 91  121 121 PHE PHE A . n 
A 1 92  THR 92  122 122 THR THR A . n 
A 1 93  SER 93  123 123 SER SER A . n 
A 1 94  THR 94  124 124 THR THR A . n 
A 1 95  THR 95  125 125 THR THR A . n 
A 1 96  VAL 96  126 126 VAL VAL A . n 
A 1 97  LYS 97  127 127 LYS LYS A . n 
A 1 98  ALA 98  128 128 ALA ALA A . n 
A 1 99  ALA 99  129 129 ALA ALA A . n 
A 1 100 CAS 100 130 130 CAS CAS A . n 
A 1 101 TRP 101 131 131 TRP TRP A . n 
A 1 102 TRP 102 132 132 TRP TRP A . n 
A 1 103 ALA 103 133 133 ALA ALA A . n 
A 1 104 GLY 104 134 134 GLY GLY A . n 
A 1 105 ILE 105 135 135 ILE ILE A . n 
A 1 106 LYS 106 136 136 LYS LYS A . n 
A 1 107 GLN 107 137 137 GLN GLN A . n 
A 1 108 GLU 108 138 ?   ?   ?   A . n 
A 1 109 PHE 109 139 ?   ?   ?   A . n 
A 1 110 GLY 110 140 ?   ?   ?   A . n 
A 1 111 ILE 111 141 ?   ?   ?   A . n 
A 1 112 PRO 112 142 ?   ?   ?   A . n 
A 1 113 TYR 113 143 ?   ?   ?   A . n 
A 1 114 ASN 114 144 ?   ?   ?   A . n 
A 1 115 PRO 115 145 ?   ?   ?   A . n 
A 1 116 GLN 116 146 ?   ?   ?   A . n 
A 1 117 SER 117 147 ?   ?   ?   A . n 
A 1 118 GLN 118 148 ?   ?   ?   A . n 
A 1 119 GLY 119 149 ?   ?   ?   A . n 
A 1 120 VAL 120 150 ?   ?   ?   A . n 
A 1 121 VAL 121 151 ?   ?   ?   A . n 
A 1 122 GLU 122 152 ?   ?   ?   A . n 
A 1 123 SER 123 153 ?   ?   ?   A . n 
A 1 124 MET 124 154 154 MET MET A . n 
A 1 125 ASN 125 155 155 ASN ASN A . n 
A 1 126 LYS 126 156 156 LYS LYS A . n 
A 1 127 GLU 127 157 157 GLU GLU A . n 
A 1 128 LEU 128 158 158 LEU LEU A . n 
A 1 129 LYS 129 159 159 LYS LYS A . n 
A 1 130 LYS 130 160 160 LYS LYS A . n 
A 1 131 ILE 131 161 161 ILE ILE A . n 
A 1 132 ILE 132 162 162 ILE ILE A . n 
A 1 133 GLY 133 163 163 GLY GLY A . n 
A 1 134 GLN 134 164 164 GLN GLN A . n 
A 1 135 VAL 135 165 165 VAL VAL A . n 
A 1 136 ARG 136 166 166 ARG ARG A . n 
A 1 137 ASP 137 167 167 ASP ASP A . n 
A 1 138 GLN 138 168 168 GLN GLN A . n 
A 1 139 ALA 139 169 169 ALA ALA A . n 
A 1 140 GLU 140 170 170 GLU GLU A . n 
A 1 141 HIS 141 171 171 HIS HIS A . n 
A 1 142 LEU 142 172 172 LEU LEU A . n 
A 1 143 LYS 143 173 173 LYS LYS A . n 
A 1 144 THR 144 174 174 THR THR A . n 
A 1 145 ALA 145 175 175 ALA ALA A . n 
A 1 146 VAL 146 176 176 VAL VAL A . n 
A 1 147 GLN 147 177 177 GLN GLN A . n 
A 1 148 MET 148 178 178 MET MET A . n 
A 1 149 ALA 149 179 179 ALA ALA A . n 
A 1 150 VAL 150 180 180 VAL VAL A . n 
A 1 151 PHE 151 181 181 PHE PHE A . n 
A 1 152 ILE 152 182 182 ILE ILE A . n 
A 1 153 HIS 153 183 183 HIS HIS A . n 
A 1 154 ASN 154 184 184 ASN ASN A . n 
A 1 155 LYS 155 185 185 LYS LYS A . n 
A 1 156 LYS 156 186 186 LYS LYS A . n 
A 1 157 ARG 157 187 187 ARG ARG A . n 
A 1 158 LYS 158 188 188 LYS LYS A . n 
A 1 159 GLY 159 189 ?   ?   ?   A . n 
A 1 160 GLY 160 190 ?   ?   ?   A . n 
A 1 161 ILE 161 191 ?   ?   ?   A . n 
A 1 162 GLY 162 192 ?   ?   ?   A . n 
A 1 163 GLY 163 193 ?   ?   ?   A . n 
A 1 164 TYR 164 194 194 TYR TYR A . n 
A 1 165 SER 165 195 195 SER SER A . n 
A 1 166 ALA 166 196 196 ALA ALA A . n 
A 1 167 GLY 167 197 197 GLY GLY A . n 
A 1 168 GLU 168 198 198 GLU GLU A . n 
A 1 169 ARG 169 199 199 ARG ARG A . n 
A 1 170 ILE 170 200 200 ILE ILE A . n 
A 1 171 VAL 171 201 201 VAL VAL A . n 
A 1 172 ASP 172 202 202 ASP ASP A . n 
A 1 173 ILE 173 203 203 ILE ILE A . n 
A 1 174 ILE 174 204 204 ILE ILE A . n 
A 1 175 ALA 175 205 205 ALA ALA A . n 
A 1 176 THR 176 206 206 THR THR A . n 
A 1 177 ASP 177 207 207 ASP ASP A . n 
A 1 178 ILE 178 208 208 ILE ILE A . n 
A 1 179 GLN 179 209 ?   ?   ?   A . n 
A 1 180 THR 180 210 ?   ?   ?   A . n 
A 1 181 LYS 181 211 ?   ?   ?   A . n 
A 1 182 GLU 182 212 ?   ?   ?   A . n 
# 
_pdbx_entity_instance_feature.ordinal        1 
_pdbx_entity_instance_feature.comp_id        RWR 
_pdbx_entity_instance_feature.asym_id        ? 
_pdbx_entity_instance_feature.seq_num        ? 
_pdbx_entity_instance_feature.auth_comp_id   RWR 
_pdbx_entity_instance_feature.auth_asym_id   ? 
_pdbx_entity_instance_feature.auth_seq_num   ? 
_pdbx_entity_instance_feature.feature_type   'SUBJECT OF INVESTIGATION' 
_pdbx_entity_instance_feature.details        ? 
# 
loop_
_pdbx_nonpoly_scheme.asym_id 
_pdbx_nonpoly_scheme.entity_id 
_pdbx_nonpoly_scheme.mon_id 
_pdbx_nonpoly_scheme.ndb_seq_num 
_pdbx_nonpoly_scheme.pdb_seq_num 
_pdbx_nonpoly_scheme.auth_seq_num 
_pdbx_nonpoly_scheme.pdb_mon_id 
_pdbx_nonpoly_scheme.auth_mon_id 
_pdbx_nonpoly_scheme.pdb_strand_id 
_pdbx_nonpoly_scheme.pdb_ins_code 
B 2 RWR 1   301 1   RWR BDM A . 
C 3 MG  1   302 1   MG  MG  A . 
D 4 SO4 1   303 1   SO4 SO4 A . 
E 5 HOH 1   401 88  HOH HOH A . 
E 5 HOH 2   402 24  HOH HOH A . 
E 5 HOH 3   403 8   HOH HOH A . 
E 5 HOH 4   404 34  HOH HOH A . 
E 5 HOH 5   405 29  HOH HOH A . 
E 5 HOH 6   406 4   HOH HOH A . 
E 5 HOH 7   407 35  HOH HOH A . 
E 5 HOH 8   408 95  HOH HOH A . 
E 5 HOH 9   409 55  HOH HOH A . 
E 5 HOH 10  410 16  HOH HOH A . 
E 5 HOH 11  411 96  HOH HOH A . 
E 5 HOH 12  412 10  HOH HOH A . 
E 5 HOH 13  413 5   HOH HOH A . 
E 5 HOH 14  414 26  HOH HOH A . 
E 5 HOH 15  415 48  HOH HOH A . 
E 5 HOH 16  416 60  HOH HOH A . 
E 5 HOH 17  417 22  HOH HOH A . 
E 5 HOH 18  418 68  HOH HOH A . 
E 5 HOH 19  419 9   HOH HOH A . 
E 5 HOH 20  420 1   HOH HOH A . 
E 5 HOH 21  421 12  HOH HOH A . 
E 5 HOH 22  422 47  HOH HOH A . 
E 5 HOH 23  423 11  HOH HOH A . 
E 5 HOH 24  424 82  HOH HOH A . 
E 5 HOH 25  425 80  HOH HOH A . 
E 5 HOH 26  426 85  HOH HOH A . 
E 5 HOH 27  427 6   HOH HOH A . 
E 5 HOH 28  428 30  HOH HOH A . 
E 5 HOH 29  429 14  HOH HOH A . 
E 5 HOH 30  430 19  HOH HOH A . 
E 5 HOH 31  431 21  HOH HOH A . 
E 5 HOH 32  432 36  HOH HOH A . 
E 5 HOH 33  433 50  HOH HOH A . 
E 5 HOH 34  434 7   HOH HOH A . 
E 5 HOH 35  435 15  HOH HOH A . 
E 5 HOH 36  436 17  HOH HOH A . 
E 5 HOH 37  437 77  HOH HOH A . 
E 5 HOH 38  438 39  HOH HOH A . 
E 5 HOH 39  439 2   HOH HOH A . 
E 5 HOH 40  440 3   HOH HOH A . 
E 5 HOH 41  441 65  HOH HOH A . 
E 5 HOH 42  442 44  HOH HOH A . 
E 5 HOH 43  443 51  HOH HOH A . 
E 5 HOH 44  444 38  HOH HOH A . 
E 5 HOH 45  445 23  HOH HOH A . 
E 5 HOH 46  446 59  HOH HOH A . 
E 5 HOH 47  447 104 HOH HOH A . 
E 5 HOH 48  448 20  HOH HOH A . 
E 5 HOH 49  449 45  HOH HOH A . 
E 5 HOH 50  450 27  HOH HOH A . 
E 5 HOH 51  451 52  HOH HOH A . 
E 5 HOH 52  452 81  HOH HOH A . 
E 5 HOH 53  453 87  HOH HOH A . 
E 5 HOH 54  454 94  HOH HOH A . 
E 5 HOH 55  455 102 HOH HOH A . 
E 5 HOH 56  456 53  HOH HOH A . 
E 5 HOH 57  457 76  HOH HOH A . 
E 5 HOH 58  458 42  HOH HOH A . 
E 5 HOH 59  459 31  HOH HOH A . 
E 5 HOH 60  460 91  HOH HOH A . 
E 5 HOH 61  461 78  HOH HOH A . 
E 5 HOH 62  462 64  HOH HOH A . 
E 5 HOH 63  463 28  HOH HOH A . 
E 5 HOH 64  464 69  HOH HOH A . 
E 5 HOH 65  465 54  HOH HOH A . 
E 5 HOH 66  466 57  HOH HOH A . 
E 5 HOH 67  467 61  HOH HOH A . 
E 5 HOH 68  468 105 HOH HOH A . 
E 5 HOH 69  469 43  HOH HOH A . 
E 5 HOH 70  470 79  HOH HOH A . 
E 5 HOH 71  471 66  HOH HOH A . 
E 5 HOH 72  472 40  HOH HOH A . 
E 5 HOH 73  473 25  HOH HOH A . 
E 5 HOH 74  474 92  HOH HOH A . 
E 5 HOH 75  475 98  HOH HOH A . 
E 5 HOH 76  476 70  HOH HOH A . 
E 5 HOH 77  477 90  HOH HOH A . 
E 5 HOH 78  478 86  HOH HOH A . 
E 5 HOH 79  479 67  HOH HOH A . 
E 5 HOH 80  480 41  HOH HOH A . 
E 5 HOH 81  481 49  HOH HOH A . 
E 5 HOH 82  482 32  HOH HOH A . 
E 5 HOH 83  483 75  HOH HOH A . 
E 5 HOH 84  484 103 HOH HOH A . 
E 5 HOH 85  485 106 HOH HOH A . 
E 5 HOH 86  486 107 HOH HOH A . 
E 5 HOH 87  487 46  HOH HOH A . 
E 5 HOH 88  488 101 HOH HOH A . 
E 5 HOH 89  489 71  HOH HOH A . 
E 5 HOH 90  490 109 HOH HOH A . 
E 5 HOH 91  491 33  HOH HOH A . 
E 5 HOH 92  492 97  HOH HOH A . 
E 5 HOH 93  493 18  HOH HOH A . 
E 5 HOH 94  494 89  HOH HOH A . 
E 5 HOH 95  495 73  HOH HOH A . 
E 5 HOH 96  496 108 HOH HOH A . 
E 5 HOH 97  497 58  HOH HOH A . 
E 5 HOH 98  498 99  HOH HOH A . 
E 5 HOH 99  499 37  HOH HOH A . 
E 5 HOH 100 500 63  HOH HOH A . 
E 5 HOH 101 501 83  HOH HOH A . 
E 5 HOH 102 502 74  HOH HOH A . 
# 
loop_
_pdbx_unobs_or_zero_occ_atoms.id 
_pdbx_unobs_or_zero_occ_atoms.PDB_model_num 
_pdbx_unobs_or_zero_occ_atoms.polymer_flag 
_pdbx_unobs_or_zero_occ_atoms.occupancy_flag 
_pdbx_unobs_or_zero_occ_atoms.auth_asym_id 
_pdbx_unobs_or_zero_occ_atoms.auth_comp_id 
_pdbx_unobs_or_zero_occ_atoms.auth_seq_id 
_pdbx_unobs_or_zero_occ_atoms.PDB_ins_code 
_pdbx_unobs_or_zero_occ_atoms.auth_atom_id 
_pdbx_unobs_or_zero_occ_atoms.label_alt_id 
_pdbx_unobs_or_zero_occ_atoms.label_asym_id 
_pdbx_unobs_or_zero_occ_atoms.label_comp_id 
_pdbx_unobs_or_zero_occ_atoms.label_seq_id 
_pdbx_unobs_or_zero_occ_atoms.label_atom_id 
1  1 Y 1 A ASN 155 ? CG  ? A ASN 125 CG  
2  1 Y 1 A ASN 155 ? OD1 ? A ASN 125 OD1 
3  1 Y 1 A ASN 155 ? ND2 ? A ASN 125 ND2 
4  1 Y 1 A LYS 156 ? CG  ? A LYS 126 CG  
5  1 Y 1 A LYS 156 ? CD  ? A LYS 126 CD  
6  1 Y 1 A LYS 156 ? CE  ? A LYS 126 CE  
7  1 Y 1 A LYS 156 ? NZ  ? A LYS 126 NZ  
8  1 Y 1 A LYS 188 ? CD  ? A LYS 158 CD  
9  1 Y 1 A LYS 188 ? CE  ? A LYS 158 CE  
10 1 Y 1 A LYS 188 ? NZ  ? A LYS 158 NZ  
# 
loop_
_software.citation_id 
_software.classification 
_software.compiler_name 
_software.compiler_version 
_software.contact_author 
_software.contact_author_email 
_software.date 
_software.description 
_software.dependencies 
_software.hardware 
_software.language 
_software.location 
_software.mods 
_software.name 
_software.os 
_software.os_version 
_software.type 
_software.version 
_software.pdbx_ordinal 
? refinement       ? ? ? ? ? ? ? ? ? ? ? PHENIX ? ? ? 1.20_4459 1 
? 'data reduction' ? ? ? ? ? ? ? ? ? ? ? XDS    ? ? ? .         2 
? 'data scaling'   ? ? ? ? ? ? ? ? ? ? ? XDS    ? ? ? .         3 
? phasing          ? ? ? ? ? ? ? ? ? ? ? PHASER ? ? ? .         4 
# 
_cell.angle_alpha                  90.000 
_cell.angle_alpha_esd              ? 
_cell.angle_beta                   90.000 
_cell.angle_beta_esd               ? 
_cell.angle_gamma                  120.000 
_cell.angle_gamma_esd              ? 
_cell.entry_id                     8BV2 
_cell.details                      ? 
_cell.formula_units_Z              ? 
_cell.length_a                     72.570 
_cell.length_a_esd                 ? 
_cell.length_b                     72.570 
_cell.length_b_esd                 ? 
_cell.length_c                     65.965 
_cell.length_c_esd                 ? 
_cell.volume                       300855.839 
_cell.volume_esd                   ? 
_cell.Z_PDB                        6 
_cell.reciprocal_angle_alpha       ? 
_cell.reciprocal_angle_beta        ? 
_cell.reciprocal_angle_gamma       ? 
_cell.reciprocal_angle_alpha_esd   ? 
_cell.reciprocal_angle_beta_esd    ? 
_cell.reciprocal_angle_gamma_esd   ? 
_cell.reciprocal_length_a          ? 
_cell.reciprocal_length_b          ? 
_cell.reciprocal_length_c          ? 
_cell.reciprocal_length_a_esd      ? 
_cell.reciprocal_length_b_esd      ? 
_cell.reciprocal_length_c_esd      ? 
_cell.pdbx_unique_axis             ? 
_cell.pdbx_esd_method              ? 
# 
_symmetry.entry_id                         8BV2 
_symmetry.cell_setting                     ? 
_symmetry.Int_Tables_number                152 
_symmetry.space_group_name_Hall            
;P 31 2"
;
_symmetry.space_group_name_H-M             'P 31 2 1' 
_symmetry.pdbx_full_space_group_name_H-M   ? 
# 
_exptl.absorpt_coefficient_mu     ? 
_exptl.absorpt_correction_T_max   ? 
_exptl.absorpt_correction_T_min   ? 
_exptl.absorpt_correction_type    ? 
_exptl.absorpt_process_details    ? 
_exptl.entry_id                   8BV2 
_exptl.crystals_number            1 
_exptl.details                    ? 
_exptl.method                     'X-RAY DIFFRACTION' 
_exptl.method_details             ? 
# 
_exptl_crystal.colour                       ? 
_exptl_crystal.density_diffrn               ? 
_exptl_crystal.density_Matthews             2.49 
_exptl_crystal.density_method               ? 
_exptl_crystal.density_percent_sol          50.60 
_exptl_crystal.description                  ? 
_exptl_crystal.F_000                        ? 
_exptl_crystal.id                           1 
_exptl_crystal.preparation                  ? 
_exptl_crystal.size_max                     ? 
_exptl_crystal.size_mid                     ? 
_exptl_crystal.size_min                     ? 
_exptl_crystal.size_rad                     ? 
_exptl_crystal.colour_lustre                ? 
_exptl_crystal.colour_modifier              ? 
_exptl_crystal.colour_primary               ? 
_exptl_crystal.density_meas                 ? 
_exptl_crystal.density_meas_esd             ? 
_exptl_crystal.density_meas_gt              ? 
_exptl_crystal.density_meas_lt              ? 
_exptl_crystal.density_meas_temp            ? 
_exptl_crystal.density_meas_temp_esd        ? 
_exptl_crystal.density_meas_temp_gt         ? 
_exptl_crystal.density_meas_temp_lt         ? 
_exptl_crystal.pdbx_crystal_image_url       ? 
_exptl_crystal.pdbx_crystal_image_format    ? 
_exptl_crystal.pdbx_mosaicity               ? 
_exptl_crystal.pdbx_mosaicity_esd           ? 
_exptl_crystal.pdbx_mosaic_method           ? 
_exptl_crystal.pdbx_mosaic_block_size       ? 
_exptl_crystal.pdbx_mosaic_block_size_esd   ? 
# 
_exptl_crystal_grow.apparatus       ? 
_exptl_crystal_grow.atmosphere      ? 
_exptl_crystal_grow.crystal_id      1 
_exptl_crystal_grow.details         ? 
_exptl_crystal_grow.method          'VAPOR DIFFUSION, SITTING DROP' 
_exptl_crystal_grow.method_ref      ? 
_exptl_crystal_grow.pH              6.5 
_exptl_crystal_grow.pressure        ? 
_exptl_crystal_grow.pressure_esd    ? 
_exptl_crystal_grow.seeding         ? 
_exptl_crystal_grow.seeding_ref     ? 
_exptl_crystal_grow.temp_details    ? 
_exptl_crystal_grow.temp_esd        ? 
_exptl_crystal_grow.time            ? 
_exptl_crystal_grow.pdbx_details    
;3 microliters of protein at 5 mg/mL in 50 mM MES pH5.5, 50 mM NaCl, 5 mM DTT mixed with 3 microliters of reservoir solution containing 0.1 M sodium cacodylate pH 6.5, 1.26 M ammonium sulfate.
;
_exptl_crystal_grow.pdbx_pH_range   ? 
_exptl_crystal_grow.temp            293 
# 
_diffrn.ambient_environment              ? 
_diffrn.ambient_temp                     120 
_diffrn.ambient_temp_details             ? 
_diffrn.ambient_temp_esd                 ? 
_diffrn.crystal_id                       1 
_diffrn.crystal_support                  ? 
_diffrn.crystal_treatment                ? 
_diffrn.details                          ? 
_diffrn.id                               1 
_diffrn.ambient_pressure                 ? 
_diffrn.ambient_pressure_esd             ? 
_diffrn.ambient_pressure_gt              ? 
_diffrn.ambient_pressure_lt              ? 
_diffrn.ambient_temp_gt                  ? 
_diffrn.ambient_temp_lt                  ? 
_diffrn.pdbx_serial_crystal_experiment   N 
# 
_diffrn_detector.details                      ? 
_diffrn_detector.detector                     PIXEL 
_diffrn_detector.diffrn_id                    1 
_diffrn_detector.type                         'DECTRIS EIGER R 4M' 
_diffrn_detector.area_resol_mean              ? 
_diffrn_detector.dtime                        ? 
_diffrn_detector.pdbx_frames_total            ? 
_diffrn_detector.pdbx_collection_time_total   ? 
_diffrn_detector.pdbx_collection_date         2021-09-15 
_diffrn_detector.pdbx_frequency               ? 
# 
_diffrn_radiation.collimation                      ? 
_diffrn_radiation.diffrn_id                        1 
_diffrn_radiation.filter_edge                      ? 
_diffrn_radiation.inhomogeneity                    ? 
_diffrn_radiation.monochromator                    ? 
_diffrn_radiation.polarisn_norm                    ? 
_diffrn_radiation.polarisn_ratio                   ? 
_diffrn_radiation.probe                            ? 
_diffrn_radiation.type                             ? 
_diffrn_radiation.xray_symbol                      ? 
_diffrn_radiation.wavelength_id                    1 
_diffrn_radiation.pdbx_monochromatic_or_laue_m_l   M 
_diffrn_radiation.pdbx_wavelength_list             ? 
_diffrn_radiation.pdbx_wavelength                  ? 
_diffrn_radiation.pdbx_diffrn_protocol             'SINGLE WAVELENGTH' 
_diffrn_radiation.pdbx_analyzer                    ? 
_diffrn_radiation.pdbx_scattering_type             x-ray 
# 
_diffrn_radiation_wavelength.id           1 
_diffrn_radiation_wavelength.wavelength   1.5418 
_diffrn_radiation_wavelength.wt           1.0 
# 
_diffrn_source.current                     ? 
_diffrn_source.details                     ? 
_diffrn_source.diffrn_id                   1 
_diffrn_source.power                       ? 
_diffrn_source.size                        ? 
_diffrn_source.source                      'ROTATING ANODE' 
_diffrn_source.target                      ? 
_diffrn_source.type                        'RIGAKU FR-X' 
_diffrn_source.voltage                     ? 
_diffrn_source.take-off_angle              ? 
_diffrn_source.pdbx_wavelength_list        1.5418 
_diffrn_source.pdbx_wavelength             ? 
_diffrn_source.pdbx_synchrotron_beamline   ? 
_diffrn_source.pdbx_synchrotron_site       ? 
# 
_reflns.B_iso_Wilson_estimate                          29.84 
_reflns.entry_id                                       8BV2 
_reflns.data_reduction_details                         ? 
_reflns.data_reduction_method                          ? 
_reflns.d_resolution_high                              2.0 
_reflns.d_resolution_low                               20.0 
_reflns.details                                        ? 
_reflns.limit_h_max                                    ? 
_reflns.limit_h_min                                    ? 
_reflns.limit_k_max                                    ? 
_reflns.limit_k_min                                    ? 
_reflns.limit_l_max                                    ? 
_reflns.limit_l_min                                    ? 
_reflns.number_all                                     ? 
_reflns.number_obs                                     131582 
_reflns.observed_criterion                             ? 
_reflns.observed_criterion_F_max                       ? 
_reflns.observed_criterion_F_min                       ? 
_reflns.observed_criterion_I_max                       ? 
_reflns.observed_criterion_I_min                       ? 
_reflns.observed_criterion_sigma_F                     ? 
_reflns.observed_criterion_sigma_I                     ? 
_reflns.percent_possible_obs                           100 
_reflns.R_free_details                                 ? 
_reflns.Rmerge_F_all                                   ? 
_reflns.Rmerge_F_obs                                   ? 
_reflns.Friedel_coverage                               ? 
_reflns.number_gt                                      ? 
_reflns.threshold_expression                           ? 
_reflns.pdbx_redundancy                                9.5 
_reflns.pdbx_netI_over_av_sigmaI                       ? 
_reflns.pdbx_netI_over_sigmaI                          57.43 
_reflns.pdbx_res_netI_over_av_sigmaI_2                 ? 
_reflns.pdbx_res_netI_over_sigmaI_2                    ? 
_reflns.pdbx_chi_squared                               ? 
_reflns.pdbx_scaling_rejects                           ? 
_reflns.pdbx_d_res_high_opt                            ? 
_reflns.pdbx_d_res_low_opt                             ? 
_reflns.pdbx_d_res_opt_method                          ? 
_reflns.phase_calculation_details                      ? 
_reflns.pdbx_Rrim_I_all                                0.03 
_reflns.pdbx_Rpim_I_all                                0.01 
_reflns.pdbx_d_opt                                     ? 
_reflns.pdbx_number_measured_all                       ? 
_reflns.pdbx_diffrn_id                                 1 
_reflns.pdbx_ordinal                                   1 
_reflns.pdbx_CC_half                                   1 
_reflns.pdbx_CC_star                                   1 
_reflns.pdbx_R_split                                   ? 
_reflns.pdbx_Rmerge_I_obs                              0.0286 
_reflns.pdbx_Rmerge_I_all                              ? 
_reflns.pdbx_Rsym_value                                ? 
_reflns.pdbx_CC_split_method                           ? 
_reflns.pdbx_aniso_diffraction_limit_axis_1_ortho[1]   ? 
_reflns.pdbx_aniso_diffraction_limit_axis_1_ortho[2]   ? 
_reflns.pdbx_aniso_diffraction_limit_axis_1_ortho[3]   ? 
_reflns.pdbx_aniso_diffraction_limit_axis_2_ortho[1]   ? 
_reflns.pdbx_aniso_diffraction_limit_axis_2_ortho[2]   ? 
_reflns.pdbx_aniso_diffraction_limit_axis_2_ortho[3]   ? 
_reflns.pdbx_aniso_diffraction_limit_axis_3_ortho[1]   ? 
_reflns.pdbx_aniso_diffraction_limit_axis_3_ortho[2]   ? 
_reflns.pdbx_aniso_diffraction_limit_axis_3_ortho[3]   ? 
_reflns.pdbx_aniso_diffraction_limit_1                 ? 
_reflns.pdbx_aniso_diffraction_limit_2                 ? 
_reflns.pdbx_aniso_diffraction_limit_3                 ? 
_reflns.pdbx_aniso_B_tensor_eigenvector_1_ortho[1]     ? 
_reflns.pdbx_aniso_B_tensor_eigenvector_1_ortho[2]     ? 
_reflns.pdbx_aniso_B_tensor_eigenvector_1_ortho[3]     ? 
_reflns.pdbx_aniso_B_tensor_eigenvector_2_ortho[1]     ? 
_reflns.pdbx_aniso_B_tensor_eigenvector_2_ortho[2]     ? 
_reflns.pdbx_aniso_B_tensor_eigenvector_2_ortho[3]     ? 
_reflns.pdbx_aniso_B_tensor_eigenvector_3_ortho[1]     ? 
_reflns.pdbx_aniso_B_tensor_eigenvector_3_ortho[2]     ? 
_reflns.pdbx_aniso_B_tensor_eigenvector_3_ortho[3]     ? 
_reflns.pdbx_aniso_B_tensor_eigenvalue_1               ? 
_reflns.pdbx_aniso_B_tensor_eigenvalue_2               ? 
_reflns.pdbx_aniso_B_tensor_eigenvalue_3               ? 
_reflns.pdbx_orthogonalization_convention              ? 
_reflns.pdbx_percent_possible_ellipsoidal              ? 
_reflns.pdbx_percent_possible_spherical                ? 
_reflns.pdbx_percent_possible_ellipsoidal_anomalous    ? 
_reflns.pdbx_percent_possible_spherical_anomalous      ? 
_reflns.pdbx_redundancy_anomalous                      ? 
_reflns.pdbx_CC_half_anomalous                         ? 
_reflns.pdbx_absDiff_over_sigma_anomalous              ? 
_reflns.pdbx_percent_possible_anomalous                ? 
_reflns.pdbx_observed_signal_threshold                 ? 
_reflns.pdbx_signal_type                               ? 
_reflns.pdbx_signal_details                            ? 
_reflns.pdbx_signal_software_id                        ? 
# 
_reflns_shell.d_res_high                                    2.0 
_reflns_shell.d_res_low                                     2.072 
_reflns_shell.meanI_over_sigI_all                           ? 
_reflns_shell.meanI_over_sigI_obs                           11.2 
_reflns_shell.number_measured_all                           ? 
_reflns_shell.number_measured_obs                           ? 
_reflns_shell.number_possible                               ? 
_reflns_shell.number_unique_all                             ? 
_reflns_shell.number_unique_obs                             13489 
_reflns_shell.percent_possible_obs                          ? 
_reflns_shell.Rmerge_F_all                                  ? 
_reflns_shell.Rmerge_F_obs                                  ? 
_reflns_shell.meanI_over_sigI_gt                            ? 
_reflns_shell.meanI_over_uI_all                             ? 
_reflns_shell.meanI_over_uI_gt                              ? 
_reflns_shell.number_measured_gt                            ? 
_reflns_shell.number_unique_gt                              ? 
_reflns_shell.percent_possible_gt                           ? 
_reflns_shell.Rmerge_F_gt                                   ? 
_reflns_shell.Rmerge_I_gt                                   ? 
_reflns_shell.pdbx_redundancy                               9.9 
_reflns_shell.pdbx_chi_squared                              ? 
_reflns_shell.pdbx_netI_over_sigmaI_all                     ? 
_reflns_shell.pdbx_netI_over_sigmaI_obs                     ? 
_reflns_shell.pdbx_Rrim_I_all                               0.2094 
_reflns_shell.pdbx_Rpim_I_all                               0.06627 
_reflns_shell.pdbx_rejects                                  ? 
_reflns_shell.pdbx_ordinal                                  1 
_reflns_shell.pdbx_diffrn_id                                1 
_reflns_shell.pdbx_CC_half                                  0.986 
_reflns_shell.pdbx_CC_star                                  0.997 
_reflns_shell.pdbx_R_split                                  ? 
_reflns_shell.percent_possible_all                          100 
_reflns_shell.Rmerge_I_all                                  ? 
_reflns_shell.Rmerge_I_obs                                  0.1985 
_reflns_shell.pdbx_Rsym_value                               ? 
_reflns_shell.pdbx_percent_possible_ellipsoidal             ? 
_reflns_shell.pdbx_percent_possible_spherical               ? 
_reflns_shell.pdbx_percent_possible_ellipsoidal_anomalous   ? 
_reflns_shell.pdbx_percent_possible_spherical_anomalous     ? 
_reflns_shell.pdbx_redundancy_anomalous                     ? 
_reflns_shell.pdbx_CC_half_anomalous                        ? 
_reflns_shell.pdbx_absDiff_over_sigma_anomalous             ? 
_reflns_shell.pdbx_percent_possible_anomalous               ? 
# 
_refine.aniso_B[1][1]                            ? 
_refine.aniso_B[1][2]                            ? 
_refine.aniso_B[1][3]                            ? 
_refine.aniso_B[2][2]                            ? 
_refine.aniso_B[2][3]                            ? 
_refine.aniso_B[3][3]                            ? 
_refine.B_iso_max                                ? 
_refine.B_iso_mean                               31.65 
_refine.B_iso_min                                ? 
_refine.correlation_coeff_Fo_to_Fc               ? 
_refine.correlation_coeff_Fo_to_Fc_free          ? 
_refine.details                                  ? 
_refine.diff_density_max                         ? 
_refine.diff_density_max_esd                     ? 
_refine.diff_density_min                         ? 
_refine.diff_density_min_esd                     ? 
_refine.diff_density_rms                         ? 
_refine.diff_density_rms_esd                     ? 
_refine.entry_id                                 8BV2 
_refine.pdbx_refine_id                           'X-RAY DIFFRACTION' 
_refine.ls_abs_structure_details                 ? 
_refine.ls_abs_structure_Flack                   ? 
_refine.ls_abs_structure_Flack_esd               ? 
_refine.ls_abs_structure_Rogers                  ? 
_refine.ls_abs_structure_Rogers_esd              ? 
_refine.ls_d_res_high                            2.00 
_refine.ls_d_res_low                             19.97 
_refine.ls_extinction_coef                       ? 
_refine.ls_extinction_coef_esd                   ? 
_refine.ls_extinction_expression                 ? 
_refine.ls_extinction_method                     ? 
_refine.ls_goodness_of_fit_all                   ? 
_refine.ls_goodness_of_fit_all_esd               ? 
_refine.ls_goodness_of_fit_obs                   ? 
_refine.ls_goodness_of_fit_obs_esd               ? 
_refine.ls_hydrogen_treatment                    ? 
_refine.ls_matrix_type                           ? 
_refine.ls_number_constraints                    ? 
_refine.ls_number_parameters                     ? 
_refine.ls_number_reflns_all                     ? 
_refine.ls_number_reflns_obs                     25842 
_refine.ls_number_reflns_R_free                  2555 
_refine.ls_number_reflns_R_work                  23287 
_refine.ls_number_restraints                     ? 
_refine.ls_percent_reflns_obs                    98.58 
_refine.ls_percent_reflns_R_free                 9.89 
_refine.ls_R_factor_all                          ? 
_refine.ls_R_factor_obs                          0.1985 
_refine.ls_R_factor_R_free                       0.2262 
_refine.ls_R_factor_R_free_error                 ? 
_refine.ls_R_factor_R_free_error_details         ? 
_refine.ls_R_factor_R_work                       0.1955 
_refine.ls_R_Fsqd_factor_obs                     ? 
_refine.ls_R_I_factor_obs                        ? 
_refine.ls_redundancy_reflns_all                 ? 
_refine.ls_redundancy_reflns_obs                 ? 
_refine.ls_restrained_S_all                      ? 
_refine.ls_restrained_S_obs                      ? 
_refine.ls_shift_over_esd_max                    ? 
_refine.ls_shift_over_esd_mean                   ? 
_refine.ls_structure_factor_coef                 ? 
_refine.ls_weighting_details                     ? 
_refine.ls_weighting_scheme                      ? 
_refine.ls_wR_factor_all                         ? 
_refine.ls_wR_factor_obs                         ? 
_refine.ls_wR_factor_R_free                      ? 
_refine.ls_wR_factor_R_work                      ? 
_refine.occupancy_max                            ? 
_refine.occupancy_min                            ? 
_refine.solvent_model_details                    'FLAT BULK SOLVENT MODEL' 
_refine.solvent_model_param_bsol                 ? 
_refine.solvent_model_param_ksol                 ? 
_refine.pdbx_R_complete                          ? 
_refine.ls_R_factor_gt                           ? 
_refine.ls_goodness_of_fit_gt                    ? 
_refine.ls_goodness_of_fit_ref                   ? 
_refine.ls_shift_over_su_max                     ? 
_refine.ls_shift_over_su_max_lt                  ? 
_refine.ls_shift_over_su_mean                    ? 
_refine.ls_shift_over_su_mean_lt                 ? 
_refine.pdbx_ls_sigma_I                          ? 
_refine.pdbx_ls_sigma_F                          1.34 
_refine.pdbx_ls_sigma_Fsqd                       ? 
_refine.pdbx_data_cutoff_high_absF               ? 
_refine.pdbx_data_cutoff_high_rms_absF           ? 
_refine.pdbx_data_cutoff_low_absF                ? 
_refine.pdbx_isotropic_thermal_model             ? 
_refine.pdbx_ls_cross_valid_method               'FREE R-VALUE' 
_refine.pdbx_method_to_determine_struct          'MOLECULAR REPLACEMENT' 
_refine.pdbx_starting_model                      ? 
_refine.pdbx_stereochemistry_target_values       'GeoStd + Monomer Library + CDL v1.2' 
_refine.pdbx_R_Free_selection_details            ? 
_refine.pdbx_stereochem_target_val_spec_case     ? 
_refine.pdbx_overall_ESU_R                       ? 
_refine.pdbx_overall_ESU_R_Free                  ? 
_refine.pdbx_solvent_vdw_probe_radii             1.1000 
_refine.pdbx_solvent_ion_probe_radii             ? 
_refine.pdbx_solvent_shrinkage_radii             0.9000 
_refine.pdbx_real_space_R                        ? 
_refine.pdbx_density_correlation                 ? 
_refine.pdbx_pd_number_of_powder_patterns        ? 
_refine.pdbx_pd_number_of_points                 ? 
_refine.pdbx_pd_meas_number_of_points            ? 
_refine.pdbx_pd_proc_ls_prof_R_factor            ? 
_refine.pdbx_pd_proc_ls_prof_wR_factor           ? 
_refine.pdbx_pd_Marquardt_correlation_coeff      ? 
_refine.pdbx_pd_Fsqrd_R_factor                   ? 
_refine.pdbx_pd_ls_matrix_band_width             ? 
_refine.pdbx_overall_phase_error                 23.9872 
_refine.pdbx_overall_SU_R_free_Cruickshank_DPI   ? 
_refine.pdbx_overall_SU_R_free_Blow_DPI          ? 
_refine.pdbx_overall_SU_R_Blow_DPI               ? 
_refine.pdbx_TLS_residual_ADP_flag               ? 
_refine.pdbx_diffrn_id                           1 
_refine.overall_SU_B                             ? 
_refine.overall_SU_ML                            0.2016 
_refine.overall_SU_R_Cruickshank_DPI             ? 
_refine.overall_SU_R_free                        ? 
_refine.overall_FOM_free_R_set                   ? 
_refine.overall_FOM_work_R_set                   ? 
_refine.pdbx_average_fsc_overall                 ? 
_refine.pdbx_average_fsc_work                    ? 
_refine.pdbx_average_fsc_free                    ? 
# 
_refine_hist.pdbx_refine_id                   'X-RAY DIFFRACTION' 
_refine_hist.cycle_id                         LAST 
_refine_hist.details                          ? 
_refine_hist.d_res_high                       2.00 
_refine_hist.d_res_low                        19.97 
_refine_hist.number_atoms_solvent             102 
_refine_hist.number_atoms_total               1157 
_refine_hist.number_reflns_all                ? 
_refine_hist.number_reflns_obs                ? 
_refine_hist.number_reflns_R_free             ? 
_refine_hist.number_reflns_R_work             ? 
_refine_hist.R_factor_all                     ? 
_refine_hist.R_factor_obs                     ? 
_refine_hist.R_factor_R_free                  ? 
_refine_hist.R_factor_R_work                  ? 
_refine_hist.pdbx_number_residues_total       ? 
_refine_hist.pdbx_B_iso_mean_ligand           ? 
_refine_hist.pdbx_B_iso_mean_solvent          ? 
_refine_hist.pdbx_number_atoms_protein        1020 
_refine_hist.pdbx_number_atoms_nucleic_acid   0 
_refine_hist.pdbx_number_atoms_ligand         35 
_refine_hist.pdbx_number_atoms_lipid          ? 
_refine_hist.pdbx_number_atoms_carb           ? 
_refine_hist.pdbx_pseudo_atom_details         ? 
# 
loop_
_refine_ls_restr.pdbx_refine_id 
_refine_ls_restr.criterion 
_refine_ls_restr.dev_ideal 
_refine_ls_restr.dev_ideal_target 
_refine_ls_restr.number 
_refine_ls_restr.rejects 
_refine_ls_restr.type 
_refine_ls_restr.weight 
_refine_ls_restr.pdbx_restraint_function 
'X-RAY DIFFRACTION' ? 0.0083 ? 1075 ? f_bond_d           ? ? 
'X-RAY DIFFRACTION' ? 1.0241 ? 1461 ? f_angle_d          ? ? 
'X-RAY DIFFRACTION' ? 0.0533 ? 166  ? f_chiral_restr     ? ? 
'X-RAY DIFFRACTION' ? 0.0065 ? 175  ? f_plane_restr      ? ? 
'X-RAY DIFFRACTION' ? 9.2270 ? 145  ? f_dihedral_angle_d ? ? 
# 
loop_
_refine_ls_shell.pdbx_refine_id 
_refine_ls_shell.d_res_high 
_refine_ls_shell.d_res_low 
_refine_ls_shell.number_reflns_all 
_refine_ls_shell.number_reflns_obs 
_refine_ls_shell.number_reflns_R_free 
_refine_ls_shell.number_reflns_R_work 
_refine_ls_shell.percent_reflns_obs 
_refine_ls_shell.percent_reflns_R_free 
_refine_ls_shell.R_factor_all 
_refine_ls_shell.R_factor_obs 
_refine_ls_shell.R_factor_R_free_error 
_refine_ls_shell.R_factor_R_work 
_refine_ls_shell.redundancy_reflns_all 
_refine_ls_shell.redundancy_reflns_obs 
_refine_ls_shell.wR_factor_all 
_refine_ls_shell.wR_factor_obs 
_refine_ls_shell.wR_factor_R_free 
_refine_ls_shell.wR_factor_R_work 
_refine_ls_shell.pdbx_R_complete 
_refine_ls_shell.pdbx_total_number_of_bins_used 
_refine_ls_shell.pdbx_phase_error 
_refine_ls_shell.pdbx_fsc_work 
_refine_ls_shell.pdbx_fsc_free 
_refine_ls_shell.R_factor_R_free 
'X-RAY DIFFRACTION' 2.00 2.04  . . 146 1275 100.00 . . . . 0.2227 . . . . . . . . . . . 0.2738 
'X-RAY DIFFRACTION' 2.04 2.08  . . 148 1320 100.00 . . . . 0.2070 . . . . . . . . . . . 0.2786 
'X-RAY DIFFRACTION' 2.08 2.13  . . 142 1347 100.00 . . . . 0.1911 . . . . . . . . . . . 0.2043 
'X-RAY DIFFRACTION' 2.13 2.17  . . 140 1301 100.00 . . . . 0.1863 . . . . . . . . . . . 0.2586 
'X-RAY DIFFRACTION' 2.18 2.23  . . 139 1216 94.29  . . . . 0.2532 . . . . . . . . . . . 0.3461 
'X-RAY DIFFRACTION' 2.23 2.29  . . 121 1100 83.23  . . . . 0.3356 . . . . . . . . . . . 0.3438 
'X-RAY DIFFRACTION' 2.29 2.36  . . 140 1302 100.00 . . . . 0.2087 . . . . . . . . . . . 0.3376 
'X-RAY DIFFRACTION' 2.36 2.43  . . 146 1313 100.00 . . . . 0.2111 . . . . . . . . . . . 0.2713 
'X-RAY DIFFRACTION' 2.43 2.52  . . 148 1321 99.93  . . . . 0.2110 . . . . . . . . . . . 0.2199 
'X-RAY DIFFRACTION' 2.52 2.62  . . 142 1289 99.86  . . . . 0.2131 . . . . . . . . . . . 0.2489 
'X-RAY DIFFRACTION' 2.62 2.74  . . 141 1350 99.87  . . . . 0.1977 . . . . . . . . . . . 0.2722 
'X-RAY DIFFRACTION' 2.74 2.88  . . 144 1310 100.00 . . . . 0.2213 . . . . . . . . . . . 0.2371 
'X-RAY DIFFRACTION' 2.88 3.06  . . 148 1311 99.86  . . . . 0.2036 . . . . . . . . . . . 0.2029 
'X-RAY DIFFRACTION' 3.06 3.30  . . 138 1319 99.93  . . . . 0.1940 . . . . . . . . . . . 0.2123 
'X-RAY DIFFRACTION' 3.30 3.63  . . 147 1312 99.79  . . . . 0.1786 . . . . . . . . . . . 0.1806 
'X-RAY DIFFRACTION' 3.63 4.15  . . 145 1260 97.77  . . . . 0.1695 . . . . . . . . . . . 0.1632 
'X-RAY DIFFRACTION' 4.15 5.20  . . 138 1328 100.00 . . . . 0.1630 . . . . . . . . . . . 0.2136 
'X-RAY DIFFRACTION' 5.22 19.97 . . 142 1313 99.93  . . . . 0.1890 . . . . . . . . . . . 0.2307 
# 
_struct.entry_id                     8BV2 
_struct.title                        'Biological and structural analysis of new potent Integrase-LEDGF allosteric HIV-1 inhibitors' 
_struct.pdbx_model_details           ? 
_struct.pdbx_formula_weight          ? 
_struct.pdbx_formula_weight_method   ? 
_struct.pdbx_model_type_details      ? 
_struct.pdbx_CASP_flag               N 
# 
_struct_keywords.entry_id        8BV2 
_struct_keywords.text            'inhibitors, integrase, HIV-1, VIRAL PROTEIN' 
_struct_keywords.pdbx_keywords   'VIRAL PROTEIN' 
# 
loop_
_struct_asym.id 
_struct_asym.pdbx_blank_PDB_chainid_flag 
_struct_asym.pdbx_modified 
_struct_asym.entity_id 
_struct_asym.details 
A N N 1 ? 
B N N 2 ? 
C N N 3 ? 
D N N 4 ? 
E N N 5 ? 
# 
_struct_ref.id                         1 
_struct_ref.db_name                    UNP 
_struct_ref.db_code                    POL_HV1N5 
_struct_ref.pdbx_db_accession          P12497 
_struct_ref.pdbx_db_isoform            ? 
_struct_ref.entity_id                  1 
_struct_ref.pdbx_seq_one_letter_code   
;MHGQVDCSPGIWQLDCTHLEGKVILVAVHVASGYIEAEVIPAETGQETAYFLLKLAGRWPVKTVHTDNGSNFTSTTVKAA
CWWAGIKQEFGIPYNPQSQGVIESMNKELKKIIGQVRDQAEHLKTAVQMAVFIHNFKRKGGIGGYSAGERIVDIIATDIQ
TKE
;
_struct_ref.pdbx_align_begin           1197 
# 
_struct_ref_seq.align_id                      1 
_struct_ref_seq.ref_id                        1 
_struct_ref_seq.pdbx_PDB_id_code              8BV2 
_struct_ref_seq.pdbx_strand_id                A 
_struct_ref_seq.seq_align_beg                 20 
_struct_ref_seq.pdbx_seq_align_beg_ins_code   ? 
_struct_ref_seq.seq_align_end                 182 
_struct_ref_seq.pdbx_seq_align_end_ins_code   ? 
_struct_ref_seq.pdbx_db_accession             P12497 
_struct_ref_seq.db_align_beg                  1197 
_struct_ref_seq.pdbx_db_align_beg_ins_code    ? 
_struct_ref_seq.db_align_end                  1359 
_struct_ref_seq.pdbx_db_align_end_ins_code    ? 
_struct_ref_seq.pdbx_auth_seq_align_beg       50 
_struct_ref_seq.pdbx_auth_seq_align_end       212 
# 
loop_
_struct_ref_seq_dif.align_id 
_struct_ref_seq_dif.pdbx_pdb_id_code 
_struct_ref_seq_dif.mon_id 
_struct_ref_seq_dif.pdbx_pdb_strand_id 
_struct_ref_seq_dif.seq_num 
_struct_ref_seq_dif.pdbx_pdb_ins_code 
_struct_ref_seq_dif.pdbx_seq_db_name 
_struct_ref_seq_dif.pdbx_seq_db_accession_code 
_struct_ref_seq_dif.db_mon_id 
_struct_ref_seq_dif.pdbx_seq_db_seq_num 
_struct_ref_seq_dif.details 
_struct_ref_seq_dif.pdbx_auth_seq_num 
_struct_ref_seq_dif.pdbx_ordinal 
1 8BV2 MET A 1   ? UNP P12497 ?   ?    'initiating methionine' 31  1  
1 8BV2 GLY A 2   ? UNP P12497 ?   ?    'expression tag'        32  2  
1 8BV2 SER A 3   ? UNP P12497 ?   ?    'expression tag'        33  3  
1 8BV2 SER A 4   ? UNP P12497 ?   ?    'expression tag'        34  4  
1 8BV2 HIS A 5   ? UNP P12497 ?   ?    'expression tag'        35  5  
1 8BV2 HIS A 6   ? UNP P12497 ?   ?    'expression tag'        36  6  
1 8BV2 HIS A 7   ? UNP P12497 ?   ?    'expression tag'        37  7  
1 8BV2 HIS A 8   ? UNP P12497 ?   ?    'expression tag'        38  8  
1 8BV2 HIS A 9   ? UNP P12497 ?   ?    'expression tag'        39  9  
1 8BV2 HIS A 10  ? UNP P12497 ?   ?    'expression tag'        40  10 
1 8BV2 SER A 11  ? UNP P12497 ?   ?    'expression tag'        41  11 
1 8BV2 SER A 12  ? UNP P12497 ?   ?    'expression tag'        42  12 
1 8BV2 GLY A 13  ? UNP P12497 ?   ?    'expression tag'        43  13 
1 8BV2 LEU A 14  ? UNP P12497 ?   ?    'expression tag'        44  14 
1 8BV2 VAL A 15  ? UNP P12497 ?   ?    'expression tag'        45  15 
1 8BV2 PRO A 16  ? UNP P12497 ?   ?    'expression tag'        46  16 
1 8BV2 ARG A 17  ? UNP P12497 ?   ?    'expression tag'        47  17 
1 8BV2 GLY A 18  ? UNP P12497 ?   ?    'expression tag'        48  18 
1 8BV2 SER A 19  ? UNP P12497 ?   ?    'expression tag'        49  19 
1 8BV2 VAL A 121 ? UNP P12497 ILE 1298 'engineered mutation'   151 20 
1 8BV2 LYS A 155 ? UNP P12497 PHE 1332 'engineered mutation'   185 21 
# 
_pdbx_struct_assembly.id                   1 
_pdbx_struct_assembly.details              author_and_software_defined_assembly 
_pdbx_struct_assembly.method_details       PISA 
_pdbx_struct_assembly.oligomeric_details   dimeric 
_pdbx_struct_assembly.oligomeric_count     2 
# 
loop_
_pdbx_struct_assembly_prop.biol_id 
_pdbx_struct_assembly_prop.type 
_pdbx_struct_assembly_prop.value 
_pdbx_struct_assembly_prop.details 
1 'ABSA (A^2)' 3910  ? 
1 MORE         -64   ? 
1 'SSA (A^2)'  11540 ? 
# 
_pdbx_struct_assembly_gen.assembly_id       1 
_pdbx_struct_assembly_gen.oper_expression   1,2 
_pdbx_struct_assembly_gen.asym_id_list      A,B,C,D,E 
# 
_pdbx_struct_assembly_auth_evidence.id                     1 
_pdbx_struct_assembly_auth_evidence.assembly_id            1 
_pdbx_struct_assembly_auth_evidence.experimental_support   'gel filtration' 
_pdbx_struct_assembly_auth_evidence.details                ? 
# 
loop_
_pdbx_struct_oper_list.id 
_pdbx_struct_oper_list.type 
_pdbx_struct_oper_list.name 
_pdbx_struct_oper_list.symmetry_operation 
_pdbx_struct_oper_list.matrix[1][1] 
_pdbx_struct_oper_list.matrix[1][2] 
_pdbx_struct_oper_list.matrix[1][3] 
_pdbx_struct_oper_list.vector[1] 
_pdbx_struct_oper_list.matrix[2][1] 
_pdbx_struct_oper_list.matrix[2][2] 
_pdbx_struct_oper_list.matrix[2][3] 
_pdbx_struct_oper_list.vector[2] 
_pdbx_struct_oper_list.matrix[3][1] 
_pdbx_struct_oper_list.matrix[3][2] 
_pdbx_struct_oper_list.matrix[3][3] 
_pdbx_struct_oper_list.vector[3] 
1 'identity operation'         1_555 x,y,z          1.0000000000  0.0000000000  0.0000000000  0.0000000000   0.0000000000  1.0000000000  0.0000000000 0.0000000000  0.0000000000  0.0000000000 1.0000000000 0.0000000000  
2 'crystal symmetry operation' 6_554 -x,-x+y,-z-2/3 -0.9569572088 -0.1042314771 -0.2708665719 -17.6723983170 -0.1042314771 -0.7475953461 0.6559245366 -5.2783522480 -0.2708665719 0.6559245366 0.7045525549 -0.7771313309 
# 
loop_
_struct_conf.conf_type_id 
_struct_conf.id 
_struct_conf.pdbx_PDB_helix_id 
_struct_conf.beg_label_comp_id 
_struct_conf.beg_label_asym_id 
_struct_conf.beg_label_seq_id 
_struct_conf.pdbx_beg_PDB_ins_code 
_struct_conf.end_label_comp_id 
_struct_conf.end_label_asym_id 
_struct_conf.end_label_seq_id 
_struct_conf.pdbx_end_PDB_ins_code 
_struct_conf.beg_auth_comp_id 
_struct_conf.beg_auth_asym_id 
_struct_conf.beg_auth_seq_id 
_struct_conf.end_auth_comp_id 
_struct_conf.end_auth_asym_id 
_struct_conf.end_auth_seq_id 
_struct_conf.pdbx_PDB_helix_class 
_struct_conf.details 
_struct_conf.pdbx_PDB_helix_length 
HELX_P HELX_P1 AA1 THR A 63  ? TRP A 78  ? THR A 93  TRP A 108 1 ? 16 
HELX_P HELX_P2 AA2 ASN A 87  ? THR A 92  ? ASN A 117 THR A 122 5 ? 6  
HELX_P HELX_P3 AA3 SER A 93  ? GLY A 104 ? SER A 123 GLY A 134 1 ? 12 
HELX_P HELX_P4 AA4 ASN A 125 ? ARG A 136 ? ASN A 155 ARG A 166 1 ? 12 
HELX_P HELX_P5 AA5 ASP A 137 ? ALA A 139 ? ASP A 167 ALA A 169 5 ? 3  
HELX_P HELX_P6 AA6 HIS A 141 ? LYS A 156 ? HIS A 171 LYS A 186 1 ? 16 
HELX_P HELX_P7 AA7 SER A 165 ? ILE A 178 ? SER A 195 ILE A 208 1 ? 14 
# 
_struct_conf_type.id          HELX_P 
_struct_conf_type.criteria    ? 
_struct_conf_type.reference   ? 
# 
loop_
_struct_conn.id 
_struct_conn.conn_type_id 
_struct_conn.pdbx_leaving_atom_flag 
_struct_conn.pdbx_PDB_id 
_struct_conn.ptnr1_label_asym_id 
_struct_conn.ptnr1_label_comp_id 
_struct_conn.ptnr1_label_seq_id 
_struct_conn.ptnr1_label_atom_id 
_struct_conn.pdbx_ptnr1_label_alt_id 
_struct_conn.pdbx_ptnr1_PDB_ins_code 
_struct_conn.pdbx_ptnr1_standard_comp_id 
_struct_conn.ptnr1_symmetry 
_struct_conn.ptnr2_label_asym_id 
_struct_conn.ptnr2_label_comp_id 
_struct_conn.ptnr2_label_seq_id 
_struct_conn.ptnr2_label_atom_id 
_struct_conn.pdbx_ptnr2_label_alt_id 
_struct_conn.pdbx_ptnr2_PDB_ins_code 
_struct_conn.ptnr1_auth_asym_id 
_struct_conn.ptnr1_auth_comp_id 
_struct_conn.ptnr1_auth_seq_id 
_struct_conn.ptnr2_auth_asym_id 
_struct_conn.ptnr2_auth_comp_id 
_struct_conn.ptnr2_auth_seq_id 
_struct_conn.ptnr2_symmetry 
_struct_conn.pdbx_ptnr3_label_atom_id 
_struct_conn.pdbx_ptnr3_label_seq_id 
_struct_conn.pdbx_ptnr3_label_comp_id 
_struct_conn.pdbx_ptnr3_label_asym_id 
_struct_conn.pdbx_ptnr3_label_alt_id 
_struct_conn.pdbx_ptnr3_PDB_ins_code 
_struct_conn.details 
_struct_conn.pdbx_dist_value 
_struct_conn.pdbx_value_order 
_struct_conn.pdbx_role 
covale1 covale both ? A ASP 34  C  ? ? ? 1_555 A CAS 35  N ? ? A ASP 64  A CAS 65  1_555 ? ? ? ? ? ? ? 1.333 ? ? 
covale2 covale both ? A CAS 35  C  ? ? ? 1_555 A THR 36  N ? ? A CAS 65  A THR 66  1_555 ? ? ? ? ? ? ? 1.324 ? ? 
covale3 covale both ? A ALA 99  C  ? ? ? 1_555 A CAS 100 N ? ? A ALA 129 A CAS 130 1_555 ? ? ? ? ? ? ? 1.335 ? ? 
covale4 covale both ? A CAS 100 C  ? ? ? 1_555 A TRP 101 N ? ? A CAS 130 A TRP 131 1_555 ? ? ? ? ? ? ? 1.322 ? ? 
metalc1 metalc ?    ? C MG  .   MG ? ? ? 1_555 E HOH .   O ? ? A MG  302 A HOH 429 1_555 ? ? ? ? ? ? ? 2.679 ? ? 
# 
loop_
_struct_conn_type.id 
_struct_conn_type.criteria 
_struct_conn_type.reference 
covale ? ? 
metalc ? ? 
# 
loop_
_pdbx_modification_feature.ordinal 
_pdbx_modification_feature.label_comp_id 
_pdbx_modification_feature.label_asym_id 
_pdbx_modification_feature.label_seq_id 
_pdbx_modification_feature.label_alt_id 
_pdbx_modification_feature.modified_residue_label_comp_id 
_pdbx_modification_feature.modified_residue_label_asym_id 
_pdbx_modification_feature.modified_residue_label_seq_id 
_pdbx_modification_feature.modified_residue_label_alt_id 
_pdbx_modification_feature.auth_comp_id 
_pdbx_modification_feature.auth_asym_id 
_pdbx_modification_feature.auth_seq_id 
_pdbx_modification_feature.PDB_ins_code 
_pdbx_modification_feature.symmetry 
_pdbx_modification_feature.modified_residue_auth_comp_id 
_pdbx_modification_feature.modified_residue_auth_asym_id 
_pdbx_modification_feature.modified_residue_auth_seq_id 
_pdbx_modification_feature.modified_residue_PDB_ins_code 
_pdbx_modification_feature.modified_residue_symmetry 
_pdbx_modification_feature.comp_id_linking_atom 
_pdbx_modification_feature.modified_residue_id_linking_atom 
_pdbx_modification_feature.modified_residue_id 
_pdbx_modification_feature.ref_pcm_id 
_pdbx_modification_feature.ref_comp_id 
_pdbx_modification_feature.type 
_pdbx_modification_feature.category 
1 CAS A 35  ? . . . . CAS A 65  ? 1_555 . . . . . . . CYS 1 CAS None 'Non-standard residue' 
2 CAS A 100 ? . . . . CAS A 130 ? 1_555 . . . . . . . CYS 1 CAS None 'Non-standard residue' 
# 
_struct_sheet.id               AA1 
_struct_sheet.type             ? 
_struct_sheet.number_strands   4 
_struct_sheet.details          ? 
# 
loop_
_struct_sheet_order.sheet_id 
_struct_sheet_order.range_id_1 
_struct_sheet_order.range_id_2 
_struct_sheet_order.offset 
_struct_sheet_order.sense 
AA1 1 2 ? anti-parallel 
AA1 2 3 ? anti-parallel 
AA1 3 4 ? parallel      
# 
loop_
_struct_sheet_range.sheet_id 
_struct_sheet_range.id 
_struct_sheet_range.beg_label_comp_id 
_struct_sheet_range.beg_label_asym_id 
_struct_sheet_range.beg_label_seq_id 
_struct_sheet_range.pdbx_beg_PDB_ins_code 
_struct_sheet_range.end_label_comp_id 
_struct_sheet_range.end_label_asym_id 
_struct_sheet_range.end_label_seq_id 
_struct_sheet_range.pdbx_end_PDB_ins_code 
_struct_sheet_range.beg_auth_comp_id 
_struct_sheet_range.beg_auth_asym_id 
_struct_sheet_range.beg_auth_seq_id 
_struct_sheet_range.end_auth_comp_id 
_struct_sheet_range.end_auth_asym_id 
_struct_sheet_range.end_auth_seq_id 
AA1 1 ILE A 54 ? ILE A 59 ? ILE A 84  ILE A 89  
AA1 2 LYS A 41 ? HIS A 48 ? LYS A 71  HIS A 78  
AA1 3 ILE A 30 ? LEU A 38 ? ILE A 60  LEU A 68  
AA1 4 THR A 82 ? HIS A 84 ? THR A 112 HIS A 114 
# 
loop_
_pdbx_struct_sheet_hbond.sheet_id 
_pdbx_struct_sheet_hbond.range_id_1 
_pdbx_struct_sheet_hbond.range_id_2 
_pdbx_struct_sheet_hbond.range_1_label_atom_id 
_pdbx_struct_sheet_hbond.range_1_label_comp_id 
_pdbx_struct_sheet_hbond.range_1_label_asym_id 
_pdbx_struct_sheet_hbond.range_1_label_seq_id 
_pdbx_struct_sheet_hbond.range_1_PDB_ins_code 
_pdbx_struct_sheet_hbond.range_1_auth_atom_id 
_pdbx_struct_sheet_hbond.range_1_auth_comp_id 
_pdbx_struct_sheet_hbond.range_1_auth_asym_id 
_pdbx_struct_sheet_hbond.range_1_auth_seq_id 
_pdbx_struct_sheet_hbond.range_2_label_atom_id 
_pdbx_struct_sheet_hbond.range_2_label_comp_id 
_pdbx_struct_sheet_hbond.range_2_label_asym_id 
_pdbx_struct_sheet_hbond.range_2_label_seq_id 
_pdbx_struct_sheet_hbond.range_2_PDB_ins_code 
_pdbx_struct_sheet_hbond.range_2_auth_atom_id 
_pdbx_struct_sheet_hbond.range_2_auth_comp_id 
_pdbx_struct_sheet_hbond.range_2_auth_asym_id 
_pdbx_struct_sheet_hbond.range_2_auth_seq_id 
AA1 1 2 O GLU A 55 ? O GLU A 85 N ALA A 46 ? N ALA A 76  
AA1 2 3 O ILE A 43 ? O ILE A 73 N THR A 36 ? N THR A 66  
AA1 3 4 N LEU A 33 ? N LEU A 63 O HIS A 84 ? O HIS A 114 
# 
_pdbx_entry_details.entry_id                   8BV2 
_pdbx_entry_details.has_ligand_of_interest     Y 
_pdbx_entry_details.compound_details           ? 
_pdbx_entry_details.source_details             ? 
_pdbx_entry_details.nonpolymer_details         ? 
_pdbx_entry_details.sequence_details           ? 
_pdbx_entry_details.has_protein_modification   Y 
# 
loop_
_pdbx_struct_mod_residue.id 
_pdbx_struct_mod_residue.label_asym_id 
_pdbx_struct_mod_residue.label_comp_id 
_pdbx_struct_mod_residue.label_seq_id 
_pdbx_struct_mod_residue.auth_asym_id 
_pdbx_struct_mod_residue.auth_comp_id 
_pdbx_struct_mod_residue.auth_seq_id 
_pdbx_struct_mod_residue.PDB_ins_code 
_pdbx_struct_mod_residue.parent_comp_id 
_pdbx_struct_mod_residue.details 
1 A CAS 35  A CAS 65  ? CYS 'modified residue' 
2 A CAS 100 A CAS 130 ? CYS 'modified residue' 
# 
loop_
_space_group_symop.id 
_space_group_symop.operation_xyz 
1 x,y,z          
2 -y,x-y,z+1/3   
3 -x+y,-x,z+2/3  
4 x-y,-y,-z+2/3  
5 -x,-x+y,-z+1/3 
6 y,x,-z         
# 
_pdbx_distant_solvent_atoms.id                                1 
_pdbx_distant_solvent_atoms.PDB_model_num                     1 
_pdbx_distant_solvent_atoms.auth_atom_id                      O 
_pdbx_distant_solvent_atoms.label_alt_id                      ? 
_pdbx_distant_solvent_atoms.auth_asym_id                      A 
_pdbx_distant_solvent_atoms.auth_comp_id                      HOH 
_pdbx_distant_solvent_atoms.auth_seq_id                       502 
_pdbx_distant_solvent_atoms.PDB_ins_code                      ? 
_pdbx_distant_solvent_atoms.neighbor_macromolecule_distance   6.58 
_pdbx_distant_solvent_atoms.neighbor_ligand_distance          . 
# 
loop_
_pdbx_unobs_or_zero_occ_residues.id 
_pdbx_unobs_or_zero_occ_residues.PDB_model_num 
_pdbx_unobs_or_zero_occ_residues.polymer_flag 
_pdbx_unobs_or_zero_occ_residues.occupancy_flag 
_pdbx_unobs_or_zero_occ_residues.auth_asym_id 
_pdbx_unobs_or_zero_occ_residues.auth_comp_id 
_pdbx_unobs_or_zero_occ_residues.auth_seq_id 
_pdbx_unobs_or_zero_occ_residues.PDB_ins_code 
_pdbx_unobs_or_zero_occ_residues.label_asym_id 
_pdbx_unobs_or_zero_occ_residues.label_comp_id 
_pdbx_unobs_or_zero_occ_residues.label_seq_id 
1  1 Y 1 A MET 31  ? A MET 1   
2  1 Y 1 A GLY 32  ? A GLY 2   
3  1 Y 1 A SER 33  ? A SER 3   
4  1 Y 1 A SER 34  ? A SER 4   
5  1 Y 1 A HIS 35  ? A HIS 5   
6  1 Y 1 A HIS 36  ? A HIS 6   
7  1 Y 1 A HIS 37  ? A HIS 7   
8  1 Y 1 A HIS 38  ? A HIS 8   
9  1 Y 1 A HIS 39  ? A HIS 9   
10 1 Y 1 A HIS 40  ? A HIS 10  
11 1 Y 1 A SER 41  ? A SER 11  
12 1 Y 1 A SER 42  ? A SER 12  
13 1 Y 1 A GLY 43  ? A GLY 13  
14 1 Y 1 A LEU 44  ? A LEU 14  
15 1 Y 1 A VAL 45  ? A VAL 15  
16 1 Y 1 A PRO 46  ? A PRO 16  
17 1 Y 1 A ARG 47  ? A ARG 17  
18 1 Y 1 A GLY 48  ? A GLY 18  
19 1 Y 1 A SER 49  ? A SER 19  
20 1 Y 1 A MET 50  ? A MET 20  
21 1 Y 1 A HIS 51  ? A HIS 21  
22 1 Y 1 A GLY 52  ? A GLY 22  
23 1 Y 1 A GLN 53  ? A GLN 23  
24 1 Y 1 A VAL 54  ? A VAL 24  
25 1 Y 1 A ASP 55  ? A ASP 25  
26 1 Y 1 A CYS 56  ? A CYS 26  
27 1 Y 1 A GLU 138 ? A GLU 108 
28 1 Y 1 A PHE 139 ? A PHE 109 
29 1 Y 1 A GLY 140 ? A GLY 110 
30 1 Y 1 A ILE 141 ? A ILE 111 
31 1 Y 1 A PRO 142 ? A PRO 112 
32 1 Y 1 A TYR 143 ? A TYR 113 
33 1 Y 1 A ASN 144 ? A ASN 114 
34 1 Y 1 A PRO 145 ? A PRO 115 
35 1 Y 1 A GLN 146 ? A GLN 116 
36 1 Y 1 A SER 147 ? A SER 117 
37 1 Y 1 A GLN 148 ? A GLN 118 
38 1 Y 1 A GLY 149 ? A GLY 119 
39 1 Y 1 A VAL 150 ? A VAL 120 
40 1 Y 1 A VAL 151 ? A VAL 121 
41 1 Y 1 A GLU 152 ? A GLU 122 
42 1 Y 1 A SER 153 ? A SER 123 
43 1 Y 1 A GLY 189 ? A GLY 159 
44 1 Y 1 A GLY 190 ? A GLY 160 
45 1 Y 1 A ILE 191 ? A ILE 161 
46 1 Y 1 A GLY 192 ? A GLY 162 
47 1 Y 1 A GLY 193 ? A GLY 163 
48 1 Y 1 A GLN 209 ? A GLN 179 
49 1 Y 1 A THR 210 ? A THR 180 
50 1 Y 1 A LYS 211 ? A LYS 181 
51 1 Y 1 A GLU 212 ? A GLU 182 
# 
loop_
_chem_comp_atom.comp_id 
_chem_comp_atom.atom_id 
_chem_comp_atom.type_symbol 
_chem_comp_atom.pdbx_aromatic_flag 
_chem_comp_atom.pdbx_stereo_config 
_chem_comp_atom.pdbx_ordinal 
ALA N    N  N N 1   
ALA CA   C  N S 2   
ALA C    C  N N 3   
ALA O    O  N N 4   
ALA CB   C  N N 5   
ALA OXT  O  N N 6   
ALA H    H  N N 7   
ALA H2   H  N N 8   
ALA HA   H  N N 9   
ALA HB1  H  N N 10  
ALA HB2  H  N N 11  
ALA HB3  H  N N 12  
ALA HXT  H  N N 13  
ARG N    N  N N 14  
ARG CA   C  N S 15  
ARG C    C  N N 16  
ARG O    O  N N 17  
ARG CB   C  N N 18  
ARG CG   C  N N 19  
ARG CD   C  N N 20  
ARG NE   N  N N 21  
ARG CZ   C  N N 22  
ARG NH1  N  N N 23  
ARG NH2  N  N N 24  
ARG OXT  O  N N 25  
ARG H    H  N N 26  
ARG H2   H  N N 27  
ARG HA   H  N N 28  
ARG HB2  H  N N 29  
ARG HB3  H  N N 30  
ARG HG2  H  N N 31  
ARG HG3  H  N N 32  
ARG HD2  H  N N 33  
ARG HD3  H  N N 34  
ARG HE   H  N N 35  
ARG HH11 H  N N 36  
ARG HH12 H  N N 37  
ARG HH21 H  N N 38  
ARG HH22 H  N N 39  
ARG HXT  H  N N 40  
ASN N    N  N N 41  
ASN CA   C  N S 42  
ASN C    C  N N 43  
ASN O    O  N N 44  
ASN CB   C  N N 45  
ASN CG   C  N N 46  
ASN OD1  O  N N 47  
ASN ND2  N  N N 48  
ASN OXT  O  N N 49  
ASN H    H  N N 50  
ASN H2   H  N N 51  
ASN HA   H  N N 52  
ASN HB2  H  N N 53  
ASN HB3  H  N N 54  
ASN HD21 H  N N 55  
ASN HD22 H  N N 56  
ASN HXT  H  N N 57  
ASP N    N  N N 58  
ASP CA   C  N S 59  
ASP C    C  N N 60  
ASP O    O  N N 61  
ASP CB   C  N N 62  
ASP CG   C  N N 63  
ASP OD1  O  N N 64  
ASP OD2  O  N N 65  
ASP OXT  O  N N 66  
ASP H    H  N N 67  
ASP H2   H  N N 68  
ASP HA   H  N N 69  
ASP HB2  H  N N 70  
ASP HB3  H  N N 71  
ASP HD2  H  N N 72  
ASP HXT  H  N N 73  
CAS N    N  N N 74  
CAS CA   C  N R 75  
CAS CB   C  N N 76  
CAS C    C  N N 77  
CAS O    O  N N 78  
CAS OXT  O  N N 79  
CAS SG   S  N N 80  
CAS AS   AS N N 81  
CAS CE1  C  N N 82  
CAS CE2  C  N N 83  
CAS H    H  N N 84  
CAS H2   H  N N 85  
CAS HA   H  N N 86  
CAS HB2  H  N N 87  
CAS HB3  H  N N 88  
CAS HXT  H  N N 89  
CAS HE11 H  N N 90  
CAS HE12 H  N N 91  
CAS HE13 H  N N 92  
CAS HE21 H  N N 93  
CAS HE22 H  N N 94  
CAS HE23 H  N N 95  
CYS N    N  N N 96  
CYS CA   C  N R 97  
CYS C    C  N N 98  
CYS O    O  N N 99  
CYS CB   C  N N 100 
CYS SG   S  N N 101 
CYS OXT  O  N N 102 
CYS H    H  N N 103 
CYS H2   H  N N 104 
CYS HA   H  N N 105 
CYS HB2  H  N N 106 
CYS HB3  H  N N 107 
CYS HG   H  N N 108 
CYS HXT  H  N N 109 
GLN N    N  N N 110 
GLN CA   C  N S 111 
GLN C    C  N N 112 
GLN O    O  N N 113 
GLN CB   C  N N 114 
GLN CG   C  N N 115 
GLN CD   C  N N 116 
GLN OE1  O  N N 117 
GLN NE2  N  N N 118 
GLN OXT  O  N N 119 
GLN H    H  N N 120 
GLN H2   H  N N 121 
GLN HA   H  N N 122 
GLN HB2  H  N N 123 
GLN HB3  H  N N 124 
GLN HG2  H  N N 125 
GLN HG3  H  N N 126 
GLN HE21 H  N N 127 
GLN HE22 H  N N 128 
GLN HXT  H  N N 129 
GLU N    N  N N 130 
GLU CA   C  N S 131 
GLU C    C  N N 132 
GLU O    O  N N 133 
GLU CB   C  N N 134 
GLU CG   C  N N 135 
GLU CD   C  N N 136 
GLU OE1  O  N N 137 
GLU OE2  O  N N 138 
GLU OXT  O  N N 139 
GLU H    H  N N 140 
GLU H2   H  N N 141 
GLU HA   H  N N 142 
GLU HB2  H  N N 143 
GLU HB3  H  N N 144 
GLU HG2  H  N N 145 
GLU HG3  H  N N 146 
GLU HE2  H  N N 147 
GLU HXT  H  N N 148 
GLY N    N  N N 149 
GLY CA   C  N N 150 
GLY C    C  N N 151 
GLY O    O  N N 152 
GLY OXT  O  N N 153 
GLY H    H  N N 154 
GLY H2   H  N N 155 
GLY HA2  H  N N 156 
GLY HA3  H  N N 157 
GLY HXT  H  N N 158 
HIS N    N  N N 159 
HIS CA   C  N S 160 
HIS C    C  N N 161 
HIS O    O  N N 162 
HIS CB   C  N N 163 
HIS CG   C  Y N 164 
HIS ND1  N  Y N 165 
HIS CD2  C  Y N 166 
HIS CE1  C  Y N 167 
HIS NE2  N  Y N 168 
HIS OXT  O  N N 169 
HIS H    H  N N 170 
HIS H2   H  N N 171 
HIS HA   H  N N 172 
HIS HB2  H  N N 173 
HIS HB3  H  N N 174 
HIS HD1  H  N N 175 
HIS HD2  H  N N 176 
HIS HE1  H  N N 177 
HIS HE2  H  N N 178 
HIS HXT  H  N N 179 
HOH O    O  N N 180 
HOH H1   H  N N 181 
HOH H2   H  N N 182 
ILE N    N  N N 183 
ILE CA   C  N S 184 
ILE C    C  N N 185 
ILE O    O  N N 186 
ILE CB   C  N S 187 
ILE CG1  C  N N 188 
ILE CG2  C  N N 189 
ILE CD1  C  N N 190 
ILE OXT  O  N N 191 
ILE H    H  N N 192 
ILE H2   H  N N 193 
ILE HA   H  N N 194 
ILE HB   H  N N 195 
ILE HG12 H  N N 196 
ILE HG13 H  N N 197 
ILE HG21 H  N N 198 
ILE HG22 H  N N 199 
ILE HG23 H  N N 200 
ILE HD11 H  N N 201 
ILE HD12 H  N N 202 
ILE HD13 H  N N 203 
ILE HXT  H  N N 204 
LEU N    N  N N 205 
LEU CA   C  N S 206 
LEU C    C  N N 207 
LEU O    O  N N 208 
LEU CB   C  N N 209 
LEU CG   C  N N 210 
LEU CD1  C  N N 211 
LEU CD2  C  N N 212 
LEU OXT  O  N N 213 
LEU H    H  N N 214 
LEU H2   H  N N 215 
LEU HA   H  N N 216 
LEU HB2  H  N N 217 
LEU HB3  H  N N 218 
LEU HG   H  N N 219 
LEU HD11 H  N N 220 
LEU HD12 H  N N 221 
LEU HD13 H  N N 222 
LEU HD21 H  N N 223 
LEU HD22 H  N N 224 
LEU HD23 H  N N 225 
LEU HXT  H  N N 226 
LYS N    N  N N 227 
LYS CA   C  N S 228 
LYS C    C  N N 229 
LYS O    O  N N 230 
LYS CB   C  N N 231 
LYS CG   C  N N 232 
LYS CD   C  N N 233 
LYS CE   C  N N 234 
LYS NZ   N  N N 235 
LYS OXT  O  N N 236 
LYS H    H  N N 237 
LYS H2   H  N N 238 
LYS HA   H  N N 239 
LYS HB2  H  N N 240 
LYS HB3  H  N N 241 
LYS HG2  H  N N 242 
LYS HG3  H  N N 243 
LYS HD2  H  N N 244 
LYS HD3  H  N N 245 
LYS HE2  H  N N 246 
LYS HE3  H  N N 247 
LYS HZ1  H  N N 248 
LYS HZ2  H  N N 249 
LYS HZ3  H  N N 250 
LYS HXT  H  N N 251 
MET N    N  N N 252 
MET CA   C  N S 253 
MET C    C  N N 254 
MET O    O  N N 255 
MET CB   C  N N 256 
MET CG   C  N N 257 
MET SD   S  N N 258 
MET CE   C  N N 259 
MET OXT  O  N N 260 
MET H    H  N N 261 
MET H2   H  N N 262 
MET HA   H  N N 263 
MET HB2  H  N N 264 
MET HB3  H  N N 265 
MET HG2  H  N N 266 
MET HG3  H  N N 267 
MET HE1  H  N N 268 
MET HE2  H  N N 269 
MET HE3  H  N N 270 
MET HXT  H  N N 271 
MG  MG   MG N N 272 
PHE N    N  N N 273 
PHE CA   C  N S 274 
PHE C    C  N N 275 
PHE O    O  N N 276 
PHE CB   C  N N 277 
PHE CG   C  Y N 278 
PHE CD1  C  Y N 279 
PHE CD2  C  Y N 280 
PHE CE1  C  Y N 281 
PHE CE2  C  Y N 282 
PHE CZ   C  Y N 283 
PHE OXT  O  N N 284 
PHE H    H  N N 285 
PHE H2   H  N N 286 
PHE HA   H  N N 287 
PHE HB2  H  N N 288 
PHE HB3  H  N N 289 
PHE HD1  H  N N 290 
PHE HD2  H  N N 291 
PHE HE1  H  N N 292 
PHE HE2  H  N N 293 
PHE HZ   H  N N 294 
PHE HXT  H  N N 295 
PRO N    N  N N 296 
PRO CA   C  N S 297 
PRO C    C  N N 298 
PRO O    O  N N 299 
PRO CB   C  N N 300 
PRO CG   C  N N 301 
PRO CD   C  N N 302 
PRO OXT  O  N N 303 
PRO H    H  N N 304 
PRO HA   H  N N 305 
PRO HB2  H  N N 306 
PRO HB3  H  N N 307 
PRO HG2  H  N N 308 
PRO HG3  H  N N 309 
PRO HD2  H  N N 310 
PRO HD3  H  N N 311 
PRO HXT  H  N N 312 
RWR C10  C  Y N 313 
RWR C11  C  Y N 314 
RWR C12  C  Y N 315 
RWR C13  C  Y N 316 
RWR C14  C  Y N 317 
RWR C15  C  Y N 318 
RWR C16  C  N N 319 
RWR C17  C  N N 320 
RWR C18  C  N N 321 
RWR C19  C  N N 322 
RWR C20  C  Y N 323 
RWR C21  C  Y N 324 
RWR C22  C  Y N 325 
RWR C02  C  N N 326 
RWR C04  C  N S 327 
RWR C06  C  N N 328 
RWR C07  C  N N 329 
RWR C08  C  N N 330 
RWR C09  C  N N 331 
RWR C23  C  N N 332 
RWR C24  C  N N 333 
RWR C25  C  N N 334 
RWR C27  C  Y N 335 
RWR C28  C  Y N 336 
RWR C29  C  Y N 337 
RWR O01  O  N N 338 
RWR O03  O  N N 339 
RWR O05  O  N N 340 
RWR O26  O  N N 341 
RWR H1   H  N N 342 
RWR H2   H  N N 343 
RWR H3   H  N N 344 
RWR H4   H  N N 345 
RWR H5   H  N N 346 
RWR H6   H  N N 347 
RWR H7   H  N N 348 
RWR H8   H  N N 349 
RWR H9   H  N N 350 
RWR H10  H  N N 351 
RWR H11  H  N N 352 
RWR H12  H  N N 353 
RWR H13  H  N N 354 
RWR H14  H  N N 355 
RWR H15  H  N N 356 
RWR H16  H  N N 357 
RWR H17  H  N N 358 
RWR H18  H  N N 359 
RWR H19  H  N N 360 
RWR H20  H  N N 361 
RWR H21  H  N N 362 
RWR H22  H  N N 363 
RWR H23  H  N N 364 
RWR H24  H  N N 365 
RWR H25  H  N N 366 
RWR H26  H  N N 367 
RWR H27  H  N N 368 
RWR H28  H  N N 369 
RWR H29  H  N N 370 
RWR H30  H  N N 371 
SER N    N  N N 372 
SER CA   C  N S 373 
SER C    C  N N 374 
SER O    O  N N 375 
SER CB   C  N N 376 
SER OG   O  N N 377 
SER OXT  O  N N 378 
SER H    H  N N 379 
SER H2   H  N N 380 
SER HA   H  N N 381 
SER HB2  H  N N 382 
SER HB3  H  N N 383 
SER HG   H  N N 384 
SER HXT  H  N N 385 
SO4 S    S  N N 386 
SO4 O1   O  N N 387 
SO4 O2   O  N N 388 
SO4 O3   O  N N 389 
SO4 O4   O  N N 390 
THR N    N  N N 391 
THR CA   C  N S 392 
THR C    C  N N 393 
THR O    O  N N 394 
THR CB   C  N R 395 
THR OG1  O  N N 396 
THR CG2  C  N N 397 
THR OXT  O  N N 398 
THR H    H  N N 399 
THR H2   H  N N 400 
THR HA   H  N N 401 
THR HB   H  N N 402 
THR HG1  H  N N 403 
THR HG21 H  N N 404 
THR HG22 H  N N 405 
THR HG23 H  N N 406 
THR HXT  H  N N 407 
TRP N    N  N N 408 
TRP CA   C  N S 409 
TRP C    C  N N 410 
TRP O    O  N N 411 
TRP CB   C  N N 412 
TRP CG   C  Y N 413 
TRP CD1  C  Y N 414 
TRP CD2  C  Y N 415 
TRP NE1  N  Y N 416 
TRP CE2  C  Y N 417 
TRP CE3  C  Y N 418 
TRP CZ2  C  Y N 419 
TRP CZ3  C  Y N 420 
TRP CH2  C  Y N 421 
TRP OXT  O  N N 422 
TRP H    H  N N 423 
TRP H2   H  N N 424 
TRP HA   H  N N 425 
TRP HB2  H  N N 426 
TRP HB3  H  N N 427 
TRP HD1  H  N N 428 
TRP HE1  H  N N 429 
TRP HE3  H  N N 430 
TRP HZ2  H  N N 431 
TRP HZ3  H  N N 432 
TRP HH2  H  N N 433 
TRP HXT  H  N N 434 
TYR N    N  N N 435 
TYR CA   C  N S 436 
TYR C    C  N N 437 
TYR O    O  N N 438 
TYR CB   C  N N 439 
TYR CG   C  Y N 440 
TYR CD1  C  Y N 441 
TYR CD2  C  Y N 442 
TYR CE1  C  Y N 443 
TYR CE2  C  Y N 444 
TYR CZ   C  Y N 445 
TYR OH   O  N N 446 
TYR OXT  O  N N 447 
TYR H    H  N N 448 
TYR H2   H  N N 449 
TYR HA   H  N N 450 
TYR HB2  H  N N 451 
TYR HB3  H  N N 452 
TYR HD1  H  N N 453 
TYR HD2  H  N N 454 
TYR HE1  H  N N 455 
TYR HE2  H  N N 456 
TYR HH   H  N N 457 
TYR HXT  H  N N 458 
VAL N    N  N N 459 
VAL CA   C  N S 460 
VAL C    C  N N 461 
VAL O    O  N N 462 
VAL CB   C  N N 463 
VAL CG1  C  N N 464 
VAL CG2  C  N N 465 
VAL OXT  O  N N 466 
VAL H    H  N N 467 
VAL H2   H  N N 468 
VAL HA   H  N N 469 
VAL HB   H  N N 470 
VAL HG11 H  N N 471 
VAL HG12 H  N N 472 
VAL HG13 H  N N 473 
VAL HG21 H  N N 474 
VAL HG22 H  N N 475 
VAL HG23 H  N N 476 
VAL HXT  H  N N 477 
# 
loop_
_chem_comp_bond.comp_id 
_chem_comp_bond.atom_id_1 
_chem_comp_bond.atom_id_2 
_chem_comp_bond.value_order 
_chem_comp_bond.pdbx_aromatic_flag 
_chem_comp_bond.pdbx_stereo_config 
_chem_comp_bond.pdbx_ordinal 
ALA N   CA   sing N N 1   
ALA N   H    sing N N 2   
ALA N   H2   sing N N 3   
ALA CA  C    sing N N 4   
ALA CA  CB   sing N N 5   
ALA CA  HA   sing N N 6   
ALA C   O    doub N N 7   
ALA C   OXT  sing N N 8   
ALA CB  HB1  sing N N 9   
ALA CB  HB2  sing N N 10  
ALA CB  HB3  sing N N 11  
ALA OXT HXT  sing N N 12  
ARG N   CA   sing N N 13  
ARG N   H    sing N N 14  
ARG N   H2   sing N N 15  
ARG CA  C    sing N N 16  
ARG CA  CB   sing N N 17  
ARG CA  HA   sing N N 18  
ARG C   O    doub N N 19  
ARG C   OXT  sing N N 20  
ARG CB  CG   sing N N 21  
ARG CB  HB2  sing N N 22  
ARG CB  HB3  sing N N 23  
ARG CG  CD   sing N N 24  
ARG CG  HG2  sing N N 25  
ARG CG  HG3  sing N N 26  
ARG CD  NE   sing N N 27  
ARG CD  HD2  sing N N 28  
ARG CD  HD3  sing N N 29  
ARG NE  CZ   sing N N 30  
ARG NE  HE   sing N N 31  
ARG CZ  NH1  sing N N 32  
ARG CZ  NH2  doub N N 33  
ARG NH1 HH11 sing N N 34  
ARG NH1 HH12 sing N N 35  
ARG NH2 HH21 sing N N 36  
ARG NH2 HH22 sing N N 37  
ARG OXT HXT  sing N N 38  
ASN N   CA   sing N N 39  
ASN N   H    sing N N 40  
ASN N   H2   sing N N 41  
ASN CA  C    sing N N 42  
ASN CA  CB   sing N N 43  
ASN CA  HA   sing N N 44  
ASN C   O    doub N N 45  
ASN C   OXT  sing N N 46  
ASN CB  CG   sing N N 47  
ASN CB  HB2  sing N N 48  
ASN CB  HB3  sing N N 49  
ASN CG  OD1  doub N N 50  
ASN CG  ND2  sing N N 51  
ASN ND2 HD21 sing N N 52  
ASN ND2 HD22 sing N N 53  
ASN OXT HXT  sing N N 54  
ASP N   CA   sing N N 55  
ASP N   H    sing N N 56  
ASP N   H2   sing N N 57  
ASP CA  C    sing N N 58  
ASP CA  CB   sing N N 59  
ASP CA  HA   sing N N 60  
ASP C   O    doub N N 61  
ASP C   OXT  sing N N 62  
ASP CB  CG   sing N N 63  
ASP CB  HB2  sing N N 64  
ASP CB  HB3  sing N N 65  
ASP CG  OD1  doub N N 66  
ASP CG  OD2  sing N N 67  
ASP OD2 HD2  sing N N 68  
ASP OXT HXT  sing N N 69  
CAS N   CA   sing N N 70  
CAS N   H    sing N N 71  
CAS N   H2   sing N N 72  
CAS CA  CB   sing N N 73  
CAS CA  C    sing N N 74  
CAS CA  HA   sing N N 75  
CAS CB  SG   sing N N 76  
CAS CB  HB2  sing N N 77  
CAS CB  HB3  sing N N 78  
CAS C   O    doub N N 79  
CAS C   OXT  sing N N 80  
CAS OXT HXT  sing N N 81  
CAS SG  AS   sing N N 82  
CAS AS  CE1  sing N N 83  
CAS AS  CE2  sing N N 84  
CAS CE1 HE11 sing N N 85  
CAS CE1 HE12 sing N N 86  
CAS CE1 HE13 sing N N 87  
CAS CE2 HE21 sing N N 88  
CAS CE2 HE22 sing N N 89  
CAS CE2 HE23 sing N N 90  
CYS N   CA   sing N N 91  
CYS N   H    sing N N 92  
CYS N   H2   sing N N 93  
CYS CA  C    sing N N 94  
CYS CA  CB   sing N N 95  
CYS CA  HA   sing N N 96  
CYS C   O    doub N N 97  
CYS C   OXT  sing N N 98  
CYS CB  SG   sing N N 99  
CYS CB  HB2  sing N N 100 
CYS CB  HB3  sing N N 101 
CYS SG  HG   sing N N 102 
CYS OXT HXT  sing N N 103 
GLN N   CA   sing N N 104 
GLN N   H    sing N N 105 
GLN N   H2   sing N N 106 
GLN CA  C    sing N N 107 
GLN CA  CB   sing N N 108 
GLN CA  HA   sing N N 109 
GLN C   O    doub N N 110 
GLN C   OXT  sing N N 111 
GLN CB  CG   sing N N 112 
GLN CB  HB2  sing N N 113 
GLN CB  HB3  sing N N 114 
GLN CG  CD   sing N N 115 
GLN CG  HG2  sing N N 116 
GLN CG  HG3  sing N N 117 
GLN CD  OE1  doub N N 118 
GLN CD  NE2  sing N N 119 
GLN NE2 HE21 sing N N 120 
GLN NE2 HE22 sing N N 121 
GLN OXT HXT  sing N N 122 
GLU N   CA   sing N N 123 
GLU N   H    sing N N 124 
GLU N   H2   sing N N 125 
GLU CA  C    sing N N 126 
GLU CA  CB   sing N N 127 
GLU CA  HA   sing N N 128 
GLU C   O    doub N N 129 
GLU C   OXT  sing N N 130 
GLU CB  CG   sing N N 131 
GLU CB  HB2  sing N N 132 
GLU CB  HB3  sing N N 133 
GLU CG  CD   sing N N 134 
GLU CG  HG2  sing N N 135 
GLU CG  HG3  sing N N 136 
GLU CD  OE1  doub N N 137 
GLU CD  OE2  sing N N 138 
GLU OE2 HE2  sing N N 139 
GLU OXT HXT  sing N N 140 
GLY N   CA   sing N N 141 
GLY N   H    sing N N 142 
GLY N   H2   sing N N 143 
GLY CA  C    sing N N 144 
GLY CA  HA2  sing N N 145 
GLY CA  HA3  sing N N 146 
GLY C   O    doub N N 147 
GLY C   OXT  sing N N 148 
GLY OXT HXT  sing N N 149 
HIS N   CA   sing N N 150 
HIS N   H    sing N N 151 
HIS N   H2   sing N N 152 
HIS CA  C    sing N N 153 
HIS CA  CB   sing N N 154 
HIS CA  HA   sing N N 155 
HIS C   O    doub N N 156 
HIS C   OXT  sing N N 157 
HIS CB  CG   sing N N 158 
HIS CB  HB2  sing N N 159 
HIS CB  HB3  sing N N 160 
HIS CG  ND1  sing Y N 161 
HIS CG  CD2  doub Y N 162 
HIS ND1 CE1  doub Y N 163 
HIS ND1 HD1  sing N N 164 
HIS CD2 NE2  sing Y N 165 
HIS CD2 HD2  sing N N 166 
HIS CE1 NE2  sing Y N 167 
HIS CE1 HE1  sing N N 168 
HIS NE2 HE2  sing N N 169 
HIS OXT HXT  sing N N 170 
HOH O   H1   sing N N 171 
HOH O   H2   sing N N 172 
ILE N   CA   sing N N 173 
ILE N   H    sing N N 174 
ILE N   H2   sing N N 175 
ILE CA  C    sing N N 176 
ILE CA  CB   sing N N 177 
ILE CA  HA   sing N N 178 
ILE C   O    doub N N 179 
ILE C   OXT  sing N N 180 
ILE CB  CG1  sing N N 181 
ILE CB  CG2  sing N N 182 
ILE CB  HB   sing N N 183 
ILE CG1 CD1  sing N N 184 
ILE CG1 HG12 sing N N 185 
ILE CG1 HG13 sing N N 186 
ILE CG2 HG21 sing N N 187 
ILE CG2 HG22 sing N N 188 
ILE CG2 HG23 sing N N 189 
ILE CD1 HD11 sing N N 190 
ILE CD1 HD12 sing N N 191 
ILE CD1 HD13 sing N N 192 
ILE OXT HXT  sing N N 193 
LEU N   CA   sing N N 194 
LEU N   H    sing N N 195 
LEU N   H2   sing N N 196 
LEU CA  C    sing N N 197 
LEU CA  CB   sing N N 198 
LEU CA  HA   sing N N 199 
LEU C   O    doub N N 200 
LEU C   OXT  sing N N 201 
LEU CB  CG   sing N N 202 
LEU CB  HB2  sing N N 203 
LEU CB  HB3  sing N N 204 
LEU CG  CD1  sing N N 205 
LEU CG  CD2  sing N N 206 
LEU CG  HG   sing N N 207 
LEU CD1 HD11 sing N N 208 
LEU CD1 HD12 sing N N 209 
LEU CD1 HD13 sing N N 210 
LEU CD2 HD21 sing N N 211 
LEU CD2 HD22 sing N N 212 
LEU CD2 HD23 sing N N 213 
LEU OXT HXT  sing N N 214 
LYS N   CA   sing N N 215 
LYS N   H    sing N N 216 
LYS N   H2   sing N N 217 
LYS CA  C    sing N N 218 
LYS CA  CB   sing N N 219 
LYS CA  HA   sing N N 220 
LYS C   O    doub N N 221 
LYS C   OXT  sing N N 222 
LYS CB  CG   sing N N 223 
LYS CB  HB2  sing N N 224 
LYS CB  HB3  sing N N 225 
LYS CG  CD   sing N N 226 
LYS CG  HG2  sing N N 227 
LYS CG  HG3  sing N N 228 
LYS CD  CE   sing N N 229 
LYS CD  HD2  sing N N 230 
LYS CD  HD3  sing N N 231 
LYS CE  NZ   sing N N 232 
LYS CE  HE2  sing N N 233 
LYS CE  HE3  sing N N 234 
LYS NZ  HZ1  sing N N 235 
LYS NZ  HZ2  sing N N 236 
LYS NZ  HZ3  sing N N 237 
LYS OXT HXT  sing N N 238 
MET N   CA   sing N N 239 
MET N   H    sing N N 240 
MET N   H2   sing N N 241 
MET CA  C    sing N N 242 
MET CA  CB   sing N N 243 
MET CA  HA   sing N N 244 
MET C   O    doub N N 245 
MET C   OXT  sing N N 246 
MET CB  CG   sing N N 247 
MET CB  HB2  sing N N 248 
MET CB  HB3  sing N N 249 
MET CG  SD   sing N N 250 
MET CG  HG2  sing N N 251 
MET CG  HG3  sing N N 252 
MET SD  CE   sing N N 253 
MET CE  HE1  sing N N 254 
MET CE  HE2  sing N N 255 
MET CE  HE3  sing N N 256 
MET OXT HXT  sing N N 257 
PHE N   CA   sing N N 258 
PHE N   H    sing N N 259 
PHE N   H2   sing N N 260 
PHE CA  C    sing N N 261 
PHE CA  CB   sing N N 262 
PHE CA  HA   sing N N 263 
PHE C   O    doub N N 264 
PHE C   OXT  sing N N 265 
PHE CB  CG   sing N N 266 
PHE CB  HB2  sing N N 267 
PHE CB  HB3  sing N N 268 
PHE CG  CD1  doub Y N 269 
PHE CG  CD2  sing Y N 270 
PHE CD1 CE1  sing Y N 271 
PHE CD1 HD1  sing N N 272 
PHE CD2 CE2  doub Y N 273 
PHE CD2 HD2  sing N N 274 
PHE CE1 CZ   doub Y N 275 
PHE CE1 HE1  sing N N 276 
PHE CE2 CZ   sing Y N 277 
PHE CE2 HE2  sing N N 278 
PHE CZ  HZ   sing N N 279 
PHE OXT HXT  sing N N 280 
PRO N   CA   sing N N 281 
PRO N   CD   sing N N 282 
PRO N   H    sing N N 283 
PRO CA  C    sing N N 284 
PRO CA  CB   sing N N 285 
PRO CA  HA   sing N N 286 
PRO C   O    doub N N 287 
PRO C   OXT  sing N N 288 
PRO CB  CG   sing N N 289 
PRO CB  HB2  sing N N 290 
PRO CB  HB3  sing N N 291 
PRO CG  CD   sing N N 292 
PRO CG  HG2  sing N N 293 
PRO CG  HG3  sing N N 294 
PRO CD  HD2  sing N N 295 
PRO CD  HD3  sing N N 296 
PRO OXT HXT  sing N N 297 
RWR C24 C23  sing N N 298 
RWR C24 C25  sing N N 299 
RWR C23 C22  sing N N 300 
RWR O01 C02  doub N N 301 
RWR O03 C02  sing N N 302 
RWR C25 O26  sing N N 303 
RWR C02 C04  sing N N 304 
RWR C22 C21  doub Y N 305 
RWR C22 C27  sing Y N 306 
RWR C21 C20  sing Y N 307 
RWR O26 C27  sing N N 308 
RWR C27 C28  doub Y N 309 
RWR C18 C17  sing N N 310 
RWR C18 C19  sing N N 311 
RWR C04 C10  sing N N 312 
RWR C04 O05  sing N N 313 
RWR C20 C11  sing N N 314 
RWR C20 C29  doub Y N 315 
RWR C10 C11  doub Y N 316 
RWR C10 C15  sing Y N 317 
RWR C11 C12  sing Y N 318 
RWR C16 C15  sing N N 319 
RWR C15 C14  doub Y N 320 
RWR C12 C17  sing N N 321 
RWR C12 C13  doub Y N 322 
RWR C17 C19  sing N N 323 
RWR C14 C13  sing Y N 324 
RWR O05 C06  sing N N 325 
RWR C28 C29  sing Y N 326 
RWR C09 C06  sing N N 327 
RWR C06 C08  sing N N 328 
RWR C06 C07  sing N N 329 
RWR C13 H1   sing N N 330 
RWR C14 H2   sing N N 331 
RWR C16 H3   sing N N 332 
RWR C16 H4   sing N N 333 
RWR C16 H5   sing N N 334 
RWR C17 H6   sing N N 335 
RWR C18 H7   sing N N 336 
RWR C18 H8   sing N N 337 
RWR C19 H9   sing N N 338 
RWR C19 H10  sing N N 339 
RWR C21 H11  sing N N 340 
RWR C04 H12  sing N N 341 
RWR C07 H13  sing N N 342 
RWR C07 H14  sing N N 343 
RWR C07 H15  sing N N 344 
RWR C08 H16  sing N N 345 
RWR C08 H17  sing N N 346 
RWR C08 H18  sing N N 347 
RWR C09 H19  sing N N 348 
RWR C09 H20  sing N N 349 
RWR C09 H21  sing N N 350 
RWR C23 H22  sing N N 351 
RWR C23 H23  sing N N 352 
RWR C24 H24  sing N N 353 
RWR C24 H25  sing N N 354 
RWR C25 H26  sing N N 355 
RWR C25 H27  sing N N 356 
RWR C28 H28  sing N N 357 
RWR C29 H29  sing N N 358 
RWR O03 H30  sing N N 359 
SER N   CA   sing N N 360 
SER N   H    sing N N 361 
SER N   H2   sing N N 362 
SER CA  C    sing N N 363 
SER CA  CB   sing N N 364 
SER CA  HA   sing N N 365 
SER C   O    doub N N 366 
SER C   OXT  sing N N 367 
SER CB  OG   sing N N 368 
SER CB  HB2  sing N N 369 
SER CB  HB3  sing N N 370 
SER OG  HG   sing N N 371 
SER OXT HXT  sing N N 372 
SO4 S   O1   doub N N 373 
SO4 S   O2   doub N N 374 
SO4 S   O3   sing N N 375 
SO4 S   O4   sing N N 376 
THR N   CA   sing N N 377 
THR N   H    sing N N 378 
THR N   H2   sing N N 379 
THR CA  C    sing N N 380 
THR CA  CB   sing N N 381 
THR CA  HA   sing N N 382 
THR C   O    doub N N 383 
THR C   OXT  sing N N 384 
THR CB  OG1  sing N N 385 
THR CB  CG2  sing N N 386 
THR CB  HB   sing N N 387 
THR OG1 HG1  sing N N 388 
THR CG2 HG21 sing N N 389 
THR CG2 HG22 sing N N 390 
THR CG2 HG23 sing N N 391 
THR OXT HXT  sing N N 392 
TRP N   CA   sing N N 393 
TRP N   H    sing N N 394 
TRP N   H2   sing N N 395 
TRP CA  C    sing N N 396 
TRP CA  CB   sing N N 397 
TRP CA  HA   sing N N 398 
TRP C   O    doub N N 399 
TRP C   OXT  sing N N 400 
TRP CB  CG   sing N N 401 
TRP CB  HB2  sing N N 402 
TRP CB  HB3  sing N N 403 
TRP CG  CD1  doub Y N 404 
TRP CG  CD2  sing Y N 405 
TRP CD1 NE1  sing Y N 406 
TRP CD1 HD1  sing N N 407 
TRP CD2 CE2  doub Y N 408 
TRP CD2 CE3  sing Y N 409 
TRP NE1 CE2  sing Y N 410 
TRP NE1 HE1  sing N N 411 
TRP CE2 CZ2  sing Y N 412 
TRP CE3 CZ3  doub Y N 413 
TRP CE3 HE3  sing N N 414 
TRP CZ2 CH2  doub Y N 415 
TRP CZ2 HZ2  sing N N 416 
TRP CZ3 CH2  sing Y N 417 
TRP CZ3 HZ3  sing N N 418 
TRP CH2 HH2  sing N N 419 
TRP OXT HXT  sing N N 420 
TYR N   CA   sing N N 421 
TYR N   H    sing N N 422 
TYR N   H2   sing N N 423 
TYR CA  C    sing N N 424 
TYR CA  CB   sing N N 425 
TYR CA  HA   sing N N 426 
TYR C   O    doub N N 427 
TYR C   OXT  sing N N 428 
TYR CB  CG   sing N N 429 
TYR CB  HB2  sing N N 430 
TYR CB  HB3  sing N N 431 
TYR CG  CD1  doub Y N 432 
TYR CG  CD2  sing Y N 433 
TYR CD1 CE1  sing Y N 434 
TYR CD1 HD1  sing N N 435 
TYR CD2 CE2  doub Y N 436 
TYR CD2 HD2  sing N N 437 
TYR CE1 CZ   doub Y N 438 
TYR CE1 HE1  sing N N 439 
TYR CE2 CZ   sing Y N 440 
TYR CE2 HE2  sing N N 441 
TYR CZ  OH   sing N N 442 
TYR OH  HH   sing N N 443 
TYR OXT HXT  sing N N 444 
VAL N   CA   sing N N 445 
VAL N   H    sing N N 446 
VAL N   H2   sing N N 447 
VAL CA  C    sing N N 448 
VAL CA  CB   sing N N 449 
VAL CA  HA   sing N N 450 
VAL C   O    doub N N 451 
VAL C   OXT  sing N N 452 
VAL CB  CG1  sing N N 453 
VAL CB  CG2  sing N N 454 
VAL CB  HB   sing N N 455 
VAL CG1 HG11 sing N N 456 
VAL CG1 HG12 sing N N 457 
VAL CG1 HG13 sing N N 458 
VAL CG2 HG21 sing N N 459 
VAL CG2 HG22 sing N N 460 
VAL CG2 HG23 sing N N 461 
VAL OXT HXT  sing N N 462 
# 
_pdbx_audit_support.funding_organization   'Other private' 
_pdbx_audit_support.country                France 
_pdbx_audit_support.grant_number           ? 
_pdbx_audit_support.ordinal                1 
# 
_pdbx_initial_refinement_model.id               1 
_pdbx_initial_refinement_model.entity_id_list   ? 
_pdbx_initial_refinement_model.type             'experimental model' 
_pdbx_initial_refinement_model.source_name      PDB 
_pdbx_initial_refinement_model.accession_code   4LH4 
_pdbx_initial_refinement_model.details          ? 
# 
_space_group.name_H-M_alt     'P 31 2 1' 
_space_group.name_Hall        
;P 31 2"
;
_space_group.IT_number        152 
_space_group.crystal_system   trigonal 
_space_group.id               1 
# 
_atom_sites.entry_id                    8BV2 
_atom_sites.Cartn_transf_matrix[1][1]   ? 
_atom_sites.Cartn_transf_matrix[1][2]   ? 
_atom_sites.Cartn_transf_matrix[1][3]   ? 
_atom_sites.Cartn_transf_matrix[2][1]   ? 
_atom_sites.Cartn_transf_matrix[2][2]   ? 
_atom_sites.Cartn_transf_matrix[2][3]   ? 
_atom_sites.Cartn_transf_matrix[3][1]   ? 
_atom_sites.Cartn_transf_matrix[3][2]   ? 
_atom_sites.Cartn_transf_matrix[3][3]   ? 
_atom_sites.Cartn_transf_vector[1]      ? 
_atom_sites.Cartn_transf_vector[2]      ? 
_atom_sites.Cartn_transf_vector[3]      ? 
_atom_sites.fract_transf_matrix[1][1]   0.01182209 
_atom_sites.fract_transf_matrix[1][2]   -0.00917435 
_atom_sites.fract_transf_matrix[1][3]   0.00540887 
_atom_sites.fract_transf_matrix[2][1]   0.00793268 
_atom_sites.fract_transf_matrix[2][2]   -0.00948262 
_atom_sites.fract_transf_matrix[2][3]   -0.01001720 
_atom_sites.fract_transf_matrix[3][1]   0.00990017 
_atom_sites.fract_transf_matrix[3][2]   0.01115432 
_atom_sites.fract_transf_matrix[3][3]   -0.00271905 
_atom_sites.fract_transf_vector[1]      0.082348 
_atom_sites.fract_transf_vector[2]      -0.444296 
_atom_sites.fract_transf_vector[3]      -0.217482 
_atom_sites.solution_primary            ? 
_atom_sites.solution_secondary          ? 
_atom_sites.solution_hydrogens          ? 
_atom_sites.special_details             ? 
# 
loop_
_atom_type.symbol 
_atom_type.scat_dispersion_real 
_atom_type.scat_dispersion_imag 
_atom_type.scat_Cromer_Mann_a1 
_atom_type.scat_Cromer_Mann_a2 
_atom_type.scat_Cromer_Mann_a3 
_atom_type.scat_Cromer_Mann_a4 
_atom_type.scat_Cromer_Mann_b1 
_atom_type.scat_Cromer_Mann_b2 
_atom_type.scat_Cromer_Mann_b3 
_atom_type.scat_Cromer_Mann_b4 
_atom_type.scat_Cromer_Mann_c 
_atom_type.scat_source 
_atom_type.scat_dispersion_source 
AS ? ? 25.88022 7.02060 ? ? 1.67971  31.58991 ? ? 0.0 
;2-Gaussian fit: Grosse-Kunstleve RW, Sauter NK, Adams PD: Newsletter of the IUCr Commission on Crystallographic Computing 2004, 3, 22-31.
;
? 
C  ? ? 3.54356  2.42580 ? ? 25.62398 1.50364  ? ? 0.0 
;2-Gaussian fit: Grosse-Kunstleve RW, Sauter NK, Adams PD: Newsletter of the IUCr Commission on Crystallographic Computing 2004, 3, 22-31.
;
? 
MG ? ? 9.41153  2.53737 ? ? 2.59044  63.03566 ? ? 0.0 
;2-Gaussian fit: Grosse-Kunstleve RW, Sauter NK, Adams PD: Newsletter of the IUCr Commission on Crystallographic Computing 2004, 3, 22-31.
;
? 
N  ? ? 4.01032  2.96436 ? ? 19.97189 1.75589  ? ? 0.0 
;2-Gaussian fit: Grosse-Kunstleve RW, Sauter NK, Adams PD: Newsletter of the IUCr Commission on Crystallographic Computing 2004, 3, 22-31.
;
? 
O  ? ? 4.49882  3.47563 ? ? 15.80542 1.70748  ? ? 0.0 
;2-Gaussian fit: Grosse-Kunstleve RW, Sauter NK, Adams PD: Newsletter of the IUCr Commission on Crystallographic Computing 2004, 3, 22-31.
;
? 
S  ? ? 9.55732  6.39887 ? ? 1.23737  29.19336 ? ? 0.0 
;2-Gaussian fit: Grosse-Kunstleve RW, Sauter NK, Adams PD: Newsletter of the IUCr Commission on Crystallographic Computing 2004, 3, 22-31.
;
? 
# 
loop_
_atom_site.group_PDB 
_atom_site.id 
_atom_site.type_symbol 
_atom_site.label_atom_id 
_atom_site.label_alt_id 
_atom_site.label_comp_id 
_atom_site.label_asym_id 
_atom_site.label_entity_id 
_atom_site.label_seq_id 
_atom_site.pdbx_PDB_ins_code 
_atom_site.Cartn_x 
_atom_site.Cartn_y 
_atom_site.Cartn_z 
_atom_site.occupancy 
_atom_site.B_iso_or_equiv 
_atom_site.pdbx_formal_charge 
_atom_site.auth_seq_id 
_atom_site.auth_comp_id 
_atom_site.auth_asym_id 
_atom_site.auth_atom_id 
_atom_site.pdbx_PDB_model_num 
ATOM   1    N  N   . SER A 1 27  ? 8.49731   -8.82013  -11.25343 1.000 41.23460 ? 57  SER A N   1 
ATOM   2    C  CA  . SER A 1 27  ? 7.65131   -9.99085  -11.02155 1.000 43.06703 ? 57  SER A CA  1 
ATOM   3    C  C   . SER A 1 27  ? 6.31102   -9.60116  -10.38221 1.000 42.12299 ? 57  SER A C   1 
ATOM   4    O  O   . SER A 1 27  ? 6.25078   -8.66693  -9.57037  1.000 40.22383 ? 57  SER A O   1 
ATOM   5    C  CB  . SER A 1 27  ? 8.38596   -11.01058 -10.15028 1.000 46.72427 ? 57  SER A CB  1 
ATOM   6    O  OG  . SER A 1 27  ? 7.48283   -11.73703 -9.32908  1.000 49.63438 ? 57  SER A OG  1 
ATOM   7    N  N   . PRO A 1 28  ? 5.24314   -10.32717 -10.74413 1.000 38.56586 ? 58  PRO A N   1 
ATOM   8    C  CA  . PRO A 1 28  ? 3.88230   -9.82811  -10.47238 1.000 37.61548 ? 58  PRO A CA  1 
ATOM   9    C  C   . PRO A 1 28  ? 3.39253   -10.02114 -9.04676  1.000 35.54301 ? 58  PRO A C   1 
ATOM   10   O  O   . PRO A 1 28  ? 2.36492   -9.42867  -8.69386  1.000 33.22898 ? 58  PRO A O   1 
ATOM   11   C  CB  . PRO A 1 28  ? 3.00898   -10.63730 -11.43868 1.000 38.39976 ? 58  PRO A CB  1 
ATOM   12   C  CG  . PRO A 1 28  ? 3.82277   -11.81624 -11.83885 1.000 41.15213 ? 58  PRO A CG  1 
ATOM   13   C  CD  . PRO A 1 28  ? 5.24827   -11.59611 -11.49302 1.000 37.72044 ? 58  PRO A CD  1 
ATOM   14   N  N   . GLY A 1 29  ? 4.05994   -10.83919 -8.23778  1.000 34.02917 ? 59  GLY A N   1 
ATOM   15   C  CA  . GLY A 1 29  ? 3.68209   -11.08684 -6.86258  1.000 31.80435 ? 59  GLY A CA  1 
ATOM   16   C  C   . GLY A 1 29  ? 4.37261   -10.21810 -5.82812  1.000 28.92168 ? 59  GLY A C   1 
ATOM   17   O  O   . GLY A 1 29  ? 4.14603   -10.42189 -4.62858  1.000 26.85736 ? 59  GLY A O   1 
ATOM   18   N  N   . ILE A 1 30  ? 5.17036   -9.23103  -6.24247  1.000 28.83468 ? 60  ILE A N   1 
ATOM   19   C  CA  . ILE A 1 30  ? 6.02502   -8.46995  -5.33124  1.000 28.53455 ? 60  ILE A CA  1 
ATOM   20   C  C   . ILE A 1 30  ? 5.37377   -7.13830  -4.97382  1.000 26.24984 ? 60  ILE A C   1 
ATOM   21   O  O   . ILE A 1 30  ? 5.03831   -6.33492  -5.85377  1.000 24.16294 ? 60  ILE A O   1 
ATOM   22   C  CB  . ILE A 1 30  ? 7.42126   -8.22541  -5.93725  1.000 31.95464 ? 60  ILE A CB  1 
ATOM   23   C  CG1 . ILE A 1 30  ? 8.15565   -9.54163  -6.18509  1.000 37.59882 ? 60  ILE A CG1 1 
ATOM   24   C  CG2 . ILE A 1 30  ? 8.23772   -7.35880  -5.00688  1.000 30.67289 ? 60  ILE A CG2 1 
ATOM   25   C  CD1 . ILE A 1 30  ? 9.29014   -9.40978  -7.17724  1.000 39.34815 ? 60  ILE A CD1 1 
ATOM   26   N  N   . TRP A 1 31  ? 5.25696   -6.87843  -3.68136  1.000 25.93425 ? 61  TRP A N   1 
ATOM   27   C  CA  . TRP A 1 31  ? 4.71200   -5.63361  -3.16819  1.000 24.67015 ? 61  TRP A CA  1 
ATOM   28   C  C   . TRP A 1 31  ? 5.72108   -5.00273  -2.22851  1.000 25.77848 ? 61  TRP A C   1 
ATOM   29   O  O   . TRP A 1 31  ? 6.50053   -5.70297  -1.57336  1.000 26.27081 ? 61  TRP A O   1 
ATOM   30   C  CB  . TRP A 1 31  ? 3.40479   -5.87091  -2.41257  1.000 21.51304 ? 61  TRP A CB  1 
ATOM   31   C  CG  . TRP A 1 31  ? 2.28705   -6.28831  -3.29227  1.000 21.70769 ? 61  TRP A CG  1 
ATOM   32   C  CD1 . TRP A 1 31  ? 2.11906   -7.50795  -3.88384  1.000 22.86308 ? 61  TRP A CD1 1 
ATOM   33   C  CD2 . TRP A 1 31  ? 1.17861   -5.47796  -3.70601  1.000 21.63295 ? 61  TRP A CD2 1 
ATOM   34   N  NE1 . TRP A 1 31  ? 0.96009   -7.50701  -4.62736  1.000 23.22156 ? 61  TRP A NE1 1 
ATOM   35   C  CE2 . TRP A 1 31  ? 0.36948   -6.27344  -4.54026  1.000 20.73740 ? 61  TRP A CE2 1 
ATOM   36   C  CE3 . TRP A 1 31  ? 0.79262   -4.15621  -3.44573  1.000 19.85644 ? 61  TRP A CE3 1 
ATOM   37   C  CZ2 . TRP A 1 31  ? -0.81658  -5.80036  -5.10665  1.000 20.57257 ? 61  TRP A CZ2 1 
ATOM   38   C  CZ3 . TRP A 1 31  ? -0.39098  -3.68269  -4.02060  1.000 24.86580 ? 61  TRP A CZ3 1 
ATOM   39   C  CH2 . TRP A 1 31  ? -1.17627  -4.50946  -4.83899  1.000 21.20684 ? 61  TRP A CH2 1 
ATOM   40   N  N   . GLN A 1 32  ? 5.66743   -3.68026  -2.13975  1.000 23.60261 ? 62  GLN A N   1 
ATOM   41   C  CA  . GLN A 1 32  ? 6.45662   -2.90006  -1.20256  1.000 23.67969 ? 62  GLN A CA  1 
ATOM   42   C  C   . GLN A 1 32  ? 5.52846   -2.23696  -0.19091  1.000 27.13977 ? 62  GLN A C   1 
ATOM   43   O  O   . GLN A 1 32  ? 4.49802   -1.66840  -0.55865  1.000 27.00895 ? 62  GLN A O   1 
ATOM   44   C  CB  . GLN A 1 32  ? 7.27818   -1.83693  -1.96936  1.000 29.00144 ? 62  GLN A CB  1 
ATOM   45   C  CG  . GLN A 1 32  ? 7.95691   -0.80653  -1.09921  1.000 30.55989 ? 62  GLN A CG  1 
ATOM   46   C  CD  . GLN A 1 32  ? 9.42724   -1.10762  -0.88234  1.000 34.39198 ? 62  GLN A CD  1 
ATOM   47   O  OE1 . GLN A 1 32  ? 10.00753  -2.00025  -1.52701  1.000 32.18887 ? 62  GLN A OE1 1 
ATOM   48   N  NE2 . GLN A 1 32  ? 10.04373  -0.35695  0.02647   1.000 32.46017 ? 62  GLN A NE2 1 
ATOM   49   N  N   . LEU A 1 33  ? 5.90080   -2.27824  1.08430   1.000 24.54842 ? 63  LEU A N   1 
ATOM   50   C  CA  . LEU A 1 33  ? 5.05474   -1.79257  2.17034   1.000 21.95707 ? 63  LEU A CA  1 
ATOM   51   C  C   . LEU A 1 33  ? 5.87484   -0.90418  3.08879   1.000 23.52230 ? 63  LEU A C   1 
ATOM   52   O  O   . LEU A 1 33  ? 6.89065   -1.35464  3.62524   1.000 22.62500 ? 63  LEU A O   1 
ATOM   53   C  CB  . LEU A 1 33  ? 4.50770   -2.97820  2.97724   1.000 25.85057 ? 63  LEU A CB  1 
ATOM   54   C  CG  . LEU A 1 33  ? 3.21232   -2.84721  3.75113   1.000 30.86387 ? 63  LEU A CG  1 
ATOM   55   C  CD1 . LEU A 1 33  ? 2.19759   -2.15748  2.86573   1.000 32.98547 ? 63  LEU A CD1 1 
ATOM   56   C  CD2 . LEU A 1 33  ? 2.69790   -4.20850  4.24389   1.000 27.98524 ? 63  LEU A CD2 1 
ATOM   57   N  N   . ASP A 1 34  ? 5.42514   0.33205   3.29945   1.000 21.16595 ? 64  ASP A N   1 
ATOM   58   C  CA  . ASP A 1 34  ? 6.09211   1.27945   4.20233   1.000 25.62354 ? 64  ASP A CA  1 
ATOM   59   C  C   . ASP A 1 34  ? 5.04403   2.16095   4.86055   1.000 26.68736 ? 64  ASP A C   1 
ATOM   60   O  O   . ASP A 1 34  ? 3.90556   2.22775   4.37909   1.000 25.95782 ? 64  ASP A O   1 
ATOM   61   C  CB  . ASP A 1 34  ? 7.11005   2.17033   3.45353   1.000 23.29521 ? 64  ASP A CB  1 
ATOM   62   C  CG  . ASP A 1 34  ? 8.16244   1.36586   2.71625   1.000 27.68535 ? 64  ASP A CG  1 
ATOM   63   O  OD1 . ASP A 1 34  ? 9.11806   0.89685   3.36736   1.000 29.02344 ? 64  ASP A OD1 1 
ATOM   64   O  OD2 . ASP A 1 34  ? 8.03700   1.19511   1.48401   1.000 26.92303 ? 64  ASP A OD2 1 
HETATM 65   N  N   . CAS A 1 35  ? 5.41862   2.83838   5.94544   1.000 23.70459 ? 65  CAS A N   1 
HETATM 66   C  CA  . CAS A 1 35  ? 4.56615   3.86216   6.52600   1.000 24.93075 ? 65  CAS A CA  1 
HETATM 67   C  CB  . CAS A 1 35  ? 4.35384   3.71211   8.02788   1.000 24.45890 ? 65  CAS A CB  1 
HETATM 68   C  C   . CAS A 1 35  ? 5.17698   5.23517   6.29887   1.000 29.78770 ? 65  CAS A C   1 
HETATM 69   O  O   . CAS A 1 35  ? 6.41228   5.38461   6.29802   1.000 28.38665 ? 65  CAS A O   1 
HETATM 70   S  SG  . CAS A 1 35  ? 3.39610   2.19714   8.29669   1.000 26.04538 ? 65  CAS A SG  1 
HETATM 71   AS AS  . CAS A 1 35  ? 5.02652   0.68638   8.61982   1.000 32.76727 ? 65  CAS A AS  1 
HETATM 72   C  CE1 . CAS A 1 35  ? 4.50640   -0.03718  10.35137  1.000 34.12541 ? 65  CAS A CE1 1 
HETATM 73   C  CE2 . CAS A 1 35  ? 4.63300   -0.86380  7.47205   1.000 27.56464 ? 65  CAS A CE2 1 
ATOM   74   N  N   . THR A 1 36  ? 4.33403   6.23870   6.11111   1.000 31.16152 ? 66  THR A N   1 
ATOM   75   C  CA  . THR A 1 36  ? 4.83465   7.59534   6.11903   1.000 30.91911 ? 66  THR A CA  1 
ATOM   76   C  C   . THR A 1 36  ? 3.96513   8.41202   7.06826   1.000 34.08666 ? 66  THR A C   1 
ATOM   77   O  O   . THR A 1 36  ? 2.87743   7.97030   7.46649   1.000 32.64658 ? 66  THR A O   1 
ATOM   78   C  CB  . THR A 1 36  ? 4.87138   8.18415   4.70226   1.000 35.95549 ? 66  THR A CB  1 
ATOM   79   O  OG1 . THR A 1 36  ? 5.51680   9.46534   4.74057   1.000 40.32725 ? 66  THR A OG1 1 
ATOM   80   C  CG2 . THR A 1 36  ? 3.47453   8.31497   4.13818   1.000 31.73420 ? 66  THR A CG2 1 
ATOM   81   N  N   . HIS A 1 37  ? 4.44339   9.58212   7.48049   1.000 31.71159 ? 67  HIS A N   1 
ATOM   82   C  CA  . HIS A 1 37  ? 3.76269   10.34601  8.51097   1.000 30.91469 ? 67  HIS A CA  1 
ATOM   83   C  C   . HIS A 1 37  ? 3.26994   11.66556  7.94597   1.000 33.08893 ? 67  HIS A C   1 
ATOM   84   O  O   . HIS A 1 37  ? 3.95177   12.30826  7.14506   1.000 33.20506 ? 67  HIS A O   1 
ATOM   85   C  CB  . HIS A 1 37  ? 4.67623   10.59351  9.70725   1.000 33.19781 ? 67  HIS A CB  1 
ATOM   86   C  CG  . HIS A 1 37  ? 5.13691   9.33377   10.35634  1.000 39.82308 ? 67  HIS A CG  1 
ATOM   87   N  ND1 . HIS A 1 37  ? 6.19349   8.59265   9.87150   1.000 44.95957 ? 67  HIS A ND1 1 
ATOM   88   C  CD2 . HIS A 1 37  ? 4.62988   8.63541   11.39736  1.000 38.50492 ? 67  HIS A CD2 1 
ATOM   89   C  CE1 . HIS A 1 37  ? 6.34241   7.51023   10.61581  1.000 45.24934 ? 67  HIS A CE1 1 
ATOM   90   N  NE2 . HIS A 1 37  ? 5.40454   7.51185   11.54572  1.000 39.38829 ? 67  HIS A NE2 1 
ATOM   91   N  N   . LEU A 1 38  ? 2.05937   12.04232  8.34550   1.000 29.76245 ? 68  LEU A N   1 
ATOM   92   C  CA  . LEU A 1 38  ? 1.49552   13.31575  7.91357   1.000 31.39929 ? 68  LEU A CA  1 
ATOM   93   C  C   . LEU A 1 38  ? 0.45568   13.73862  8.93243   1.000 31.17121 ? 68  LEU A C   1 
ATOM   94   O  O   . LEU A 1 38  ? -0.34565  12.90674  9.36074   1.000 31.17720 ? 68  LEU A O   1 
ATOM   95   C  CB  . LEU A 1 38  ? 0.87030   13.19699  6.52349   1.000 30.42213 ? 68  LEU A CB  1 
ATOM   96   C  CG  . LEU A 1 38  ? 0.69788   14.45236  5.68570   1.000 35.09942 ? 68  LEU A CG  1 
ATOM   97   C  CD1 . LEU A 1 38  ? 2.07033   14.98293  5.29230   1.000 35.16122 ? 68  LEU A CD1 1 
ATOM   98   C  CD2 . LEU A 1 38  ? -0.13230  14.13173  4.44802   1.000 32.21981 ? 68  LEU A CD2 1 
ATOM   99   N  N   . GLU A 1 39  ? 0.49087   15.02172  9.32356   1.000 33.51501 ? 69  GLU A N   1 
ATOM   100  C  CA  . GLU A 1 39  ? -0.46204  15.62615  10.26466  1.000 31.59291 ? 69  GLU A CA  1 
ATOM   101  C  C   . GLU A 1 39  ? -0.58244  14.82248  11.54870  1.000 31.36372 ? 69  GLU A C   1 
ATOM   102  O  O   . GLU A 1 39  ? -1.66695  14.69341  12.12175  1.000 33.35430 ? 69  GLU A O   1 
ATOM   103  C  CB  . GLU A 1 39  ? -1.84662  15.80538  9.64254   1.000 32.87155 ? 69  GLU A CB  1 
ATOM   104  C  CG  . GLU A 1 39  ? -1.85148  16.45800  8.29756   1.000 36.05651 ? 69  GLU A CG  1 
ATOM   105  C  CD  . GLU A 1 39  ? -3.25567  16.57703  7.72156   1.000 32.16891 ? 69  GLU A CD  1 
ATOM   106  O  OE1 . GLU A 1 39  ? -4.23717  16.18252  8.39471   1.000 32.69631 ? 69  GLU A OE1 1 
ATOM   107  O  OE2 . GLU A 1 39  ? -3.36815  17.06619  6.58683   1.000 32.52295 ? 69  GLU A OE2 1 
ATOM   108  N  N   . GLY A 1 40  ? 0.53374   14.26684  12.00417  1.000 31.81048 ? 70  GLY A N   1 
ATOM   109  C  CA  . GLY A 1 40  ? 0.48737   13.48872  13.22282  1.000 35.57941 ? 70  GLY A CA  1 
ATOM   110  C  C   . GLY A 1 40  ? -0.14870  12.12917  13.09577  1.000 33.56555 ? 70  GLY A C   1 
ATOM   111  O  O   . GLY A 1 40  ? -0.39397  11.48208  14.11459  1.000 36.62912 ? 70  GLY A O   1 
ATOM   112  N  N   . LYS A 1 41  ? -0.44626  11.67700  11.88159  1.000 34.07899 ? 71  LYS A N   1 
ATOM   113  C  CA  . LYS A 1 41  ? -1.01372  10.35233  11.67306  1.000 33.32273 ? 71  LYS A CA  1 
ATOM   114  C  C   . LYS A 1 41  ? -0.08370  9.54289   10.78076  1.000 31.76934 ? 71  LYS A C   1 
ATOM   115  O  O   . LYS A 1 41  ? 0.89134   10.05435  10.22039  1.000 31.22086 ? 71  LYS A O   1 
ATOM   116  C  CB  . LYS A 1 41  ? -2.42567  10.43094  11.06934  1.000 31.98029 ? 71  LYS A CB  1 
ATOM   117  C  CG  . LYS A 1 41  ? -3.38441  11.32020  11.87200  1.000 35.20638 ? 71  LYS A CG  1 
ATOM   118  C  CD  . LYS A 1 41  ? -4.82164  11.14091  11.44325  1.000 39.88849 ? 71  LYS A CD  1 
ATOM   119  C  CE  . LYS A 1 41  ? -5.74657  12.06140  12.22597  1.000 42.24048 ? 71  LYS A CE  1 
ATOM   120  N  NZ  . LYS A 1 41  ? -5.05066  13.33524  12.58783  1.000 45.40410 ? 71  LYS A NZ  1 
ATOM   121  N  N   . VAL A 1 42  ? -0.40369  8.26182   10.65306  1.000 28.83100 ? 72  VAL A N   1 
ATOM   122  C  CA  . VAL A 1 42  ? 0.43019   7.30192   9.95541   1.000 26.68003 ? 72  VAL A CA  1 
ATOM   123  C  C   . VAL A 1 42  ? -0.31756  6.80139   8.73738   1.000 25.87535 ? 72  VAL A C   1 
ATOM   124  O  O   . VAL A 1 42  ? -1.47261  6.38065   8.84519   1.000 26.42211 ? 72  VAL A O   1 
ATOM   125  C  CB  . VAL A 1 42  ? 0.80372   6.12873   10.87208  1.000 32.79852 ? 72  VAL A CB  1 
ATOM   126  C  CG1 . VAL A 1 42  ? 1.48889   5.05133   10.06326  1.000 28.98181 ? 72  VAL A CG1 1 
ATOM   127  C  CG2 . VAL A 1 42  ? 1.67839   6.61150   12.00659  1.000 32.39952 ? 72  VAL A CG2 1 
ATOM   128  N  N   . ILE A 1 43  ? 0.34972   6.80207   7.59133   1.000 26.30859 ? 73  ILE A N   1 
ATOM   129  C  CA  . ILE A 1 43  ? -0.23818  6.31297   6.35142   1.000 26.30203 ? 73  ILE A CA  1 
ATOM   130  C  C   . ILE A 1 43  ? 0.51851   5.06856   5.93221   1.000 25.98692 ? 73  ILE A C   1 
ATOM   131  O  O   . ILE A 1 43  ? 1.72161   5.12581   5.66351   1.000 25.13496 ? 73  ILE A O   1 
ATOM   132  C  CB  . ILE A 1 43  ? -0.18513  7.36221   5.23722   1.000 28.03030 ? 73  ILE A CB  1 
ATOM   133  C  CG1 . ILE A 1 43  ? -0.83873  8.66938   5.69038   1.000 27.05500 ? 73  ILE A CG1 1 
ATOM   134  C  CG2 . ILE A 1 43  ? -0.85588  6.82742   3.99926   1.000 25.11102 ? 73  ILE A CG2 1 
ATOM   135  C  CD1 . ILE A 1 43  ? -0.64744  9.80513   4.66392   1.000 29.01327 ? 73  ILE A CD1 1 
ATOM   136  N  N   . LEU A 1 44  ? -0.18505  3.95693   5.84906   1.000 22.01886 ? 74  LEU A N   1 
ATOM   137  C  CA  . LEU A 1 44  ? 0.41582   2.71856   5.39905   1.000 25.82482 ? 74  LEU A CA  1 
ATOM   138  C  C   . LEU A 1 44  ? 0.27167   2.68853   3.88089   1.000 25.98909 ? 74  LEU A C   1 
ATOM   139  O  O   . LEU A 1 44  ? -0.83268  2.86980   3.36520   1.000 26.44518 ? 74  LEU A O   1 
ATOM   140  C  CB  . LEU A 1 44  ? -0.28149  1.53627   6.07482   1.000 27.58668 ? 74  LEU A CB  1 
ATOM   141  C  CG  . LEU A 1 44  ? 0.58257   0.34029   6.45954   1.000 30.90086 ? 74  LEU A CG  1 
ATOM   142  C  CD1 . LEU A 1 44  ? -0.20968  -0.64701  7.28055   1.000 32.29635 ? 74  LEU A CD1 1 
ATOM   143  C  CD2 . LEU A 1 44  ? 1.04448   -0.30136  5.22085   1.000 33.88088 ? 74  LEU A CD2 1 
ATOM   144  N  N   . VAL A 1 45  ? 1.37704   2.49360   3.16607   1.000 22.27936 ? 75  VAL A N   1 
ATOM   145  C  CA  . VAL A 1 45  ? 1.39076   2.56655   1.70450   1.000 21.85963 ? 75  VAL A CA  1 
ATOM   146  C  C   . VAL A 1 45  ? 1.93378   1.25813   1.14254   1.000 23.34528 ? 75  VAL A C   1 
ATOM   147  O  O   . VAL A 1 45  ? 3.09883   0.91511   1.38532   1.000 21.21310 ? 75  VAL A O   1 
ATOM   148  C  CB  . VAL A 1 45  ? 2.24936   3.73798   1.20058   1.000 25.33958 ? 75  VAL A CB  1 
ATOM   149  C  CG1 . VAL A 1 45  ? 2.22055   3.78807   -0.32537  1.000 25.27147 ? 75  VAL A CG1 1 
ATOM   150  C  CG2 . VAL A 1 45  ? 1.77852   5.05681   1.79918   1.000 25.88871 ? 75  VAL A CG2 1 
ATOM   151  N  N   . ALA A 1 46  ? 1.12218   0.56521   0.33506   1.000 22.26784 ? 76  ALA A N   1 
ATOM   152  C  CA  . ALA A 1 46  ? 1.56029   -0.61419  -0.39793  1.000 20.72480 ? 76  ALA A CA  1 
ATOM   153  C  C   . ALA A 1 46  ? 1.63913   -0.29227  -1.88253  1.000 26.75899 ? 76  ALA A C   1 
ATOM   154  O  O   . ALA A 1 46  ? 0.71899   0.31995   -2.44995  1.000 24.21607 ? 76  ALA A O   1 
ATOM   155  C  CB  . ALA A 1 46  ? 0.63189   -1.81442  -0.16339  1.000 21.79361 ? 76  ALA A CB  1 
ATOM   156  N  N   . VAL A 1 47  ? 2.75088   -0.67844  -2.49735  1.000 21.97213 ? 77  VAL A N   1 
ATOM   157  C  CA  . VAL A 1 47  ? 2.99230   -0.46352  -3.91723  1.000 24.77771 ? 77  VAL A CA  1 
ATOM   158  C  C   . VAL A 1 47  ? 3.19068   -1.80983  -4.58885  1.000 24.74644 ? 77  VAL A C   1 
ATOM   159  O  O   . VAL A 1 47  ? 4.00844   -2.61848  -4.13894  1.000 24.95161 ? 77  VAL A O   1 
ATOM   160  C  CB  . VAL A 1 47  ? 4.21597   0.43563   -4.15693  1.000 26.85384 ? 77  VAL A CB  1 
ATOM   161  C  CG1 . VAL A 1 47  ? 4.35668   0.70648   -5.63684  1.000 25.21039 ? 77  VAL A CG1 1 
ATOM   162  C  CG2 . VAL A 1 47  ? 4.06269   1.75155   -3.39198  1.000 26.50832 ? 77  VAL A CG2 1 
ATOM   163  N  N   . HIS A 1 48  ? 2.45053   -2.04762  -5.66395  1.000 22.22459 ? 78  HIS A N   1 
ATOM   164  C  CA  . HIS A 1 48  ? 2.71456   -3.19881  -6.51680  1.000 24.39998 ? 78  HIS A CA  1 
ATOM   165  C  C   . HIS A 1 48  ? 3.86708   -2.80529  -7.44345  1.000 26.23766 ? 78  HIS A C   1 
ATOM   166  O  O   . HIS A 1 48  ? 3.68891   -2.00304  -8.37226  1.000 25.46688 ? 78  HIS A O   1 
ATOM   167  C  CB  . HIS A 1 48  ? 1.46460   -3.59265  -7.29174  1.000 21.92134 ? 78  HIS A CB  1 
ATOM   168  C  CG  . HIS A 1 48  ? 1.65725   -4.78879  -8.17061  1.000 24.73318 ? 78  HIS A CG  1 
ATOM   169  N  ND1 . HIS A 1 48  ? 1.71658   -4.70083  -9.54480  1.000 27.58970 ? 78  HIS A ND1 1 
ATOM   170  C  CD2 . HIS A 1 48  ? 1.83111   -6.09598  -7.86810  1.000 22.34624 ? 78  HIS A CD2 1 
ATOM   171  C  CE1 . HIS A 1 48  ? 1.89247   -5.90938  -10.05355 1.000 26.79217 ? 78  HIS A CE1 1 
ATOM   172  N  NE2 . HIS A 1 48  ? 1.97517   -6.77206  -9.05668  1.000 28.05759 ? 78  HIS A NE2 1 
ATOM   173  N  N   . VAL A 1 49  ? 5.05887   -3.33181  -7.16630  1.000 23.93560 ? 79  VAL A N   1 
ATOM   174  C  CA  . VAL A 1 49  ? 6.26889   -2.72268  -7.71464  1.000 25.64404 ? 79  VAL A CA  1 
ATOM   175  C  C   . VAL A 1 49  ? 6.22929   -2.72923  -9.23936  1.000 29.23089 ? 79  VAL A C   1 
ATOM   176  O  O   . VAL A 1 49  ? 6.55215   -1.72577  -9.88696  1.000 29.53095 ? 79  VAL A O   1 
ATOM   177  C  CB  . VAL A 1 49  ? 7.52067   -3.43052  -7.16746  1.000 27.35211 ? 79  VAL A CB  1 
ATOM   178  C  CG1 . VAL A 1 49  ? 8.76401   -2.77910  -7.74334  1.000 36.09869 ? 79  VAL A CG1 1 
ATOM   179  C  CG2 . VAL A 1 49  ? 7.55547   -3.36552  -5.63646  1.000 27.97037 ? 79  VAL A CG2 1 
ATOM   180  N  N   . ALA A 1 50  ? 5.78129   -3.83179  -9.83118  1.000 23.72139 ? 80  ALA A N   1 
ATOM   181  C  CA  . ALA A 1 50  ? 5.79247   -3.95227  -11.28841 1.000 29.48815 ? 80  ALA A CA  1 
ATOM   182  C  C   . ALA A 1 50  ? 4.91913   -2.89881  -11.96692 1.000 33.79986 ? 80  ALA A C   1 
ATOM   183  O  O   . ALA A 1 50  ? 5.18354   -2.51202  -13.11260 1.000 32.14412 ? 80  ALA A O   1 
ATOM   184  C  CB  . ALA A 1 50  ? 5.33566   -5.35774  -11.69317 1.000 27.37605 ? 80  ALA A CB  1 
ATOM   185  N  N   . SER A 1 51  ? 3.86830   -2.42072  -11.29113 1.000 26.88343 ? 81  SER A N   1 
ATOM   186  C  CA  . SER A 1 51  ? 2.90292   -1.54870  -11.94854 1.000 26.48290 ? 81  SER A CA  1 
ATOM   187  C  C   . SER A 1 51  ? 2.86701   -0.12532  -11.42402 1.000 28.06218 ? 81  SER A C   1 
ATOM   188  O  O   . SER A 1 51  ? 2.36460   0.75618   -12.12627 1.000 29.65523 ? 81  SER A O   1 
ATOM   189  C  CB  . SER A 1 51  ? 1.48145   -2.12986  -11.83320 1.000 29.04141 ? 81  SER A CB  1 
ATOM   190  O  OG  . SER A 1 51  ? 1.02708   -2.12343  -10.48427 1.000 24.68855 ? 81  SER A OG  1 
ATOM   191  N  N   . GLY A 1 52  ? 3.35205   0.12384   -10.21671 1.000 28.30656 ? 82  GLY A N   1 
ATOM   192  C  CA  . GLY A 1 52  ? 3.14500   1.40110   -9.57849  1.000 24.03034 ? 82  GLY A CA  1 
ATOM   193  C  C   . GLY A 1 52  ? 1.78494   1.56808   -8.93470  1.000 21.76931 ? 82  GLY A C   1 
ATOM   194  O  O   . GLY A 1 52  ? 1.51070   2.63972   -8.38907  1.000 24.22651 ? 82  GLY A O   1 
ATOM   195  N  N   . TYR A 1 53  ? 0.92851   0.54979   -8.98358  1.000 23.84677 ? 83  TYR A N   1 
ATOM   196  C  CA  . TYR A 1 53  ? -0.38265  0.63842   -8.34387  1.000 24.64547 ? 83  TYR A CA  1 
ATOM   197  C  C   . TYR A 1 53  ? -0.21720  0.70028   -6.83343  1.000 22.57590 ? 83  TYR A C   1 
ATOM   198  O  O   . TYR A 1 53  ? 0.60948   -0.01337  -6.25390  1.000 22.84665 ? 83  TYR A O   1 
ATOM   199  C  CB  . TYR A 1 53  ? -1.24455  -0.55597  -8.73718  1.000 21.72235 ? 83  TYR A CB  1 
ATOM   200  C  CG  . TYR A 1 53  ? -2.50256  -0.75207  -7.91157  1.000 24.49405 ? 83  TYR A CG  1 
ATOM   201  C  CD1 . TYR A 1 53  ? -2.46459  -1.49233  -6.71849  1.000 24.67551 ? 83  TYR A CD1 1 
ATOM   202  C  CD2 . TYR A 1 53  ? -3.73064  -0.22664  -8.32533  1.000 26.71355 ? 83  TYR A CD2 1 
ATOM   203  C  CE1 . TYR A 1 53  ? -3.59854  -1.69798  -5.96652  1.000 24.92960 ? 83  TYR A CE1 1 
ATOM   204  C  CE2 . TYR A 1 53  ? -4.88884  -0.43795  -7.55451  1.000 28.70196 ? 83  TYR A CE2 1 
ATOM   205  C  CZ  . TYR A 1 53  ? -4.79692  -1.16877  -6.37791  1.000 26.89986 ? 83  TYR A CZ  1 
ATOM   206  O  OH  . TYR A 1 53  ? -5.90615  -1.38774  -5.59442  1.000 33.57258 ? 83  TYR A OH  1 
ATOM   207  N  N   . ILE A 1 54  ? -1.03519  1.53227   -6.18870  1.000 23.74015 ? 84  ILE A N   1 
ATOM   208  C  CA  . ILE A 1 54  ? -0.93607  1.77644   -4.75636  1.000 22.03423 ? 84  ILE A CA  1 
ATOM   209  C  C   . ILE A 1 54  ? -2.26851  1.47687   -4.06372  1.000 24.25017 ? 84  ILE A C   1 
ATOM   210  O  O   . ILE A 1 54  ? -3.34327  1.73194   -4.62574  1.000 20.69686 ? 84  ILE A O   1 
ATOM   211  C  CB  . ILE A 1 54  ? -0.51021  3.23293   -4.49518  1.000 25.11917 ? 84  ILE A CB  1 
ATOM   212  C  CG1 . ILE A 1 54  ? 0.94448   3.46390   -4.92417  1.000 26.91702 ? 84  ILE A CG1 1 
ATOM   213  C  CG2 . ILE A 1 54  ? -0.72444  3.61124   -3.05282  1.000 28.84972 ? 84  ILE A CG2 1 
ATOM   214  C  CD1 . ILE A 1 54  ? 1.30913   4.93558   -4.92366  1.000 31.43489 ? 84  ILE A CD1 1 
ATOM   215  N  N   . GLU A 1 55  ? -2.19087  0.92705   -2.83925  1.000 24.65801 ? 85  GLU A N   1 
ATOM   216  C  CA  . GLU A 1 55  ? -3.26941  0.99408   -1.84724  1.000 24.45785 ? 85  GLU A CA  1 
ATOM   217  C  C   . GLU A 1 55  ? -2.71666  1.60376   -0.57435  1.000 24.10048 ? 85  GLU A C   1 
ATOM   218  O  O   . GLU A 1 55  ? -1.58228  1.30753   -0.17988  1.000 26.57531 ? 85  GLU A O   1 
ATOM   219  C  CB  . GLU A 1 55  ? -3.85603  -0.36708  -1.49842  1.000 29.41778 ? 85  GLU A CB  1 
ATOM   220  C  CG  . GLU A 1 55  ? -4.05212  -1.27777  -2.64772  1.000 31.92026 ? 85  GLU A CG  1 
ATOM   221  C  CD  . GLU A 1 55  ? -5.01196  -2.38071  -2.32103  1.000 34.25703 ? 85  GLU A CD  1 
ATOM   222  O  OE1 . GLU A 1 55  ? -5.25353  -2.61636  -1.11872  1.000 41.35152 ? 85  GLU A OE1 1 
ATOM   223  O  OE2 . GLU A 1 55  ? -5.51907  -3.01884  -3.26007  1.000 33.16368 ? 85  GLU A OE2 1 
ATOM   224  N  N   . ALA A 1 56  ? -3.51310  2.45411   0.06793   1.000 26.65651 ? 86  ALA A N   1 
ATOM   225  C  CA  . ALA A 1 56  ? -3.11578  3.14208   1.29004   1.000 26.16749 ? 86  ALA A CA  1 
ATOM   226  C  C   . ALA A 1 56  ? -4.27416  3.16824   2.27821   1.000 33.58594 ? 86  ALA A C   1 
ATOM   227  O  O   . ALA A 1 56  ? -5.45500  3.12388   1.90009   1.000 29.90347 ? 86  ALA A O   1 
ATOM   228  C  CB  . ALA A 1 56  ? -2.64965  4.58404   1.02926   1.000 28.21911 ? 86  ALA A CB  1 
ATOM   229  N  N   . GLU A 1 57  ? -3.91246  3.23209   3.55924   1.000 31.74000 ? 87  GLU A N   1 
ATOM   230  C  CA  . GLU A 1 57  ? -4.84937  3.36656   4.66542   1.000 28.41030 ? 87  GLU A CA  1 
ATOM   231  C  C   . GLU A 1 57  ? -4.17960  4.26324   5.69355   1.000 27.73109 ? 87  GLU A C   1 
ATOM   232  O  O   . GLU A 1 57  ? -2.95760  4.20301   5.86635   1.000 26.42437 ? 87  GLU A O   1 
ATOM   233  C  CB  . GLU A 1 57  ? -5.21194  2.01748   5.33483   1.000 26.95741 ? 87  GLU A CB  1 
ATOM   234  C  CG  . GLU A 1 57  ? -5.78716  0.91631   4.42700   1.000 34.43410 ? 87  GLU A CG  1 
ATOM   235  C  CD  . GLU A 1 57  ? -7.30930  0.89251   4.38152   1.000 33.56127 ? 87  GLU A CD  1 
ATOM   236  O  OE1 . GLU A 1 57  ? -7.96776  1.71658   5.04242   1.000 38.64684 ? 87  GLU A OE1 1 
ATOM   237  O  OE2 . GLU A 1 57  ? -7.86143  0.04472   3.66403   1.000 44.68653 ? 87  GLU A OE2 1 
ATOM   238  N  N   . VAL A 1 58  ? -4.96754  5.09746   6.36325   1.000 30.21222 ? 88  VAL A N   1 
ATOM   239  C  CA  . VAL A 1 58  ? -4.49694  5.85076   7.52345   1.000 27.34154 ? 88  VAL A CA  1 
ATOM   240  C  C   . VAL A 1 58  ? -4.70625  4.97429   8.74950   1.000 30.88484 ? 88  VAL A C   1 
ATOM   241  O  O   . VAL A 1 58  ? -5.79998  4.42634   8.93872   1.000 27.56891 ? 88  VAL A O   1 
ATOM   242  C  CB  . VAL A 1 58  ? -5.24917  7.18533   7.66921   1.000 26.95381 ? 88  VAL A CB  1 
ATOM   243  C  CG1 . VAL A 1 58  ? -5.00715  7.80338   9.07181   1.000 28.80587 ? 88  VAL A CG1 1 
ATOM   244  C  CG2 . VAL A 1 58  ? -4.85120  8.15456   6.60792   1.000 27.48484 ? 88  VAL A CG2 1 
ATOM   245  N  N   . ILE A 1 59  ? -3.67306  4.83700   9.57766   1.000 28.12708 ? 89  ILE A N   1 
ATOM   246  C  CA  . ILE A 1 59  ? -3.77330  4.08826   10.83185  1.000 32.69646 ? 89  ILE A CA  1 
ATOM   247  C  C   . ILE A 1 59  ? -3.42555  5.03107   11.97293  1.000 32.29688 ? 89  ILE A C   1 
ATOM   248  O  O   . ILE A 1 59  ? -2.82706  6.09883   11.75828  1.000 36.12362 ? 89  ILE A O   1 
ATOM   249  C  CB  . ILE A 1 59  ? -2.87474  2.82935   10.81943  1.000 35.98693 ? 89  ILE A CB  1 
ATOM   250  C  CG1 . ILE A 1 59  ? -1.42109  3.22286   10.58131  1.000 30.55839 ? 89  ILE A CG1 1 
ATOM   251  C  CG2 . ILE A 1 59  ? -3.29729  1.84806   9.72768   1.000 32.48541 ? 89  ILE A CG2 1 
ATOM   252  C  CD1 . ILE A 1 59  ? -0.49323  2.02295   10.53553  1.000 33.86321 ? 89  ILE A CD1 1 
ATOM   253  N  N   . PRO A 1 60  ? -3.81523  4.69658   13.21932  1.000 43.57021 ? 90  PRO A N   1 
ATOM   254  C  CA  . PRO A 1 60  ? -3.45989  5.56514   14.35578  1.000 40.90790 ? 90  PRO A CA  1 
ATOM   255  C  C   . PRO A 1 60  ? -1.95387  5.74714   14.52503  1.000 45.44103 ? 90  PRO A C   1 
ATOM   256  O  O   . PRO A 1 60  ? -1.43373  6.87050   14.44027  1.000 43.63347 ? 90  PRO A O   1 
ATOM   257  C  CB  . PRO A 1 60  ? -4.07141  4.83742   15.55590  1.000 46.31012 ? 90  PRO A CB  1 
ATOM   258  C  CG  . PRO A 1 60  ? -5.22049  4.06860   14.97488  1.000 42.83701 ? 90  PRO A CG  1 
ATOM   259  C  CD  . PRO A 1 60  ? -4.77236  3.63975   13.60601  1.000 39.67889 ? 90  PRO A CD  1 
ATOM   260  N  N   . ALA A 1 61  ? -1.24076  4.64768   14.77121  1.000 46.28946 ? 91  ALA A N   1 
ATOM   261  C  CA  . ALA A 1 61  ? 0.21424   4.68532   14.78056  1.000 41.57622 ? 91  ALA A CA  1 
ATOM   262  C  C   . ALA A 1 61  ? 0.73909   3.33126   14.31685  1.000 38.60655 ? 91  ALA A C   1 
ATOM   263  O  O   . ALA A 1 61  ? -0.01795  2.36956   14.15833  1.000 38.50166 ? 91  ALA A O   1 
ATOM   264  C  CB  . ALA A 1 61  ? 0.76604   5.07888   16.16006  1.000 40.48291 ? 91  ALA A CB  1 
ATOM   265  N  N   . GLU A 1 62  ? 2.05160   3.28360   14.06923  1.000 37.00043 ? 92  GLU A N   1 
ATOM   266  C  CA  . GLU A 1 62  ? 2.71470   2.12313   13.48028  1.000 34.69590 ? 92  GLU A CA  1 
ATOM   267  C  C   . GLU A 1 62  ? 2.79456   1.00711   14.49618  1.000 34.75928 ? 92  GLU A C   1 
ATOM   268  O  O   . GLU A 1 62  ? 3.67006   1.00839   15.36398  1.000 40.46216 ? 92  GLU A O   1 
ATOM   269  C  CB  . GLU A 1 62  ? 4.11710   2.47549   13.01223  1.000 34.48379 ? 92  GLU A CB  1 
ATOM   270  C  CG  . GLU A 1 62  ? 4.17950   3.30920   11.81676  1.000 32.46818 ? 92  GLU A CG  1 
ATOM   271  C  CD  . GLU A 1 62  ? 5.49447   4.00774   11.72113  1.000 35.38534 ? 92  GLU A CD  1 
ATOM   272  O  OE1 . GLU A 1 62  ? 5.61928   5.11164   12.29669  1.000 43.24759 ? 92  GLU A OE1 1 
ATOM   273  O  OE2 . GLU A 1 62  ? 6.40982   3.44072   11.10293  1.000 35.08196 ? 92  GLU A OE2 1 
ATOM   274  N  N   . THR A 1 63  ? 1.89771   0.03582   14.38315  1.000 32.05279 ? 93  THR A N   1 
ATOM   275  C  CA  . THR A 1 63  ? 1.94378   -1.15378  15.21919  1.000 27.23421 ? 93  THR A CA  1 
ATOM   276  C  C   . THR A 1 63  ? 1.97628   -2.39324  14.34069  1.000 29.36915 ? 93  THR A C   1 
ATOM   277  O  O   . THR A 1 63  ? 1.46805   -2.38830  13.21068  1.000 22.33891 ? 93  THR A O   1 
ATOM   278  C  CB  . THR A 1 63  ? 0.74268   -1.21797  16.15575  1.000 28.37017 ? 93  THR A CB  1 
ATOM   279  O  OG1 . THR A 1 63  ? -0.40945  -1.61202  15.40887  1.000 28.70389 ? 93  THR A OG1 1 
ATOM   280  C  CG2 . THR A 1 63  ? 0.49007   0.15706   16.80821  1.000 35.27882 ? 93  THR A CG2 1 
ATOM   281  N  N   . GLY A 1 64  ? 2.59880   -3.44923  14.87198  1.000 27.77295 ? 94  GLY A N   1 
ATOM   282  C  CA  . GLY A 1 64  ? 2.59168   -4.71842  14.17686  1.000 25.40429 ? 94  GLY A CA  1 
ATOM   283  C  C   . GLY A 1 64  ? 1.18447   -5.19758  13.88466  1.000 24.21670 ? 94  GLY A C   1 
ATOM   284  O  O   . GLY A 1 64  ? 0.92079   -5.74367  12.82161  1.000 22.99263 ? 94  GLY A O   1 
ATOM   285  N  N   . GLN A 1 65  ? 0.25251   -4.96993  14.81358  1.000 22.92092 ? 95  GLN A N   1 
ATOM   286  C  CA  . GLN A 1 65  ? -1.11190  -5.43998  14.58832  1.000 23.55467 ? 95  GLN A CA  1 
ATOM   287  C  C   . GLN A 1 65  ? -1.75043  -4.75646  13.38174  1.000 22.49287 ? 95  GLN A C   1 
ATOM   288  O  O   . GLN A 1 65  ? -2.38987  -5.41528  12.55491  1.000 20.92585 ? 95  GLN A O   1 
ATOM   289  C  CB  . GLN A 1 65  ? -1.95479  -5.25364  15.85402  1.000 25.48320 ? 95  GLN A CB  1 
ATOM   290  C  CG  . GLN A 1 65  ? -1.58060  -6.30728  16.93224  1.000 33.08403 ? 95  GLN A CG  1 
ATOM   291  C  CD  . GLN A 1 65  ? -2.63416  -6.48176  18.02326  1.000 32.98197 ? 95  GLN A CD  1 
ATOM   292  O  OE1 . GLN A 1 65  ? -3.73825  -5.97387  17.90760  1.000 32.40796 ? 95  GLN A OE1 1 
ATOM   293  N  NE2 . GLN A 1 65  ? -2.29852  -7.25424  19.06848  1.000 37.42720 ? 95  GLN A NE2 1 
ATOM   294  N  N   . GLU A 1 66  ? -1.57510  -3.44671  13.24795  1.000 21.68631 ? 96  GLU A N   1 
ATOM   295  C  CA  . GLU A 1 66  ? -2.11998  -2.76024  12.07638  1.000 24.95692 ? 96  GLU A CA  1 
ATOM   296  C  C   . GLU A 1 66  ? -1.47924  -3.26172  10.78527  1.000 23.45211 ? 96  GLU A C   1 
ATOM   297  O  O   . GLU A 1 66  ? -2.17307  -3.48664  9.78353   1.000 23.31801 ? 96  GLU A O   1 
ATOM   298  C  CB  . GLU A 1 66  ? -1.92955  -1.25154  12.22443  1.000 25.63027 ? 96  GLU A CB  1 
ATOM   299  C  CG  . GLU A 1 66  ? -2.72341  -0.67774  13.38230  1.000 26.39926 ? 96  GLU A CG  1 
ATOM   300  C  CD  . GLU A 1 66  ? -4.22625  -0.75369  13.15071  1.000 32.62956 ? 96  GLU A CD  1 
ATOM   301  O  OE1 . GLU A 1 66  ? -4.65118  -0.80309  11.98510  1.000 32.48034 ? 96  GLU A OE1 1 
ATOM   302  O  OE2 . GLU A 1 66  ? -4.98980  -0.77234  14.13088  1.000 39.43263 ? 96  GLU A OE2 1 
ATOM   303  N  N   . THR A 1 67  ? -0.15628  -3.43784  10.78783  1.000 22.82543 ? 97  THR A N   1 
ATOM   304  C  CA  . THR A 1 67  ? 0.52656   -4.01542  9.62667   1.000 22.14451 ? 97  THR A CA  1 
ATOM   305  C  C   . THR A 1 67  ? -0.00604  -5.39887  9.28702   1.000 19.76715 ? 97  THR A C   1 
ATOM   306  O  O   . THR A 1 67  ? -0.19495  -5.72649  8.10934   1.000 21.29170 ? 97  THR A O   1 
ATOM   307  C  CB  . THR A 1 67  ? 2.02739   -4.11445  9.89472   1.000 22.65192 ? 97  THR A CB  1 
ATOM   308  O  OG1 . THR A 1 67  ? 2.53112   -2.82664  10.21388  1.000 21.44704 ? 97  THR A OG1 1 
ATOM   309  C  CG2 . THR A 1 67  ? 2.77389   -4.65922  8.68663   1.000 21.44349 ? 97  THR A CG2 1 
ATOM   310  N  N   . ALA A 1 68  ? -0.18081  -6.24803  10.30009  1.000 20.71963 ? 98  ALA A N   1 
ATOM   311  C  CA  . ALA A 1 68  ? -0.66283  -7.61072  10.06137  1.000 21.53326 ? 98  ALA A CA  1 
ATOM   312  C  C   . ALA A 1 68  ? -2.04068  -7.58783  9.41763   1.000 21.74203 ? 98  ALA A C   1 
ATOM   313  O  O   . ALA A 1 68  ? -2.32301  -8.32477  8.45474   1.000 19.58327 ? 98  ALA A O   1 
ATOM   314  C  CB  . ALA A 1 68  ? -0.72155  -8.37248  11.39420  1.000 20.14675 ? 98  ALA A CB  1 
ATOM   315  N  N   . TYR A 1 69  ? -2.92636  -6.77736  9.98386   1.000 19.25144 ? 99  TYR A N   1 
ATOM   316  C  CA  . TYR A 1 69  ? -4.29094  -6.69873  9.49025   1.000 20.46463 ? 99  TYR A CA  1 
ATOM   317  C  C   . TYR A 1 69  ? -4.31645  -6.17125  8.06423   1.000 21.03184 ? 99  TYR A C   1 
ATOM   318  O  O   . TYR A 1 69  ? -5.06502  -6.67358  7.21494   1.000 18.93343 ? 99  TYR A O   1 
ATOM   319  C  CB  . TYR A 1 69  ? -5.10583  -5.80922  10.42928  1.000 21.80679 ? 99  TYR A CB  1 
ATOM   320  C  CG  . TYR A 1 69  ? -6.53985  -5.72048  10.03138  1.000 23.91141 ? 99  TYR A CG  1 
ATOM   321  C  CD1 . TYR A 1 69  ? -7.34178  -6.85345  10.01439  1.000 21.25240 ? 99  TYR A CD1 1 
ATOM   322  C  CD2 . TYR A 1 69  ? -7.09048  -4.50813  9.63057   1.000 25.25484 ? 99  TYR A CD2 1 
ATOM   323  C  CE1 . TYR A 1 69  ? -8.65630  -6.78593  9.62725   1.000 20.94162 ? 99  TYR A CE1 1 
ATOM   324  C  CE2 . TYR A 1 69  ? -8.41733  -4.43130  9.24386   1.000 27.08715 ? 99  TYR A CE2 1 
ATOM   325  C  CZ  . TYR A 1 69  ? -9.18694  -5.57348  9.24721   1.000 26.04372 ? 99  TYR A CZ  1 
ATOM   326  O  OH  . TYR A 1 69  ? -10.49957 -5.50475  8.85055   1.000 26.66330 ? 99  TYR A OH  1 
ATOM   327  N  N   . PHE A 1 70  ? -3.50645  -5.14509  7.78869   1.000 20.46580 ? 100 PHE A N   1 
ATOM   328  C  CA  . PHE A 1 70  ? -3.39377  -4.63057  6.42803   1.000 21.00540 ? 100 PHE A CA  1 
ATOM   329  C  C   . PHE A 1 70  ? -2.90192  -5.70896  5.47069   1.000 20.22821 ? 100 PHE A C   1 
ATOM   330  O  O   . PHE A 1 70  ? -3.40347  -5.82713  4.34482   1.000 19.43542 ? 100 PHE A O   1 
ATOM   331  C  CB  . PHE A 1 70  ? -2.45419  -3.42179  6.41056   1.000 21.01656 ? 100 PHE A CB  1 
ATOM   332  C  CG  . PHE A 1 70  ? -2.28819  -2.80287  5.06069   1.000 23.68210 ? 100 PHE A CG  1 
ATOM   333  C  CD1 . PHE A 1 70  ? -1.38272  -3.33133  4.14949   1.000 21.77383 ? 100 PHE A CD1 1 
ATOM   334  C  CD2 . PHE A 1 70  ? -3.01676  -1.68106  4.70487   1.000 29.24797 ? 100 PHE A CD2 1 
ATOM   335  C  CE1 . PHE A 1 70  ? -1.22745  -2.77856  2.89546   1.000 25.21749 ? 100 PHE A CE1 1 
ATOM   336  C  CE2 . PHE A 1 70  ? -2.85000  -1.09134  3.44291   1.000 29.99327 ? 100 PHE A CE2 1 
ATOM   337  C  CZ  . PHE A 1 70  ? -1.95598  -1.64806  2.54023   1.000 27.55054 ? 100 PHE A CZ  1 
ATOM   338  N  N   . LEU A 1 71  ? -1.90690  -6.49637  5.88983   1.000 19.64537 ? 101 LEU A N   1 
ATOM   339  C  CA  . LEU A 1 71  ? -1.41508  -7.55821  5.01912   1.000 20.12852 ? 101 LEU A CA  1 
ATOM   340  C  C   . LEU A 1 71  ? -2.50316  -8.57671  4.70776   1.000 17.79916 ? 101 LEU A C   1 
ATOM   341  O  O   . LEU A 1 71  ? -2.63062  -9.01319  3.55973   1.000 19.20982 ? 101 LEU A O   1 
ATOM   342  C  CB  . LEU A 1 71  ? -0.19462  -8.25102  5.63119   1.000 19.93863 ? 101 LEU A CB  1 
ATOM   343  C  CG  . LEU A 1 71  ? 1.11405   -7.47187  5.45701   1.000 23.97509 ? 101 LEU A CG  1 
ATOM   344  C  CD1 . LEU A 1 71  ? 2.21828   -8.05184  6.36205   1.000 26.81855 ? 101 LEU A CD1 1 
ATOM   345  C  CD2 . LEU A 1 71  ? 1.53073   -7.53740  4.00686   1.000 26.27946 ? 101 LEU A CD2 1 
ATOM   346  N  N   . LEU A 1 72  ? -3.28612  -8.97826  5.70605   1.000 17.20108 ? 102 LEU A N   1 
ATOM   347  C  CA  . LEU A 1 72  ? -4.37866  -9.91611  5.44249   1.000 19.71715 ? 102 LEU A CA  1 
ATOM   348  C  C   . LEU A 1 72  ? -5.36532  -9.34350  4.43313   1.000 19.38922 ? 102 LEU A C   1 
ATOM   349  O  O   . LEU A 1 72  ? -5.82138  -10.04776 3.52203   1.000 21.35971 ? 102 LEU A O   1 
ATOM   350  C  CB  . LEU A 1 72  ? -5.10809  -10.24618 6.73812   1.000 18.48742 ? 102 LEU A CB  1 
ATOM   351  C  CG  . LEU A 1 72  ? -4.31752  -11.08074 7.74332   1.000 23.34501 ? 102 LEU A CG  1 
ATOM   352  C  CD1 . LEU A 1 72  ? -5.17636  -11.25227 8.99008   1.000 25.07779 ? 102 LEU A CD1 1 
ATOM   353  C  CD2 . LEU A 1 72  ? -3.93415  -12.42401 7.15820   1.000 20.68711 ? 102 LEU A CD2 1 
ATOM   354  N  N   . LYS A 1 73  ? -5.71488  -8.06894  4.59046   1.000 19.67766 ? 103 LYS A N   1 
ATOM   355  C  CA  . LYS A 1 73  ? -6.61255  -7.41488  3.63976   1.000 22.21403 ? 103 LYS A CA  1 
ATOM   356  C  C   . LYS A 1 73  ? -6.02830  -7.41610  2.24616   1.000 22.53244 ? 103 LYS A C   1 
ATOM   357  O  O   . LYS A 1 73  ? -6.70273  -7.75769  1.27085   1.000 21.49334 ? 103 LYS A O   1 
ATOM   358  C  CB  . LYS A 1 73  ? -6.87648  -5.97993  4.07278   1.000 24.24656 ? 103 LYS A CB  1 
ATOM   359  C  CG  . LYS A 1 73  ? -7.97313  -5.81742  5.07731   1.000 25.17301 ? 103 LYS A CG  1 
ATOM   360  C  CD  . LYS A 1 73  ? -8.40908  -4.36202  5.16072   1.000 30.11030 ? 103 LYS A CD  1 
ATOM   361  C  CE  . LYS A 1 73  ? -7.48255  -3.54908  6.03180   1.000 34.93188 ? 103 LYS A CE  1 
ATOM   362  N  NZ  . LYS A 1 73  ? -7.83660  -2.09805  6.04010   1.000 41.27543 ? 103 LYS A NZ  1 
ATOM   363  N  N   . LEU A 1 74  ? -4.77125  -6.99113  2.12990   1.000 21.77292 ? 104 LEU A N   1 
ATOM   364  C  CA  . LEU A 1 74  ? -4.13184  -6.93719  0.82747   1.000 22.18896 ? 104 LEU A CA  1 
ATOM   365  C  C   . LEU A 1 74  ? -4.09416  -8.31533  0.16910   1.000 20.99616 ? 104 LEU A C   1 
ATOM   366  O  O   . LEU A 1 74  ? -4.35876  -8.43759  -1.03319  1.000 20.96713 ? 104 LEU A O   1 
ATOM   367  C  CB  . LEU A 1 74  ? -2.71318  -6.36570  0.97485   1.000 20.71546 ? 104 LEU A CB  1 
ATOM   368  C  CG  . LEU A 1 74  ? -1.95193  -6.17728  -0.33933  1.000 22.87964 ? 104 LEU A CG  1 
ATOM   369  C  CD1 . LEU A 1 74  ? -2.52843  -5.02268  -1.16040  1.000 23.90039 ? 104 LEU A CD1 1 
ATOM   370  C  CD2 . LEU A 1 74  ? -0.47526  -5.93060  -0.03399  1.000 20.46510 ? 104 LEU A CD2 1 
ATOM   371  N  N   . ALA A 1 75  ? -3.76704  -9.36447  0.94299   1.000 21.26221 ? 105 ALA A N   1 
ATOM   372  C  CA  . ALA A 1 75  ? -3.56498  -10.69218 0.36569   1.000 22.86703 ? 105 ALA A CA  1 
ATOM   373  C  C   . ALA A 1 75  ? -4.86521  -11.30928 -0.12858  1.000 21.33634 ? 105 ALA A C   1 
ATOM   374  O  O   . ALA A 1 75  ? -4.82906  -12.18522 -0.99832  1.000 24.22668 ? 105 ALA A O   1 
ATOM   375  C  CB  . ALA A 1 75  ? -2.90253  -11.64148 1.37775   1.000 21.60618 ? 105 ALA A CB  1 
ATOM   376  N  N   . GLY A 1 76  ? -6.01061  -10.87812 0.39484   1.000 19.56919 ? 106 GLY A N   1 
ATOM   377  C  CA  . GLY A 1 76  ? -7.26383  -11.38815 -0.13283  1.000 23.29749 ? 106 GLY A CA  1 
ATOM   378  C  C   . GLY A 1 76  ? -7.69190  -10.73867 -1.42675  1.000 26.36011 ? 106 GLY A C   1 
ATOM   379  O  O   . GLY A 1 76  ? -8.54530  -11.29410 -2.12819  1.000 25.98701 ? 106 GLY A O   1 
ATOM   380  N  N   . ARG A 1 77  ? -7.09977  -9.58115  -1.76515  1.000 26.76569 ? 107 ARG A N   1 
ATOM   381  C  CA  . ARG A 1 77  ? -7.43754  -8.83582  -2.97920  1.000 25.94826 ? 107 ARG A CA  1 
ATOM   382  C  C   . ARG A 1 77  ? -6.52638  -9.18142  -4.14702  1.000 29.03305 ? 107 ARG A C   1 
ATOM   383  O  O   . ARG A 1 77  ? -6.99918  -9.31719  -5.27993  1.000 29.95549 ? 107 ARG A O   1 
ATOM   384  C  CB  . ARG A 1 77  ? -7.37361  -7.32360  -2.71361  1.000 29.25506 ? 107 ARG A CB  1 
ATOM   385  C  CG  . ARG A 1 77  ? -8.20352  -6.92017  -1.53343  1.000 31.03250 ? 107 ARG A CG  1 
ATOM   386  C  CD  . ARG A 1 77  ? -8.24827  -5.41927  -1.19478  1.000 39.46103 ? 107 ARG A CD  1 
ATOM   387  N  NE  . ARG A 1 77  ? -9.28411  -5.28361  -0.17368  1.000 40.81744 ? 107 ARG A NE  1 
ATOM   388  C  CZ  . ARG A 1 77  ? -9.28797  -4.38496  0.80003   1.000 39.35282 ? 107 ARG A CZ  1 
ATOM   389  N  NH1 . ARG A 1 77  ? -8.35966  -3.44350  0.87819   1.000 44.30054 ? 107 ARG A NH1 1 
ATOM   390  N  NH2 . ARG A 1 77  ? -10.25299 -4.43013  1.71744   1.000 40.43810 ? 107 ARG A NH2 1 
ATOM   391  N  N   . TRP A 1 78  ? -5.23063  -9.33849  -3.89617  1.000 24.26369 ? 108 TRP A N   1 
ATOM   392  C  CA  . TRP A 1 78  ? -4.23673  -9.56792  -4.93226  1.000 27.27729 ? 108 TRP A CA  1 
ATOM   393  C  C   . TRP A 1 78  ? -3.44851  -10.82781 -4.62016  1.000 25.21392 ? 108 TRP A C   1 
ATOM   394  O  O   . TRP A 1 78  ? -3.39040  -11.25259 -3.46330  1.000 27.00448 ? 108 TRP A O   1 
ATOM   395  C  CB  . TRP A 1 78  ? -3.27571  -8.36669  -5.04119  1.000 23.74016 ? 108 TRP A CB  1 
ATOM   396  C  CG  . TRP A 1 78  ? -4.01196  -7.07919  -5.25499  1.000 25.06838 ? 108 TRP A CG  1 
ATOM   397  C  CD1 . TRP A 1 78  ? -4.29518  -6.12403  -4.31519  1.000 24.97050 ? 108 TRP A CD1 1 
ATOM   398  C  CD2 . TRP A 1 78  ? -4.59949  -6.61716  -6.48289  1.000 27.33256 ? 108 TRP A CD2 1 
ATOM   399  N  NE1 . TRP A 1 78  ? -5.00056  -5.09138  -4.88804  1.000 23.95061 ? 108 TRP A NE1 1 
ATOM   400  C  CE2 . TRP A 1 78  ? -5.21018  -5.37160  -6.21266  1.000 26.68124 ? 108 TRP A CE2 1 
ATOM   401  C  CE3 . TRP A 1 78  ? -4.64880  -7.12486  -7.78843  1.000 26.57683 ? 108 TRP A CE3 1 
ATOM   402  C  CZ2 . TRP A 1 78  ? -5.87331  -4.62642  -7.20232  1.000 24.61049 ? 108 TRP A CZ2 1 
ATOM   403  C  CZ3 . TRP A 1 78  ? -5.32109  -6.38850  -8.76699  1.000 26.22718 ? 108 TRP A CZ3 1 
ATOM   404  C  CH2 . TRP A 1 78  ? -5.92351  -5.15586  -8.46204  1.000 23.27864 ? 108 TRP A CH2 1 
ATOM   405  N  N   . PRO A 1 79  ? -2.85133  -11.45522 -5.61858  1.000 27.47607 ? 109 PRO A N   1 
ATOM   406  C  CA  . PRO A 1 79  ? -1.96896  -12.58346 -5.32649  1.000 32.34745 ? 109 PRO A CA  1 
ATOM   407  C  C   . PRO A 1 79  ? -0.62026  -12.07455 -4.83910  1.000 32.95890 ? 109 PRO A C   1 
ATOM   408  O  O   . PRO A 1 79  ? 0.26516   -11.77848 -5.64643  1.000 33.10631 ? 109 PRO A O   1 
ATOM   409  C  CB  . PRO A 1 79  ? -1.87133  -13.31078 -6.66943  1.000 32.30989 ? 109 PRO A CB  1 
ATOM   410  C  CG  . PRO A 1 79  ? -2.08803  -12.25531 -7.67549  1.000 30.08915 ? 109 PRO A CG  1 
ATOM   411  C  CD  . PRO A 1 79  ? -3.01680  -11.25165 -7.06958  1.000 31.73906 ? 109 PRO A CD  1 
ATOM   412  N  N   . VAL A 1 80  ? -0.48998  -11.94878 -3.51848  1.000 29.33193 ? 110 VAL A N   1 
ATOM   413  C  CA  . VAL A 1 80  ? 0.70213   -11.41620 -2.86566  1.000 27.92242 ? 110 VAL A CA  1 
ATOM   414  C  C   . VAL A 1 80  ? 1.63648   -12.58336 -2.55140  1.000 31.76229 ? 110 VAL A C   1 
ATOM   415  O  O   . VAL A 1 80  ? 1.29740   -13.48626 -1.76645  1.000 26.18415 ? 110 VAL A O   1 
ATOM   416  C  CB  . VAL A 1 80  ? 0.33880   -10.63998 -1.58857  1.000 25.47148 ? 110 VAL A CB  1 
ATOM   417  C  CG1 . VAL A 1 80  ? 1.59066   -10.10044 -0.91632  1.000 25.56655 ? 110 VAL A CG1 1 
ATOM   418  C  CG2 . VAL A 1 80  ? -0.63323  -9.47141  -1.89888  1.000 23.20516 ? 110 VAL A CG2 1 
ATOM   419  N  N   . LYS A 1 81  ? 2.80166   -12.57757 -3.18668  1.000 26.68172 ? 111 LYS A N   1 
ATOM   420  C  CA  . LYS A 1 81  ? 3.80577   -13.61347 -2.99901  1.000 29.65306 ? 111 LYS A CA  1 
ATOM   421  C  C   . LYS A 1 81  ? 4.89205   -13.16737 -2.03264  1.000 25.06466 ? 111 LYS A C   1 
ATOM   422  O  O   . LYS A 1 81  ? 5.24326   -13.89856 -1.10563  1.000 24.35967 ? 111 LYS A O   1 
ATOM   423  C  CB  . LYS A 1 81  ? 4.45037   -13.99569 -4.34394  1.000 32.47840 ? 111 LYS A CB  1 
ATOM   424  C  CG  . LYS A 1 81  ? 3.51806   -14.65147 -5.37617  1.000 38.24897 ? 111 LYS A CG  1 
ATOM   425  C  CD  . LYS A 1 81  ? 3.13400   -16.07825 -5.01325  1.000 42.21387 ? 111 LYS A CD  1 
ATOM   426  C  CE  . LYS A 1 81  ? 1.74398   -16.41647 -5.55717  1.000 47.03356 ? 111 LYS A CE  1 
ATOM   427  N  NZ  . LYS A 1 81  ? 1.71020   -17.61613 -6.45018  1.000 46.79292 ? 111 LYS A NZ  1 
ATOM   428  N  N   . THR A 1 82  ? 5.44862   -11.98324 -2.24780  1.000 25.49836 ? 112 THR A N   1 
ATOM   429  C  CA  . THR A 1 82  ? 6.53881   -11.48125 -1.42623  1.000 25.43727 ? 112 THR A CA  1 
ATOM   430  C  C   . THR A 1 82  ? 6.32804   -10.00233 -1.14320  1.000 25.16353 ? 112 THR A C   1 
ATOM   431  O  O   . THR A 1 82  ? 5.80123   -9.25804  -1.97672  1.000 26.78709 ? 112 THR A O   1 
ATOM   432  C  CB  . THR A 1 82  ? 7.90394   -11.69386 -2.11591  1.000 30.10485 ? 112 THR A CB  1 
ATOM   433  O  OG1 . THR A 1 82  ? 7.96048   -10.91123 -3.30789  1.000 35.29506 ? 112 THR A OG1 1 
ATOM   434  C  CG2 . THR A 1 82  ? 8.09087   -13.15501 -2.50733  1.000 25.54229 ? 112 THR A CG2 1 
ATOM   435  N  N   . VAL A 1 83  ? 6.71457   -9.57782  0.05107   1.000 23.18062 ? 113 VAL A N   1 
ATOM   436  C  CA  . VAL A 1 83  ? 6.59300   -8.18109  0.44707   1.000 22.42641 ? 113 VAL A CA  1 
ATOM   437  C  C   . VAL A 1 83  ? 7.96802   -7.67313  0.85548   1.000 26.84040 ? 113 VAL A C   1 
ATOM   438  O  O   . VAL A 1 83  ? 8.68803   -8.34058  1.60897   1.000 27.55128 ? 113 VAL A O   1 
ATOM   439  C  CB  . VAL A 1 83  ? 5.58581   -7.99398  1.58961   1.000 25.35458 ? 113 VAL A CB  1 
ATOM   440  C  CG1 . VAL A 1 83  ? 5.54202   -6.54794  2.02334   1.000 29.46656 ? 113 VAL A CG1 1 
ATOM   441  C  CG2 . VAL A 1 83  ? 4.21480   -8.48471  1.17042   1.000 20.86541 ? 113 VAL A CG2 1 
ATOM   442  N  N   . HIS A 1 84  ? 8.32270   -6.49635  0.35708   1.000 24.17255 ? 114 HIS A N   1 
ATOM   443  C  CA  . HIS A 1 84  ? 9.54767   -5.80134  0.71564   1.000 26.95246 ? 114 HIS A CA  1 
ATOM   444  C  C   . HIS A 1 84  ? 9.20461   -4.53533  1.49064   1.000 28.60256 ? 114 HIS A C   1 
ATOM   445  O  O   . HIS A 1 84  ? 8.10527   -3.98437  1.36717   1.000 26.08917 ? 114 HIS A O   1 
ATOM   446  C  CB  . HIS A 1 84  ? 10.35504  -5.44661  -0.53917  1.000 29.18621 ? 114 HIS A CB  1 
ATOM   447  C  CG  . HIS A 1 84  ? 11.69200  -4.83210  -0.24693  1.000 33.78339 ? 114 HIS A CG  1 
ATOM   448  N  ND1 . HIS A 1 84  ? 12.02303  -3.54925  -0.63043  1.000 39.53172 ? 114 HIS A ND1 1 
ATOM   449  C  CD2 . HIS A 1 84  ? 12.78182  -5.32265  0.39412   1.000 35.97676 ? 114 HIS A CD2 1 
ATOM   450  C  CE1 . HIS A 1 84  ? 13.25872  -3.27661  -0.24292  1.000 33.87714 ? 114 HIS A CE1 1 
ATOM   451  N  NE2 . HIS A 1 84  ? 13.74070  -4.33512  0.38294   1.000 35.27503 ? 114 HIS A NE2 1 
ATOM   452  N  N   . THR A 1 85  ? 10.14319  -4.07785  2.30437   1.000 23.71694 ? 115 THR A N   1 
ATOM   453  C  CA  . THR A 1 85  ? 9.94471   -2.83295  3.03529   1.000 26.10376 ? 115 THR A CA  1 
ATOM   454  C  C   . THR A 1 85  ? 11.28361  -2.13309  3.12436   1.000 27.52428 ? 115 THR A C   1 
ATOM   455  O  O   . THR A 1 85  ? 12.33265  -2.75955  2.97435   1.000 26.35589 ? 115 THR A O   1 
ATOM   456  C  CB  . THR A 1 85  ? 9.36679   -3.07698  4.44207   1.000 22.17780 ? 115 THR A CB  1 
ATOM   457  O  OG1 . THR A 1 85  ? 9.06544   -1.83938  5.10471   1.000 20.13779 ? 115 THR A OG1 1 
ATOM   458  C  CG2 . THR A 1 85  ? 10.35299  -3.88792  5.29459   1.000 24.94408 ? 115 THR A CG2 1 
ATOM   459  N  N   . ASP A 1 86  ? 11.23460  -0.83288  3.37335   1.000 27.38734 ? 116 ASP A N   1 
ATOM   460  C  CA  . ASP A 1 86  ? 12.44038  -0.05551  3.60980   1.000 28.89339 ? 116 ASP A CA  1 
ATOM   461  C  C   . ASP A 1 86  ? 12.81798  0.02823   5.08808   1.000 28.62580 ? 116 ASP A C   1 
ATOM   462  O  O   . ASP A 1 86  ? 13.84632  0.62766   5.40871   1.000 29.04447 ? 116 ASP A O   1 
ATOM   463  C  CB  . ASP A 1 86  ? 12.27758  1.36036   3.05060   1.000 30.39709 ? 116 ASP A CB  1 
ATOM   464  C  CG  . ASP A 1 86  ? 12.47936  1.42346   1.53230   1.000 38.11442 ? 116 ASP A CG  1 
ATOM   465  O  OD1 . ASP A 1 86  ? 12.11197  2.45913   0.94150   1.000 37.14289 ? 116 ASP A OD1 1 
ATOM   466  O  OD2 . ASP A 1 86  ? 12.96008  0.42945   0.91954   1.000 38.33865 ? 116 ASP A OD2 1 
ATOM   467  N  N   . ASN A 1 87  ? 12.00485  -0.52488  5.99091   1.000 22.09350 ? 117 ASN A N   1 
ATOM   468  C  CA  . ASN A 1 87  ? 12.31887  -0.59677  7.41743   1.000 22.63857 ? 117 ASN A CA  1 
ATOM   469  C  C   . ASN A 1 87  ? 12.03498  -2.03714  7.83983   1.000 23.59148 ? 117 ASN A C   1 
ATOM   470  O  O   . ASN A 1 87  ? 10.89622  -2.38310  8.17134   1.000 21.84895 ? 117 ASN A O   1 
ATOM   471  C  CB  . ASN A 1 87  ? 11.51085  0.42127   8.22658   1.000 23.78612 ? 117 ASN A CB  1 
ATOM   472  C  CG  . ASN A 1 87  ? 11.87568  0.42504   9.70728   1.000 28.12734 ? 117 ASN A CG  1 
ATOM   473  O  OD1 . ASN A 1 87  ? 12.58095  -0.46006  10.19087  1.000 29.07237 ? 117 ASN A OD1 1 
ATOM   474  N  ND2 . ASN A 1 87  ? 11.42734  1.45132   10.42683  1.000 28.73531 ? 117 ASN A ND2 1 
ATOM   475  N  N   . GLY A 1 88  ? 13.08410  -2.86941  7.81658   1.000 22.36060 ? 118 GLY A N   1 
ATOM   476  C  CA  . GLY A 1 88  ? 12.91584  -4.29342  8.07511   1.000 25.37813 ? 118 GLY A CA  1 
ATOM   477  C  C   . GLY A 1 88  ? 12.37190  -4.60587  9.45239   1.000 21.61747 ? 118 GLY A C   1 
ATOM   478  O  O   . GLY A 1 88  ? 11.71537  -5.63660  9.64206   1.000 23.31098 ? 118 GLY A O   1 
ATOM   479  N  N   . SER A 1 89  ? 12.61015  -3.72208  10.42986  1.000 20.52650 ? 119 SER A N   1 
ATOM   480  C  CA  . SER A 1 89  ? 12.01892  -3.92393  11.75010  1.000 24.74431 ? 119 SER A CA  1 
ATOM   481  C  C   . SER A 1 89  ? 10.49520  -3.82640  11.74242  1.000 23.80784 ? 119 SER A C   1 
ATOM   482  O  O   . SER A 1 89  ? 9.88215   -4.24081  12.72407  1.000 24.55191 ? 119 SER A O   1 
ATOM   483  C  CB  . SER A 1 89  ? 12.59025  -2.93939  12.78725  1.000 25.20157 ? 119 SER A CB  1 
ATOM   484  O  OG  . SER A 1 89  ? 12.17024  -1.60243  12.59678  1.000 24.27962 ? 119 SER A OG  1 
ATOM   485  N  N   . ASN A 1 90  ? 9.88715   -3.32231  10.66064  1.000 26.30659 ? 120 ASN A N   1 
ATOM   486  C  CA  . ASN A 1 90  ? 8.42572   -3.33531  10.51226  1.000 26.24690 ? 120 ASN A CA  1 
ATOM   487  C  C   . ASN A 1 90  ? 7.84431   -4.73986  10.66125  1.000 23.77150 ? 120 ASN A C   1 
ATOM   488  O  O   . ASN A 1 90  ? 6.70128   -4.89226  11.09209  1.000 25.44943 ? 120 ASN A O   1 
ATOM   489  C  CB  . ASN A 1 90  ? 8.01823   -2.81609  9.12239   1.000 27.90851 ? 120 ASN A CB  1 
ATOM   490  C  CG  . ASN A 1 90  ? 8.06621   -1.30137  8.98556   1.000 33.43318 ? 120 ASN A CG  1 
ATOM   491  O  OD1 . ASN A 1 90  ? 7.97723   -0.55952  9.97508   1.000 33.19474 ? 120 ASN A OD1 1 
ATOM   492  N  ND2 . ASN A 1 90  ? 8.19369   -0.82933  7.72958   1.000 22.58441 ? 120 ASN A ND2 1 
ATOM   493  N  N   . PHE A 1 91  ? 8.59590   -5.76829  10.27566  1.000 23.75862 ? 121 PHE A N   1 
ATOM   494  C  CA  . PHE A 1 91  ? 8.07822   -7.11548  10.08200  1.000 27.33314 ? 121 PHE A CA  1 
ATOM   495  C  C   . PHE A 1 91  ? 8.52662   -8.08446  11.16644  1.000 28.06090 ? 121 PHE A C   1 
ATOM   496  O  O   . PHE A 1 91  ? 8.49384   -9.30324  10.95177  1.000 27.35867 ? 121 PHE A O   1 
ATOM   497  C  CB  . PHE A 1 91  ? 8.50443   -7.66070  8.71664   1.000 29.75804 ? 121 PHE A CB  1 
ATOM   498  C  CG  . PHE A 1 91  ? 7.88888   -6.93989  7.54118   1.000 26.70198 ? 121 PHE A CG  1 
ATOM   499  C  CD1 . PHE A 1 91  ? 6.70348   -6.23858  7.67983   1.000 24.92968 ? 121 PHE A CD1 1 
ATOM   500  C  CD2 . PHE A 1 91  ? 8.48495   -7.01040  6.28635   1.000 30.73705 ? 121 PHE A CD2 1 
ATOM   501  C  CE1 . PHE A 1 91  ? 6.14161   -5.57619  6.59667   1.000 29.35176 ? 121 PHE A CE1 1 
ATOM   502  C  CE2 . PHE A 1 91  ? 7.92965   -6.35388  5.19261   1.000 28.01953 ? 121 PHE A CE2 1 
ATOM   503  C  CZ  . PHE A 1 91  ? 6.76368   -5.63385  5.34803   1.000 27.57073 ? 121 PHE A CZ  1 
ATOM   504  N  N   . THR A 1 92  ? 8.97412   -7.57854  12.31597  1.000 30.76022 ? 122 THR A N   1 
ATOM   505  C  CA  . THR A 1 92  ? 9.47674   -8.46423  13.36347  1.000 29.53913 ? 122 THR A CA  1 
ATOM   506  C  C   . THR A 1 92  ? 8.40231   -8.95129  14.32240  1.000 30.77449 ? 122 THR A C   1 
ATOM   507  O  O   . THR A 1 92  ? 8.66635   -9.88009  15.09631  1.000 38.18569 ? 122 THR A O   1 
ATOM   508  C  CB  . THR A 1 92  ? 10.55521  -7.77548  14.18527  1.000 31.04713 ? 122 THR A CB  1 
ATOM   509  O  OG1 . THR A 1 92  ? 9.96988   -6.64239  14.84671  1.000 34.34019 ? 122 THR A OG1 1 
ATOM   510  C  CG2 . THR A 1 92  ? 11.71938  -7.35040  13.28436  1.000 26.96939 ? 122 THR A CG2 1 
ATOM   511  N  N   . SER A 1 93  ? 7.21523   -8.35901  14.31690  1.000 28.10695 ? 123 SER A N   1 
ATOM   512  C  CA  . SER A 1 93  ? 6.24504   -8.74214  15.32616  1.000 32.86762 ? 123 SER A CA  1 
ATOM   513  C  C   . SER A 1 93  ? 5.69360   -10.13224 15.04818  1.000 29.20255 ? 123 SER A C   1 
ATOM   514  O  O   . SER A 1 93  ? 5.59355   -10.58820 13.89793  1.000 28.51555 ? 123 SER A O   1 
ATOM   515  C  CB  . SER A 1 93  ? 5.09051   -7.74229  15.41584  1.000 31.52002 ? 123 SER A CB  1 
ATOM   516  O  OG  . SER A 1 93  ? 4.25804   -7.83595  14.28037  1.000 30.86626 ? 123 SER A OG  1 
ATOM   517  N  N   . THR A 1 94  ? 5.34717   -10.80185 16.14025  1.000 30.64060 ? 124 THR A N   1 
ATOM   518  C  CA  . THR A 1 94  ? 4.67067   -12.08499 16.06469  1.000 32.28615 ? 124 THR A CA  1 
ATOM   519  C  C   . THR A 1 94  ? 3.41937   -12.00492 15.20536  1.000 27.47796 ? 124 THR A C   1 
ATOM   520  O  O   . THR A 1 94  ? 3.12739   -12.93698 14.44936  1.000 23.49543 ? 124 THR A O   1 
ATOM   521  C  CB  . THR A 1 94  ? 4.33216   -12.54855 17.47588  1.000 28.76991 ? 124 THR A CB  1 
ATOM   522  O  OG1 . THR A 1 94  ? 5.55430   -12.72373 18.19633  1.000 36.17665 ? 124 THR A OG1 1 
ATOM   523  C  CG2 . THR A 1 94  ? 3.59164   -13.85661 17.43956  1.000 35.23280 ? 124 THR A CG2 1 
ATOM   524  N  N   . THR A 1 95  ? 2.67154   -10.89499 15.30419  1.000 25.15298 ? 125 THR A N   1 
ATOM   525  C  CA  . THR A 1 95  ? 1.41924   -10.78434 14.55864  1.000 25.41219 ? 125 THR A CA  1 
ATOM   526  C  C   . THR A 1 95  ? 1.67792   -10.67335 13.06486  1.000 22.78453 ? 125 THR A C   1 
ATOM   527  O  O   . THR A 1 95  ? 0.98749   -11.31523 12.26137  1.000 21.35009 ? 125 THR A O   1 
ATOM   528  C  CB  . THR A 1 95  ? 0.58850   -9.59210  15.05825  1.000 25.86630 ? 125 THR A CB  1 
ATOM   529  O  OG1 . THR A 1 95  ? 1.36026   -8.39039  14.99025  1.000 29.97350 ? 125 THR A OG1 1 
ATOM   530  C  CG2 . THR A 1 95  ? 0.14793   -9.81006  16.50764  1.000 30.49014 ? 125 THR A CG2 1 
ATOM   531  N  N   . VAL A 1 96  ? 2.66136   -9.85856  12.66023  1.000 20.91071 ? 126 VAL A N   1 
ATOM   532  C  CA  . VAL A 1 96  ? 2.99365   -9.78691  11.24170  1.000 20.20347 ? 126 VAL A CA  1 
ATOM   533  C  C   . VAL A 1 96  ? 3.42796   -11.15360 10.72589  1.000 22.07475 ? 126 VAL A C   1 
ATOM   534  O  O   . VAL A 1 96  ? 2.96996   -11.61730 9.67262   1.000 21.72812 ? 126 VAL A O   1 
ATOM   535  C  CB  . VAL A 1 96  ? 4.06895   -8.71451  10.98174  1.000 22.87954 ? 126 VAL A CB  1 
ATOM   536  C  CG1 . VAL A 1 96  ? 4.61472   -8.84294  9.55320   1.000 25.91265 ? 126 VAL A CG1 1 
ATOM   537  C  CG2 . VAL A 1 96  ? 3.48206   -7.34868  11.19572  1.000 23.53324 ? 126 VAL A CG2 1 
ATOM   538  N  N   . LYS A 1 97  ? 4.31639   -11.82109 11.46041  1.000 22.38132 ? 127 LYS A N   1 
ATOM   539  C  CA  . LYS A 1 97  ? 4.75520   -13.14532 11.04209  1.000 24.76401 ? 127 LYS A CA  1 
ATOM   540  C  C   . LYS A 1 97  ? 3.57723   -14.10889 10.89038  1.000 23.14054 ? 127 LYS A C   1 
ATOM   541  O  O   . LYS A 1 97  ? 3.55992   -14.93336 9.97490   1.000 21.10858 ? 127 LYS A O   1 
ATOM   542  C  CB  . LYS A 1 97  ? 5.76327   -13.69329 12.04158  1.000 26.81629 ? 127 LYS A CB  1 
ATOM   543  C  CG  . LYS A 1 97  ? 7.08520   -12.93969 12.02230  1.000 30.76329 ? 127 LYS A CG  1 
ATOM   544  C  CD  . LYS A 1 97  ? 8.10936   -13.67958 12.86818  1.000 31.04161 ? 127 LYS A CD  1 
ATOM   545  C  CE  . LYS A 1 97  ? 9.35949   -12.86059 13.03602  1.000 37.95658 ? 127 LYS A CE  1 
ATOM   546  N  NZ  . LYS A 1 97  ? 10.10375  -13.39075 14.21532  1.000 46.04068 ? 127 LYS A NZ  1 
ATOM   547  N  N   . ALA A 1 98  ? 2.57802   -14.00839 11.76589  1.000 24.54656 ? 128 ALA A N   1 
ATOM   548  C  CA  . ALA A 1 98  ? 1.41270   -14.88613 11.64721  1.000 21.14068 ? 128 ALA A CA  1 
ATOM   549  C  C   . ALA A 1 98  ? 0.60192   -14.58713 10.39148  1.000 20.74727 ? 128 ALA A C   1 
ATOM   550  O  O   . ALA A 1 98  ? 0.12303   -15.51165 9.70602   1.000 19.77312 ? 128 ALA A O   1 
ATOM   551  C  CB  . ALA A 1 98  ? 0.54385   -14.74832 12.89421  1.000 25.03239 ? 128 ALA A CB  1 
ATOM   552  N  N   . ALA A 1 99  ? 0.40238   -13.30572 10.08608  1.000 21.06631 ? 129 ALA A N   1 
ATOM   553  C  CA  . ALA A 1 99  ? -0.33972  -12.94089 8.88482   1.000 20.51000 ? 129 ALA A CA  1 
ATOM   554  C  C   . ALA A 1 99  ? 0.36782   -13.47360 7.63331   1.000 22.17051 ? 129 ALA A C   1 
ATOM   555  O  O   . ALA A 1 99  ? -0.27063  -14.00998 6.73824   1.000 18.99507 ? 129 ALA A O   1 
ATOM   556  C  CB  . ALA A 1 99  ? -0.51506  -11.41442 8.79436   1.000 20.60158 ? 129 ALA A CB  1 
HETATM 557  N  N   . CAS A 1 100 ? 1.69425   -13.32986 7.57543   1.000 20.59663 ? 130 CAS A N   1 
HETATM 558  C  CA  . CAS A 1 100 ? 2.44365   -13.77979 6.41127   1.000 19.33279 ? 130 CAS A CA  1 
HETATM 559  C  CB  . CAS A 1 100 ? 3.90535   -13.35664 6.50773   1.000 22.14790 ? 130 CAS A CB  1 
HETATM 560  C  C   . CAS A 1 100 ? 2.39622   -15.30146 6.29236   1.000 21.79306 ? 130 CAS A C   1 
HETATM 561  O  O   . CAS A 1 100 ? 2.32814   -15.85378 5.16850   1.000 23.04381 ? 130 CAS A O   1 
HETATM 562  S  SG  . CAS A 1 100 ? 4.00288   -11.58752 6.16734   1.000 25.39855 ? 130 CAS A SG  1 
HETATM 563  AS AS  . CAS A 1 100 ? 6.16193   -11.38316 5.67764   1.000 38.40829 ? 130 CAS A AS  1 
HETATM 564  C  CE1 . CAS A 1 100 ? 6.35663   -9.65496  4.77087   1.000 35.74246 ? 130 CAS A CE1 1 
HETATM 565  C  CE2 . CAS A 1 100 ? 6.91567   -11.15905 7.47139   1.000 30.84971 ? 130 CAS A CE2 1 
ATOM   566  N  N   . TRP A 1 101 ? 2.48045   -15.96851 7.43078   1.000 22.63241 ? 131 TRP A N   1 
ATOM   567  C  CA  . TRP A 1 101 ? 2.37541   -17.42487 7.46845   1.000 25.49628 ? 131 TRP A CA  1 
ATOM   568  C  C   . TRP A 1 101 ? 1.02032   -17.89606 6.94113   1.000 23.70381 ? 131 TRP A C   1 
ATOM   569  O  O   . TRP A 1 101 ? 0.95240   -18.77676 6.08132   1.000 23.20500 ? 131 TRP A O   1 
ATOM   570  C  CB  . TRP A 1 101 ? 2.59545   -17.95181 8.89386   1.000 23.81069 ? 131 TRP A CB  1 
ATOM   571  C  CG  . TRP A 1 101 ? 2.15625   -19.41019 9.06293   1.000 27.04717 ? 131 TRP A CG  1 
ATOM   572  C  CD1 . TRP A 1 101 ? 2.85641   -20.54860 8.68504   1.000 27.44333 ? 131 TRP A CD1 1 
ATOM   573  C  CD2 . TRP A 1 101 ? 0.91646   -19.87652 9.61839   1.000 24.69586 ? 131 TRP A CD2 1 
ATOM   574  N  NE1 . TRP A 1 101 ? 2.12233   -21.67421 8.99421   1.000 24.13260 ? 131 TRP A NE1 1 
ATOM   575  C  CE2 . TRP A 1 101 ? 0.93441   -21.29278 9.55985   1.000 25.74842 ? 131 TRP A CE2 1 
ATOM   576  C  CE3 . TRP A 1 101 ? -0.21001  -19.23628 10.15713  1.000 24.01489 ? 131 TRP A CE3 1 
ATOM   577  C  CZ2 . TRP A 1 101 ? -0.12357  -22.06776 10.01828  1.000 27.60986 ? 131 TRP A CZ2 1 
ATOM   578  C  CZ3 . TRP A 1 101 ? -1.25472  -20.01421 10.61557  1.000 25.90950 ? 131 TRP A CZ3 1 
ATOM   579  C  CH2 . TRP A 1 101 ? -1.20408  -21.41493 10.54060  1.000 28.18423 ? 131 TRP A CH2 1 
ATOM   580  N  N   . TRP A 1 102 ? -0.06676  -17.30736 7.44719   1.000 21.63403 ? 132 TRP A N   1 
ATOM   581  C  CA  . TRP A 1 102 ? -1.38888  -17.80363 7.06908   1.000 20.86966 ? 132 TRP A CA  1 
ATOM   582  C  C   . TRP A 1 102 ? -1.68300  -17.53073 5.59855   1.000 23.43013 ? 132 TRP A C   1 
ATOM   583  O  O   . TRP A 1 102 ? -2.24766  -18.38127 4.89606   1.000 21.22685 ? 132 TRP A O   1 
ATOM   584  C  CB  . TRP A 1 102 ? -2.46501  -17.17461 7.95436   1.000 23.81358 ? 132 TRP A CB  1 
ATOM   585  C  CG  . TRP A 1 102 ? -3.80824  -17.76853 7.69889   1.000 22.52460 ? 132 TRP A CG  1 
ATOM   586  C  CD1 . TRP A 1 102 ? -4.32871  -18.89913 8.28271   1.000 24.07400 ? 132 TRP A CD1 1 
ATOM   587  C  CD2 . TRP A 1 102 ? -4.79637  -17.29352 6.78008   1.000 23.28354 ? 132 TRP A CD2 1 
ATOM   588  N  NE1 . TRP A 1 102 ? -5.59208  -19.14881 7.78365   1.000 24.18819 ? 132 TRP A NE1 1 
ATOM   589  C  CE2 . TRP A 1 102 ? -5.90090  -18.17963 6.85997   1.000 26.11684 ? 132 TRP A CE2 1 
ATOM   590  C  CE3 . TRP A 1 102 ? -4.85696  -16.20543 5.89319   1.000 21.83664 ? 132 TRP A CE3 1 
ATOM   591  C  CZ2 . TRP A 1 102 ? -7.05754  -18.00467 6.10117   1.000 23.98459 ? 132 TRP A CZ2 1 
ATOM   592  C  CZ3 . TRP A 1 102 ? -6.00325  -16.03757 5.13728   1.000 22.86083 ? 132 TRP A CZ3 1 
ATOM   593  C  CH2 . TRP A 1 102 ? -7.08945  -16.93713 5.24346   1.000 23.00371 ? 132 TRP A CH2 1 
ATOM   594  N  N   . ALA A 1 103 ? -1.29254  -16.35917 5.11337   1.000 20.42298 ? 133 ALA A N   1 
ATOM   595  C  CA  . ALA A 1 103 ? -1.57592  -15.93600 3.75386   1.000 23.14714 ? 133 ALA A CA  1 
ATOM   596  C  C   . ALA A 1 103 ? -0.55226  -16.45100 2.75608   1.000 23.08260 ? 133 ALA A C   1 
ATOM   597  O  O   . ALA A 1 103 ? -0.73691  -16.26166 1.54601   1.000 23.61729 ? 133 ALA A O   1 
ATOM   598  C  CB  . ALA A 1 103 ? -1.64238  -14.39892 3.68872   1.000 22.09416 ? 133 ALA A CB  1 
ATOM   599  N  N   . GLY A 1 104 ? 0.50591   -17.10631 3.22482   1.000 23.28855 ? 134 GLY A N   1 
ATOM   600  C  CA  . GLY A 1 104 ? 1.50628   -17.65512 2.31847   1.000 25.09770 ? 134 GLY A CA  1 
ATOM   601  C  C   . GLY A 1 104 ? 2.46552   -16.62276 1.75815   1.000 27.49622 ? 134 GLY A C   1 
ATOM   602  O  O   . GLY A 1 104 ? 2.90100   -16.74469 0.61209   1.000 30.62295 ? 134 GLY A O   1 
ATOM   603  N  N   . ILE A 1 105 ? 2.79155   -15.60352 2.52518   1.000 27.83420 ? 135 ILE A N   1 
ATOM   604  C  CA  . ILE A 1 105 ? 3.65712   -14.52105 2.05851   1.000 25.73382 ? 135 ILE A CA  1 
ATOM   605  C  C   . ILE A 1 105 ? 5.07001   -14.78213 2.55838   1.000 29.12765 ? 135 ILE A C   1 
ATOM   606  O  O   . ILE A 1 105 ? 5.25508   -15.22405 3.69388   1.000 28.75221 ? 135 ILE A O   1 
ATOM   607  C  CB  . ILE A 1 105 ? 3.14511   -13.15088 2.54554   1.000 23.91461 ? 135 ILE A CB  1 
ATOM   608  C  CG1 . ILE A 1 105 ? 1.71877   -12.89560 2.04880   1.000 25.28098 ? 135 ILE A CG1 1 
ATOM   609  C  CG2 . ILE A 1 105 ? 4.07924   -12.02530 2.09517   1.000 24.70080 ? 135 ILE A CG2 1 
ATOM   610  C  CD1 . ILE A 1 105 ? 1.02319   -11.72104 2.72585   1.000 23.90460 ? 135 ILE A CD1 1 
ATOM   611  N  N   . LYS A 1 106 ? 6.06949   -14.50220 1.71988   1.000 28.81214 ? 136 LYS A N   1 
ATOM   612  C  CA  . LYS A 1 106 ? 7.46721   -14.51427 2.14196   1.000 34.33455 ? 136 LYS A CA  1 
ATOM   613  C  C   . LYS A 1 106 ? 8.01826   -13.09458 2.10940   1.000 32.78156 ? 136 LYS A C   1 
ATOM   614  O  O   . LYS A 1 106 ? 7.48645   -12.21138 1.43565   1.000 31.95748 ? 136 LYS A O   1 
ATOM   615  C  CB  . LYS A 1 106 ? 8.32845   -15.41367 1.24450   1.000 33.82141 ? 136 LYS A CB  1 
ATOM   616  C  CG  . LYS A 1 106 ? 7.89489   -16.88643 1.13484   1.000 43.00619 ? 136 LYS A CG  1 
ATOM   617  C  CD  . LYS A 1 106 ? 7.30156   -17.44816 2.43466   1.000 41.97583 ? 136 LYS A CD  1 
ATOM   618  C  CE  . LYS A 1 106 ? 7.65397   -18.92813 2.65444   1.000 45.31459 ? 136 LYS A CE  1 
ATOM   619  N  NZ  . LYS A 1 106 ? 8.72835   -19.13635 3.68463   1.000 45.98321 ? 136 LYS A NZ  1 
ATOM   620  N  N   . GLN A 1 107 ? 9.08023   -12.85628 2.85630   1.000 37.00491 ? 137 GLN A N   1 
ATOM   621  C  CA  . GLN A 1 107 ? 9.62889   -11.50133 2.85773   1.000 37.86528 ? 137 GLN A CA  1 
ATOM   622  C  C   . GLN A 1 107 ? 10.55346  -11.30474 1.66211   1.000 40.79459 ? 137 GLN A C   1 
ATOM   623  O  O   . GLN A 1 107 ? 11.22266  -12.25184 1.24898   1.000 44.02270 ? 137 GLN A O   1 
ATOM   624  C  CB  . GLN A 1 107 ? 10.37321  -11.20913 4.15547   1.000 40.36946 ? 137 GLN A CB  1 
ATOM   625  C  CG  . GLN A 1 107 ? 10.79221  -9.76432  4.28672   1.000 39.70263 ? 137 GLN A CG  1 
ATOM   626  C  CD  . GLN A 1 107 ? 11.22882  -9.40636  5.70134   1.000 41.95275 ? 137 GLN A CD  1 
ATOM   627  O  OE1 . GLN A 1 107 ? 11.06458  -10.19562 6.64523   1.000 43.96790 ? 137 GLN A OE1 1 
ATOM   628  N  NE2 . GLN A 1 107 ? 11.78078  -8.20492  5.85649   1.000 36.22399 ? 137 GLN A NE2 1 
ATOM   629  N  N   . MET A 1 124 ? 7.95653   6.92031   -3.79795  1.000 52.63222 ? 154 MET A N   1 
ATOM   630  C  CA  . MET A 1 124 ? 6.51907   7.13745   -3.99830  1.000 50.78390 ? 154 MET A CA  1 
ATOM   631  C  C   . MET A 1 124 ? 5.87183   7.83929   -2.81160  1.000 48.33512 ? 154 MET A C   1 
ATOM   632  O  O   . MET A 1 124 ? 4.85149   8.51662   -2.96733  1.000 44.72627 ? 154 MET A O   1 
ATOM   633  C  CB  . MET A 1 124 ? 5.79612   5.81998   -4.26183  1.000 50.64342 ? 154 MET A CB  1 
ATOM   634  C  CG  . MET A 1 124 ? 4.69866   5.94457   -5.31539  1.000 52.26952 ? 154 MET A CG  1 
ATOM   635  S  SD  . MET A 1 124 ? 5.36024   5.76704   -6.98382  1.000 69.08485 ? 154 MET A SD  1 
ATOM   636  C  CE  . MET A 1 124 ? 5.20750   4.00839   -7.25415  1.000 45.29591 ? 154 MET A CE  1 
ATOM   637  N  N   . ASN A 1 125 ? 6.46727   7.68101   -1.62344  1.000 46.67410 ? 155 ASN A N   1 
ATOM   638  C  CA  . ASN A 1 125 ? 6.02064   8.45889   -0.47269  1.000 48.57371 ? 155 ASN A CA  1 
ATOM   639  C  C   . ASN A 1 125 ? 5.95660   9.94946   -0.80103  1.000 50.03896 ? 155 ASN A C   1 
ATOM   640  O  O   . ASN A 1 125 ? 5.09161   10.66577  -0.27989  1.000 45.14048 ? 155 ASN A O   1 
ATOM   641  C  CB  . ASN A 1 125 ? 6.94233   8.20786   0.72769   1.000 47.04947 ? 155 ASN A CB  1 
ATOM   642  N  N   . LYS A 1 126 ? 6.83692   10.42493  -1.69172  1.000 49.90821 ? 156 LYS A N   1 
ATOM   643  C  CA  . LYS A 1 126 ? 6.84293   11.83092  -2.08861  1.000 48.47412 ? 156 LYS A CA  1 
ATOM   644  C  C   . LYS A 1 126 ? 5.78944   12.13422  -3.15489  1.000 45.77638 ? 156 LYS A C   1 
ATOM   645  O  O   . LYS A 1 126 ? 5.14105   13.18719  -3.10574  1.000 44.36564 ? 156 LYS A O   1 
ATOM   646  C  CB  . LYS A 1 126 ? 8.23402   12.22306  -2.59358  1.000 51.45098 ? 156 LYS A CB  1 
ATOM   647  N  N   . GLU A 1 127 ? 5.62530   11.24670  -4.14128  1.000 44.96890 ? 157 GLU A N   1 
ATOM   648  C  CA  . GLU A 1 127 ? 4.61944   11.47082  -5.17690  1.000 43.39236 ? 157 GLU A CA  1 
ATOM   649  C  C   . GLU A 1 127 ? 3.20308   11.41261  -4.60395  1.000 44.25524 ? 157 GLU A C   1 
ATOM   650  O  O   . GLU A 1 127 ? 2.31796   12.16918  -5.02749  1.000 40.80534 ? 157 GLU A O   1 
ATOM   651  C  CB  . GLU A 1 127 ? 4.79778   10.44792  -6.29995  1.000 45.88654 ? 157 GLU A CB  1 
ATOM   652  C  CG  . GLU A 1 127 ? 3.50647   9.98887   -6.97011  1.000 45.82545 ? 157 GLU A CG  1 
ATOM   653  C  CD  . GLU A 1 127 ? 2.93761   10.98748  -7.95900  1.000 52.26877 ? 157 GLU A CD  1 
ATOM   654  O  OE1 . GLU A 1 127 ? 3.36027   12.17080  -7.94392  1.000 55.91407 ? 157 GLU A OE1 1 
ATOM   655  O  OE2 . GLU A 1 127 ? 2.04242   10.58098  -8.74335  1.000 50.30562 ? 157 GLU A OE2 1 
ATOM   656  N  N   . LEU A 1 128 ? 2.96914   10.52613  -3.63419  1.000 42.78132 ? 158 LEU A N   1 
ATOM   657  C  CA  . LEU A 1 128 ? 1.64418   10.45082  -3.02984  1.000 37.86402 ? 158 LEU A CA  1 
ATOM   658  C  C   . LEU A 1 128 ? 1.40709   11.63127  -2.10054  1.000 38.68781 ? 158 LEU A C   1 
ATOM   659  O  O   . LEU A 1 128 ? 0.29773   12.18132  -2.06104  1.000 35.85844 ? 158 LEU A O   1 
ATOM   660  C  CB  . LEU A 1 128 ? 1.46983   9.11966   -2.28968  1.000 40.14670 ? 158 LEU A CB  1 
ATOM   661  C  CG  . LEU A 1 128 ? 0.11244   8.88137   -1.60694  1.000 37.74352 ? 158 LEU A CG  1 
ATOM   662  C  CD1 . LEU A 1 128 ? -0.90079  8.44936   -2.66971  1.000 33.79980 ? 158 LEU A CD1 1 
ATOM   663  C  CD2 . LEU A 1 128 ? 0.19094   7.82255   -0.49330  1.000 40.73933 ? 158 LEU A CD2 1 
ATOM   664  N  N   . LYS A 1 129 ? 2.44062   12.05409  -1.35753  1.000 35.61809 ? 159 LYS A N   1 
ATOM   665  C  CA  . LYS A 1 129 ? 2.30243   13.25418  -0.53337  1.000 38.50414 ? 159 LYS A CA  1 
ATOM   666  C  C   . LYS A 1 129 ? 2.01754   14.49252  -1.38313  1.000 33.01004 ? 159 LYS A C   1 
ATOM   667  O  O   . LYS A 1 129 ? 1.25346   15.37011  -0.95964  1.000 33.23304 ? 159 LYS A O   1 
ATOM   668  C  CB  . LYS A 1 129 ? 3.55688   13.45965  0.32804   1.000 42.58716 ? 159 LYS A CB  1 
ATOM   669  C  CG  . LYS A 1 129 ? 3.51650   12.71272  1.66811   1.000 38.63163 ? 159 LYS A CG  1 
ATOM   670  C  CD  . LYS A 1 129 ? 4.56510   13.23532  2.64884   1.000 41.95047 ? 159 LYS A CD  1 
ATOM   671  C  CE  . LYS A 1 129 ? 4.69345   12.31497  3.84669   1.000 37.27115 ? 159 LYS A CE  1 
ATOM   672  N  NZ  . LYS A 1 129 ? 5.97185   12.48994  4.59191   1.000 42.02131 ? 159 LYS A NZ  1 
ATOM   673  N  N   . LYS A 1 130 ? 2.60289   14.56721  -2.58225  1.000 33.01473 ? 160 LYS A N   1 
ATOM   674  C  CA  . LYS A 1 130 ? 2.30274   15.66667  -3.50200  1.000 38.28302 ? 160 LYS A CA  1 
ATOM   675  C  C   . LYS A 1 130 ? 0.81676   15.71386  -3.84893  1.000 32.01769 ? 160 LYS A C   1 
ATOM   676  O  O   . LYS A 1 130 ? 0.17952   16.76527  -3.74133  1.000 29.96712 ? 160 LYS A O   1 
ATOM   677  C  CB  . LYS A 1 130 ? 3.12404   15.53112  -4.78149  1.000 37.93389 ? 160 LYS A CB  1 
ATOM   678  C  CG  . LYS A 1 130 ? 2.68134   16.49296  -5.88966  1.000 39.69523 ? 160 LYS A CG  1 
ATOM   679  C  CD  . LYS A 1 130 ? 3.80948   16.79888  -6.84510  1.000 48.16206 ? 160 LYS A CD  1 
ATOM   680  C  CE  . LYS A 1 130 ? 3.80248   15.82314  -8.02731  1.000 51.99294 ? 160 LYS A CE  1 
ATOM   681  N  NZ  . LYS A 1 130 ? 3.48829   16.49058  -9.32698  1.000 51.45180 ? 160 LYS A NZ  1 
ATOM   682  N  N   . ILE A 1 131 ? 0.24553   14.58326  -4.28284  1.000 34.16609 ? 161 ILE A N   1 
ATOM   683  C  CA  . ILE A 1 131 ? -1.17952  14.59090  -4.62664  1.000 30.60502 ? 161 ILE A CA  1 
ATOM   684  C  C   . ILE A 1 131 ? -2.03076  14.91360  -3.40354  1.000 30.86683 ? 161 ILE A C   1 
ATOM   685  O  O   . ILE A 1 131 ? -2.96647  15.72299  -3.48547  1.000 29.19329 ? 161 ILE A O   1 
ATOM   686  C  CB  . ILE A 1 131 ? -1.60147  13.26739  -5.28994  1.000 31.84411 ? 161 ILE A CB  1 
ATOM   687  C  CG1 . ILE A 1 131 ? -0.79767  13.03629  -6.57258  1.000 30.95466 ? 161 ILE A CG1 1 
ATOM   688  C  CG2 . ILE A 1 131 ? -3.11103  13.29322  -5.62385  1.000 26.04891 ? 161 ILE A CG2 1 
ATOM   689  C  CD1 . ILE A 1 131 ? -0.81961  11.61342  -7.04541  1.000 37.69620 ? 161 ILE A CD1 1 
ATOM   690  N  N   . ILE A 1 132 ? -1.70664  14.32005  -2.24322  1.000 29.14736 ? 162 ILE A N   1 
ATOM   691  C  CA  . ILE A 1 132 ? -2.46025  14.62236  -1.02292  1.000 28.06683 ? 162 ILE A CA  1 
ATOM   692  C  C   . ILE A 1 132 ? -2.48246  16.12481  -0.77128  1.000 32.87764 ? 162 ILE A C   1 
ATOM   693  O  O   . ILE A 1 132 ? -3.51597  16.69017  -0.38495  1.000 30.89830 ? 162 ILE A O   1 
ATOM   694  C  CB  . ILE A 1 132 ? -1.88661  13.86684  0.19732   1.000 32.66271 ? 162 ILE A CB  1 
ATOM   695  C  CG1 . ILE A 1 132 ? -2.10298  12.35116  0.07698   1.000 29.33777 ? 162 ILE A CG1 1 
ATOM   696  C  CG2 . ILE A 1 132 ? -2.55123  14.36130  1.48206   1.000 27.64395 ? 162 ILE A CG2 1 
ATOM   697  C  CD1 . ILE A 1 132 ? -1.27554  11.53737  1.06342   1.000 28.59583 ? 162 ILE A CD1 1 
ATOM   698  N  N   . GLY A 1 133 ? -1.34505  16.80044  -0.98877  1.000 32.75423 ? 163 GLY A N   1 
ATOM   699  C  CA  . GLY A 1 133 ? -1.31692  18.24489  -0.79765  1.000 31.34291 ? 163 GLY A CA  1 
ATOM   700  C  C   . GLY A 1 133 ? -2.19555  18.97971  -1.79469  1.000 32.13427 ? 163 GLY A C   1 
ATOM   701  O  O   . GLY A 1 133 ? -2.82723  19.98286  -1.46213  1.000 33.78439 ? 163 GLY A O   1 
ATOM   702  N  N   . GLN A 1 134 ? -2.26299  18.47505  -3.02737  1.000 32.45629 ? 164 GLN A N   1 
ATOM   703  C  CA  . GLN A 1 134 ? -3.07958  19.12452  -4.04728  1.000 34.93438 ? 164 GLN A CA  1 
ATOM   704  C  C   . GLN A 1 134 ? -4.57066  19.01504  -3.75038  1.000 35.00575 ? 164 GLN A C   1 
ATOM   705  O  O   . GLN A 1 134 ? -5.33734  19.90291  -4.13363  1.000 35.65554 ? 164 GLN A O   1 
ATOM   706  C  CB  . GLN A 1 134 ? -2.74714  18.52957  -5.41636  1.000 33.59472 ? 164 GLN A CB  1 
ATOM   707  C  CG  . GLN A 1 134 ? -1.35877  18.90492  -5.85945  1.000 34.35013 ? 164 GLN A CG  1 
ATOM   708  C  CD  . GLN A 1 134 ? -0.90390  18.12924  -7.05643  1.000 37.76901 ? 164 GLN A CD  1 
ATOM   709  O  OE1 . GLN A 1 134 ? -1.47542  17.09043  -7.39602  1.000 40.12335 ? 164 GLN A OE1 1 
ATOM   710  N  NE2 . GLN A 1 134 ? 0.13995   18.62087  -7.70974  1.000 38.71915 ? 164 GLN A NE2 1 
ATOM   711  N  N   . VAL A 1 135 ? -5.00840  17.96028  -3.05383  1.000 32.66559 ? 165 VAL A N   1 
ATOM   712  C  CA  . VAL A 1 135 ? -6.43295  17.76897  -2.79019  1.000 33.48093 ? 165 VAL A CA  1 
ATOM   713  C  C   . VAL A 1 135 ? -6.81054  18.00438  -1.33834  1.000 32.53849 ? 165 VAL A C   1 
ATOM   714  O  O   . VAL A 1 135 ? -8.00386  17.95946  -1.01562  1.000 34.09981 ? 165 VAL A O   1 
ATOM   715  C  CB  . VAL A 1 135 ? -6.89530  16.36581  -3.22665  1.000 35.74738 ? 165 VAL A CB  1 
ATOM   716  C  CG1 . VAL A 1 135 ? -6.51705  16.11574  -4.66682  1.000 32.75834 ? 165 VAL A CG1 1 
ATOM   717  C  CG2 . VAL A 1 135 ? -6.28037  15.28974  -2.32006  1.000 29.01351 ? 165 VAL A CG2 1 
ATOM   718  N  N   . ARG A 1 136 ? -5.83675  18.28483  -0.45690  1.000 32.51220 ? 166 ARG A N   1 
ATOM   719  C  CA  . ARG A 1 136 ? -6.07562  18.26326  0.98813   1.000 32.93201 ? 166 ARG A CA  1 
ATOM   720  C  C   . ARG A 1 136 ? -7.19348  19.20330  1.42539   1.000 36.05111 ? 166 ARG A C   1 
ATOM   721  O  O   . ARG A 1 136 ? -7.91532  18.90607  2.38830   1.000 35.19401 ? 166 ARG A O   1 
ATOM   722  C  CB  . ARG A 1 136 ? -4.78644  18.62484  1.73935   1.000 33.66669 ? 166 ARG A CB  1 
ATOM   723  C  CG  . ARG A 1 136 ? -4.91468  18.54113  3.25528   1.000 33.74618 ? 166 ARG A CG  1 
ATOM   724  C  CD  . ARG A 1 136 ? -5.11932  17.09016  3.72723   1.000 31.44571 ? 166 ARG A CD  1 
ATOM   725  N  NE  . ARG A 1 136 ? -5.44203  17.00415  5.14697   1.000 30.62831 ? 166 ARG A NE  1 
ATOM   726  C  CZ  . ARG A 1 136 ? -6.67481  17.08480  5.64016   1.000 33.66906 ? 166 ARG A CZ  1 
ATOM   727  N  NH1 . ARG A 1 136 ? -7.72891  17.25414  4.85396   1.000 29.65264 ? 166 ARG A NH1 1 
ATOM   728  N  NH2 . ARG A 1 136 ? -6.85884  16.96921  6.95012   1.000 30.57177 ? 166 ARG A NH2 1 
ATOM   729  N  N   . ASP A 1 137 ? -7.33580  20.34993  0.76389   1.000 36.80384 ? 167 ASP A N   1 
ATOM   730  C  CA  . ASP A 1 137 ? -8.30458  21.35555  1.18920   1.000 39.73658 ? 167 ASP A CA  1 
ATOM   731  C  C   . ASP A 1 137 ? -9.73306  20.95972  0.86967   1.000 38.20976 ? 167 ASP A C   1 
ATOM   732  O  O   . ASP A 1 137 ? -10.66433 21.52418  1.45835   1.000 37.52727 ? 167 ASP A O   1 
ATOM   733  C  CB  . ASP A 1 137 ? -7.97770  22.69247  0.51821   1.000 41.36702 ? 167 ASP A CB  1 
ATOM   734  C  CG  . ASP A 1 137 ? -8.17003  22.64086  -0.98635  1.000 45.84515 ? 167 ASP A CG  1 
ATOM   735  O  OD1 . ASP A 1 137 ? -9.31935  22.79599  -1.44454  1.000 54.50993 ? 167 ASP A OD1 1 
ATOM   736  O  OD2 . ASP A 1 137 ? -7.18553  22.36475  -1.71307  1.000 48.26636 ? 167 ASP A OD2 1 
ATOM   737  N  N   . GLN A 1 138 ? -9.91796  20.00521  -0.04375  1.000 37.61378 ? 168 GLN A N   1 
ATOM   738  C  CA  . GLN A 1 138 ? -11.23908 19.56800  -0.47468  1.000 38.65916 ? 168 GLN A CA  1 
ATOM   739  C  C   . GLN A 1 138 ? -11.91199 18.62240  0.50628   1.000 38.42479 ? 168 GLN A C   1 
ATOM   740  O  O   . GLN A 1 138 ? -13.10939 18.33418  0.34855   1.000 37.54431 ? 168 GLN A O   1 
ATOM   741  C  CB  . GLN A 1 138 ? -11.12695 18.89885  -1.84631  1.000 42.23111 ? 168 GLN A CB  1 
ATOM   742  C  CG  . GLN A 1 138 ? -10.22016 19.65415  -2.81808  1.000 42.09482 ? 168 GLN A CG  1 
ATOM   743  C  CD  . GLN A 1 138 ? -10.14810 19.00295  -4.17509  1.000 46.34289 ? 168 GLN A CD  1 
ATOM   744  O  OE1 . GLN A 1 138 ? -11.01370 18.19141  -4.54096  1.000 48.25050 ? 168 GLN A OE1 1 
ATOM   745  N  NE2 . GLN A 1 138 ? -9.12363  19.36127  -4.94881  1.000 44.01442 ? 168 GLN A NE2 1 
ATOM   746  N  N   . ALA A 1 139 ? -11.19217 18.12017  1.50550   1.000 32.71703 ? 169 ALA A N   1 
ATOM   747  C  CA  . ALA A 1 139 ? -11.78024 17.17843  2.43876   1.000 31.71839 ? 169 ALA A CA  1 
ATOM   748  C  C   . ALA A 1 139 ? -11.44299 17.56597  3.86279   1.000 31.21922 ? 169 ALA A C   1 
ATOM   749  O  O   . ALA A 1 139 ? -10.39213 18.15257  4.13622   1.000 30.26787 ? 169 ALA A O   1 
ATOM   750  C  CB  . ALA A 1 139 ? -11.30637 15.74731  2.16989   1.000 30.86239 ? 169 ALA A CB  1 
ATOM   751  N  N   . GLU A 1 140 ? -12.34960 17.22313  4.77404   1.000 28.48915 ? 170 GLU A N   1 
ATOM   752  C  CA  . GLU A 1 140 ? -12.07024 17.43328  6.18915   1.000 34.57734 ? 170 GLU A CA  1 
ATOM   753  C  C   . GLU A 1 140 ? -10.96846 16.49653  6.67443   1.000 36.60921 ? 170 GLU A C   1 
ATOM   754  O  O   . GLU A 1 140 ? -9.94003  16.94196  7.20061   1.000 34.95124 ? 170 GLU A O   1 
ATOM   755  C  CB  . GLU A 1 140 ? -13.34176 17.23553  7.00443   1.000 34.45263 ? 170 GLU A CB  1 
ATOM   756  C  CG  . GLU A 1 140 ? -13.12418 17.24391  8.49733   1.000 38.72570 ? 170 GLU A CG  1 
ATOM   757  C  CD  . GLU A 1 140 ? -14.42458 17.15001  9.24695   1.000 41.17417 ? 170 GLU A CD  1 
ATOM   758  O  OE1 . GLU A 1 140 ? -15.48504 17.31424  8.59968   1.000 45.08341 ? 170 GLU A OE1 1 
ATOM   759  O  OE2 . GLU A 1 140 ? -14.39747 16.88922  10.47107  1.000 47.50654 ? 170 GLU A OE2 1 
ATOM   760  N  N   . HIS A 1 141 ? -11.15045 15.19502  6.47281   1.000 30.27484 ? 171 HIS A N   1 
ATOM   761  C  CA  . HIS A 1 141 ? -10.28663 14.19478  7.08955   1.000 32.87653 ? 171 HIS A CA  1 
ATOM   762  C  C   . HIS A 1 141 ? -9.09543  13.86613  6.20517   1.000 27.75892 ? 171 HIS A C   1 
ATOM   763  O  O   . HIS A 1 141 ? -9.22523  13.74058  4.98231   1.000 26.86811 ? 171 HIS A O   1 
ATOM   764  C  CB  . HIS A 1 141 ? -11.07483 12.91768  7.38442   1.000 29.11987 ? 171 HIS A CB  1 
ATOM   765  C  CG  . HIS A 1 141 ? -12.24014 13.12159  8.29984   1.000 31.72016 ? 171 HIS A CG  1 
ATOM   766  N  ND1 . HIS A 1 141 ? -12.10332 13.62299  9.57571   1.000 35.41999 ? 171 HIS A ND1 1 
ATOM   767  C  CD2 . HIS A 1 141 ? -13.56066 12.87584  8.13051   1.000 31.23273 ? 171 HIS A CD2 1 
ATOM   768  C  CE1 . HIS A 1 141 ? -13.28850 13.68024  10.15295  1.000 37.87437 ? 171 HIS A CE1 1 
ATOM   769  N  NE2 . HIS A 1 141 ? -14.19063 13.23777  9.29427   1.000 36.75158 ? 171 HIS A NE2 1 
ATOM   770  N  N   . LEU A 1 142 ? -7.92433  13.72697  6.83466   1.000 27.43905 ? 172 LEU A N   1 
ATOM   771  C  CA  . LEU A 1 142 ? -6.75774  13.28235  6.08873   1.000 24.17502 ? 172 LEU A CA  1 
ATOM   772  C  C   . LEU A 1 142 ? -7.03639  11.96453  5.37331   1.000 23.14395 ? 172 LEU A C   1 
ATOM   773  O  O   . LEU A 1 142 ? -6.63540  11.78007  4.21553   1.000 23.49087 ? 172 LEU A O   1 
ATOM   774  C  CB  . LEU A 1 142 ? -5.54945  13.16143  7.02390   1.000 28.14073 ? 172 LEU A CB  1 
ATOM   775  C  CG  . LEU A 1 142 ? -4.30713  12.50250  6.41575   1.000 26.41008 ? 172 LEU A CG  1 
ATOM   776  C  CD1 . LEU A 1 142 ? -3.90866  13.25552  5.17789   1.000 25.86650 ? 172 LEU A CD1 1 
ATOM   777  C  CD2 . LEU A 1 142 ? -3.11871  12.44792  7.39538   1.000 26.82010 ? 172 LEU A CD2 1 
ATOM   778  N  N   . LYS A 1 143 ? -7.74332  11.03601  6.03556   1.000 26.05995 ? 173 LYS A N   1 
ATOM   779  C  CA  . LYS A 1 143 ? -7.97878  9.73578   5.41169   1.000 25.60032 ? 173 LYS A CA  1 
ATOM   780  C  C   . LYS A 1 143 ? -8.77393  9.89624   4.12142   1.000 23.02400 ? 173 LYS A C   1 
ATOM   781  O  O   . LYS A 1 143 ? -8.49425  9.21793   3.12426   1.000 22.14909 ? 173 LYS A O   1 
ATOM   782  C  CB  . LYS A 1 143 ? -8.66736  8.77167   6.39448   1.000 24.17857 ? 173 LYS A CB  1 
ATOM   783  C  CG  . LYS A 1 143 ? -10.11524 9.09309   6.74811   1.000 26.57360 ? 173 LYS A CG  1 
ATOM   784  C  CD  . LYS A 1 143 ? -10.71887 8.07772   7.71469   1.000 24.97218 ? 173 LYS A CD  1 
ATOM   785  C  CE  . LYS A 1 143 ? -12.20903 8.32723   7.84051   1.000 26.91555 ? 173 LYS A CE  1 
ATOM   786  N  NZ  . LYS A 1 143 ? -12.94650 7.32614   8.64323   1.000 34.44393 ? 173 LYS A NZ  1 
ATOM   787  N  N   . THR A 1 144 ? -9.72182  10.83825  4.09484   1.000 20.75799 ? 174 THR A N   1 
ATOM   788  C  CA  . THR A 1 144 ? -10.45174 11.10356  2.86101   1.000 23.22983 ? 174 THR A CA  1 
ATOM   789  C  C   . THR A 1 144 ? -9.51642  11.60044  1.76044   1.000 21.32039 ? 174 THR A C   1 
ATOM   790  O  O   . THR A 1 144 ? -9.59078  11.13987  0.61472   1.000 21.30662 ? 174 THR A O   1 
ATOM   791  C  CB  . THR A 1 144 ? -11.57351 12.11045  3.12010   1.000 23.11136 ? 174 THR A CB  1 
ATOM   792  O  OG1 . THR A 1 144 ? -12.45991 11.59338  4.11525   1.000 24.28561 ? 174 THR A OG1 1 
ATOM   793  C  CG2 . THR A 1 144 ? -12.37562 12.37228  1.85914   1.000 24.14094 ? 174 THR A CG2 1 
ATOM   794  N  N   . ALA A 1 145 ? -8.63428  12.55693  2.08682   1.000 21.83092 ? 175 ALA A N   1 
ATOM   795  C  CA  . ALA A 1 145 ? -7.69892  13.06632  1.08866   1.000 23.71573 ? 175 ALA A CA  1 
ATOM   796  C  C   . ALA A 1 145 ? -6.74096  11.97396  0.61677   1.000 20.69646 ? 175 ALA A C   1 
ATOM   797  O  O   . ALA A 1 145 ? -6.35435  11.94608  -0.55633  1.000 21.90770 ? 175 ALA A O   1 
ATOM   798  C  CB  . ALA A 1 145 ? -6.92198  14.26341  1.65220   1.000 23.82521 ? 175 ALA A CB  1 
ATOM   799  N  N   . VAL A 1 146 ? -6.34993  11.06573  1.51404   1.000 21.50500 ? 176 VAL A N   1 
ATOM   800  C  CA  . VAL A 1 146 ? -5.46186  9.96670   1.12042   1.000 19.29496 ? 176 VAL A CA  1 
ATOM   801  C  C   . VAL A 1 146 ? -6.12611  9.10635   0.04325   1.000 19.88020 ? 176 VAL A C   1 
ATOM   802  O  O   . VAL A 1 146 ? -5.51046  8.75482   -0.97234  1.000 17.14762 ? 176 VAL A O   1 
ATOM   803  C  CB  . VAL A 1 146 ? -5.06926  9.12871   2.34976   1.000 22.65931 ? 176 VAL A CB  1 
ATOM   804  C  CG1 . VAL A 1 146 ? -4.44349  7.77395   1.92541   1.000 22.49151 ? 176 VAL A CG1 1 
ATOM   805  C  CG2 . VAL A 1 146 ? -4.13407  9.92624   3.28380   1.000 25.81456 ? 176 VAL A CG2 1 
ATOM   806  N  N   . GLN A 1 147 ? -7.40132  8.77031   0.23939   1.000 20.06461 ? 177 GLN A N   1 
ATOM   807  C  CA  . GLN A 1 147 ? -8.05848  7.90451   -0.73330  1.000 20.49743 ? 177 GLN A CA  1 
ATOM   808  C  C   . GLN A 1 147 ? -8.28386  8.63333   -2.05280  1.000 19.10960 ? 177 GLN A C   1 
ATOM   809  O  O   . GLN A 1 147 ? -8.15111  8.03621   -3.12566  1.000 20.84844 ? 177 GLN A O   1 
ATOM   810  C  CB  . GLN A 1 147 ? -9.36580  7.36170   -0.15555  1.000 20.03478 ? 177 GLN A CB  1 
ATOM   811  C  CG  . GLN A 1 147 ? -9.17650  6.53368   1.12838   1.000 21.57743 ? 177 GLN A CG  1 
ATOM   812  C  CD  . GLN A 1 147 ? -8.13604  5.41760   0.98884   1.000 19.99953 ? 177 GLN A CD  1 
ATOM   813  O  OE1 . GLN A 1 147 ? -7.96727  4.84043   -0.07642  1.000 24.25010 ? 177 GLN A OE1 1 
ATOM   814  N  NE2 . GLN A 1 147 ? -7.44153  5.12073   2.06698   1.000 22.02143 ? 177 GLN A NE2 1 
ATOM   815  N  N   . MET A 1 148 ? -8.58685  9.92999   -2.00616  1.000 19.71071 ? 178 MET A N   1 
ATOM   816  C  CA  . MET A 1 148 ? -8.61167  10.70144  -3.25055  1.000 22.40304 ? 178 MET A CA  1 
ATOM   817  C  C   . MET A 1 148 ? -7.26245  10.63919  -3.95979  1.000 20.45228 ? 178 MET A C   1 
ATOM   818  O  O   . MET A 1 148 ? -7.19475  10.52171  -5.18911  1.000 19.27457 ? 178 MET A O   1 
ATOM   819  C  CB  . MET A 1 148 ? -8.99089  12.15961  -2.96642  1.000 20.76480 ? 178 MET A CB  1 
ATOM   820  C  CG  . MET A 1 148 ? -10.44993 12.35922  -2.48752  1.000 21.29578 ? 178 MET A CG  1 
ATOM   821  S  SD  . MET A 1 148 ? -10.67961 14.01507  -1.77186  1.000 27.92213 ? 178 MET A SD  1 
ATOM   822  C  CE  . MET A 1 148 ? -10.68118 14.99875  -3.27472  1.000 25.89570 ? 178 MET A CE  1 
ATOM   823  N  N   . ALA A 1 149 ? -6.17128  10.71114  -3.19791  1.000 21.48766 ? 179 ALA A N   1 
ATOM   824  C  CA  . ALA A 1 149 ? -4.85867  10.71819  -3.83985  1.000 23.28862 ? 179 ALA A CA  1 
ATOM   825  C  C   . ALA A 1 149 ? -4.52951  9.36236   -4.44297  1.000 20.64818 ? 179 ALA A C   1 
ATOM   826  O  O   . ALA A 1 149 ? -3.90207  9.28573   -5.50765  1.000 25.60329 ? 179 ALA A O   1 
ATOM   827  C  CB  . ALA A 1 149 ? -3.78617  11.14206  -2.83969  1.000 23.97303 ? 179 ALA A CB  1 
ATOM   828  N  N   . VAL A 1 150 ? -4.92860  8.27918   -3.76970  1.000 21.06732 ? 180 VAL A N   1 
ATOM   829  C  CA  . VAL A 1 150 ? -4.72686  6.94635   -4.31984  1.000 22.11259 ? 180 VAL A CA  1 
ATOM   830  C  C   . VAL A 1 150 ? -5.48791  6.80319   -5.62286  1.000 18.67824 ? 180 VAL A C   1 
ATOM   831  O  O   . VAL A 1 150 ? -4.95241  6.30580   -6.62215  1.000 20.33523 ? 180 VAL A O   1 
ATOM   832  C  CB  . VAL A 1 150 ? -5.16791  5.86989   -3.30698  1.000 22.26339 ? 180 VAL A CB  1 
ATOM   833  C  CG1 . VAL A 1 150 ? -5.21038  4.49555   -3.98559  1.000 20.47870 ? 180 VAL A CG1 1 
ATOM   834  C  CG2 . VAL A 1 150 ? -4.25119  5.86292   -2.06952  1.000 25.53756 ? 180 VAL A CG2 1 
ATOM   835  N  N   . PHE A 1 151 ? -6.75350  7.22253   -5.61779  1.000 17.85682 ? 181 PHE A N   1 
ATOM   836  C  CA  . PHE A 1 151 ? -7.58208  7.23222   -6.82495  1.000 21.41821 ? 181 PHE A CA  1 
ATOM   837  C  C   . PHE A 1 151 ? -6.88655  7.98360   -7.95607  1.000 20.82210 ? 181 PHE A C   1 
ATOM   838  O  O   . PHE A 1 151 ? -6.73388  7.46391   -9.06932  1.000 21.43953 ? 181 PHE A O   1 
ATOM   839  C  CB  . PHE A 1 151 ? -8.94114  7.87970   -6.48218  1.000 20.97276 ? 181 PHE A CB  1 
ATOM   840  C  CG  . PHE A 1 151 ? -9.92678  7.95607   -7.63529  1.000 23.74552 ? 181 PHE A CG  1 
ATOM   841  C  CD1 . PHE A 1 151 ? -9.77831  8.91452   -8.63977  1.000 24.82618 ? 181 PHE A CD1 1 
ATOM   842  C  CD2 . PHE A 1 151 ? -11.02474 7.09702   -7.68382  1.000 23.22168 ? 181 PHE A CD2 1 
ATOM   843  C  CE1 . PHE A 1 151 ? -10.69102 9.01040   -9.68638  1.000 26.05740 ? 181 PHE A CE1 1 
ATOM   844  C  CE2 . PHE A 1 151 ? -11.95726 7.19024   -8.71972  1.000 25.04313 ? 181 PHE A CE2 1 
ATOM   845  C  CZ  . PHE A 1 151 ? -11.78004 8.16096   -9.73073  1.000 25.22001 ? 181 PHE A CZ  1 
ATOM   846  N  N   . ILE A 1 152 ? -6.44308  9.20430   -7.67803  1.000 22.06783 ? 182 ILE A N   1 
ATOM   847  C  CA  . ILE A 1 152 ? -5.83875  10.01817  -8.73576  1.000 22.63622 ? 182 ILE A CA  1 
ATOM   848  C  C   . ILE A 1 152 ? -4.58445  9.33530   -9.28126  1.000 25.93605 ? 182 ILE A C   1 
ATOM   849  O  O   . ILE A 1 152 ? -4.43331  9.16060   -10.49765 1.000 26.52662 ? 182 ILE A O   1 
ATOM   850  C  CB  . ILE A 1 152 ? -5.55654  11.43487  -8.20922  1.000 22.46789 ? 182 ILE A CB  1 
ATOM   851  C  CG1 . ILE A 1 152 ? -6.88140  12.18151  -7.99674  1.000 26.06404 ? 182 ILE A CG1 1 
ATOM   852  C  CG2 . ILE A 1 152 ? -4.63436  12.19403  -9.16450  1.000 27.02300 ? 182 ILE A CG2 1 
ATOM   853  C  CD1 . ILE A 1 152 ? -6.85304  13.21993  -6.88387  1.000 25.55993 ? 182 ILE A CD1 1 
ATOM   854  N  N   . HIS A 1 153 ? -3.72142  8.84391   -8.38502  1.000 25.22587 ? 183 HIS A N   1 
ATOM   855  C  CA  . HIS A 1 153 ? -2.49896  8.15960   -8.80888  1.000 25.86972 ? 183 HIS A CA  1 
ATOM   856  C  C   . HIS A 1 153 ? -2.79856  6.93961   -9.67307  1.000 26.54384 ? 183 HIS A C   1 
ATOM   857  O  O   . HIS A 1 153 ? -2.20870  6.76239   -10.74660 1.000 25.54077 ? 183 HIS A O   1 
ATOM   858  C  CB  . HIS A 1 153 ? -1.68637  7.72775   -7.58607  1.000 25.03953 ? 183 HIS A CB  1 
ATOM   859  C  CG  . HIS A 1 153 ? -0.52732  6.85110   -7.93907  1.000 29.34380 ? 183 HIS A CG  1 
ATOM   860  N  ND1 . HIS A 1 153 ? 0.68046   7.36028   -8.36923  1.000 27.60260 ? 183 HIS A ND1 1 
ATOM   861  C  CD2 . HIS A 1 153 ? -0.40861  5.50532   -7.99670  1.000 25.74219 ? 183 HIS A CD2 1 
ATOM   862  C  CE1 . HIS A 1 153 ? 1.50496   6.36650   -8.63643  1.000 31.21867 ? 183 HIS A CE1 1 
ATOM   863  N  NE2 . HIS A 1 153 ? 0.86901   5.22818   -8.41846  1.000 29.94771 ? 183 HIS A NE2 1 
ATOM   864  N  N   . ASN A 1 154 ? -3.70350  6.06331   -9.20941  1.000 25.20516 ? 184 ASN A N   1 
ATOM   865  C  CA  . ASN A 1 154 ? -3.92199  4.80466   -9.91167  1.000 23.29932 ? 184 ASN A CA  1 
ATOM   866  C  C   . ASN A 1 154 ? -4.58011  5.00738   -11.26553 1.000 25.78770 ? 184 ASN A C   1 
ATOM   867  O  O   . ASN A 1 154 ? -4.45351  4.14935   -12.14377 1.000 26.86702 ? 184 ASN A O   1 
ATOM   868  C  CB  . ASN A 1 154 ? -4.79592  3.85766   -9.07687  1.000 22.25873 ? 184 ASN A CB  1 
ATOM   869  C  CG  . ASN A 1 154 ? -4.04372  3.27940   -7.87918  1.000 23.64577 ? 184 ASN A CG  1 
ATOM   870  O  OD1 . ASN A 1 154 ? -2.81353  3.24190   -7.87546  1.000 22.57738 ? 184 ASN A OD1 1 
ATOM   871  N  ND2 . ASN A 1 154 ? -4.77807  2.86661   -6.84986  1.000 22.07865 ? 184 ASN A ND2 1 
ATOM   872  N  N   . LYS A 1 155 ? -5.33306  6.08785   -11.43095 1.000 25.85402 ? 185 LYS A N   1 
ATOM   873  C  CA  . LYS A 1 155 ? -6.07127  6.31074   -12.67043 1.000 33.32396 ? 185 LYS A CA  1 
ATOM   874  C  C   . LYS A 1 155 ? -5.28833  7.13465   -13.68519 1.000 34.55680 ? 185 LYS A C   1 
ATOM   875  O  O   . LYS A 1 155 ? -5.61114  7.09340   -14.87872 1.000 39.06740 ? 185 LYS A O   1 
ATOM   876  C  CB  . LYS A 1 155 ? -7.40978  7.00049   -12.37146 1.000 31.16543 ? 185 LYS A CB  1 
ATOM   877  C  CG  . LYS A 1 155 ? -8.36948  6.19721   -11.46458 1.000 32.78030 ? 185 LYS A CG  1 
ATOM   878  C  CD  . LYS A 1 155 ? -8.43921  4.71047   -11.85774 1.000 37.55100 ? 185 LYS A CD  1 
ATOM   879  C  CE  . LYS A 1 155 ? -9.12780  3.83914   -10.78630 1.000 36.80170 ? 185 LYS A CE  1 
ATOM   880  N  NZ  . LYS A 1 155 ? -8.26169  2.65413   -10.36086 1.000 35.96311 ? 185 LYS A NZ  1 
ATOM   881  N  N   . LYS A 1 156 ? -4.25093  7.84384   -13.24150 1.000 34.15331 ? 186 LYS A N   1 
ATOM   882  C  CA  . LYS A 1 156 ? -3.45401  8.69913   -14.11781 1.000 35.13968 ? 186 LYS A CA  1 
ATOM   883  C  C   . LYS A 1 156 ? -2.75873  7.89183   -15.21196 1.000 37.28608 ? 186 LYS A C   1 
ATOM   884  O  O   . LYS A 1 156 ? -2.06352  6.91144   -14.92923 1.000 37.91530 ? 186 LYS A O   1 
ATOM   885  C  CB  . LYS A 1 156 ? -2.42025  9.46084   -13.27934 1.000 31.96147 ? 186 LYS A CB  1 
ATOM   886  C  CG  . LYS A 1 156 ? -2.00933  10.83738  -13.84354 1.000 42.03273 ? 186 LYS A CG  1 
ATOM   887  C  CD  . LYS A 1 156 ? -1.21708  11.72215  -12.84534 1.000 39.40418 ? 186 LYS A CD  1 
ATOM   888  C  CE  . LYS A 1 156 ? -2.07547  12.81575  -12.17061 1.000 40.84310 ? 186 LYS A CE  1 
ATOM   889  N  NZ  . LYS A 1 156 ? -1.55579  13.28866  -10.83745 1.000 37.06282 ? 186 LYS A NZ  1 
ATOM   890  N  N   . ARG A 1 157 ? -2.94408  8.30461   -16.47153 1.000 38.78142 ? 187 ARG A N   1 
ATOM   891  C  CA  . ARG A 1 157 ? -2.26717  7.65463   -17.59036 1.000 43.34717 ? 187 ARG A CA  1 
ATOM   892  C  C   . ARG A 1 157 ? -0.89174  8.28022   -17.75698 1.000 42.42959 ? 187 ARG A C   1 
ATOM   893  O  O   . ARG A 1 157 ? -0.74165  9.50102   -17.66800 1.000 45.19690 ? 187 ARG A O   1 
ATOM   894  C  CB  . ARG A 1 157 ? -3.06886  7.77673   -18.88993 1.000 48.13957 ? 187 ARG A CB  1 
ATOM   895  C  CG  . ARG A 1 157 ? -4.47239  7.16083   -18.82300 1.000 47.87360 ? 187 ARG A CG  1 
ATOM   896  C  CD  . ARG A 1 157 ? -4.65984  5.97241   -19.77534 1.000 48.13254 ? 187 ARG A CD  1 
ATOM   897  N  NE  . ARG A 1 157 ? -5.88806  5.23631   -19.48539 1.000 52.03293 ? 187 ARG A NE  1 
ATOM   898  C  CZ  . ARG A 1 157 ? -7.12182  5.70711   -19.64733 1.000 56.19890 ? 187 ARG A CZ  1 
ATOM   899  N  NH1 . ARG A 1 157 ? -7.34957  6.90287   -20.17201 1.000 51.98613 ? 187 ARG A NH1 1 
ATOM   900  N  NH2 . ARG A 1 157 ? -8.15730  4.95255   -19.28384 1.000 55.00749 ? 187 ARG A NH2 1 
ATOM   901  N  N   . LYS A 1 158 ? 0.10590   7.42855   -17.99066 1.000 51.64303 ? 188 LYS A N   1 
ATOM   902  C  CA  . LYS A 1 158 ? 1.53014   7.77798   -17.87296 1.000 52.90861 ? 188 LYS A CA  1 
ATOM   903  C  C   . LYS A 1 158 ? 1.99356   8.90936   -18.79120 1.000 56.13978 ? 188 LYS A C   1 
ATOM   904  O  O   . LYS A 1 158 ? 3.12604   9.38913   -18.66579 1.000 56.06031 ? 188 LYS A O   1 
ATOM   905  C  CB  . LYS A 1 158 ? 2.38759   6.53726   -18.14234 1.000 51.91661 ? 188 LYS A CB  1 
ATOM   906  C  CG  . LYS A 1 158 ? 2.22986   5.96672   -19.55453 1.000 50.87520 ? 188 LYS A CG  1 
ATOM   907  N  N   . TYR A 1 164 ? -0.95096  3.81712   -20.42524 1.000 44.87140 ? 194 TYR A N   1 
ATOM   908  C  CA  . TYR A 1 164 ? -1.81406  3.11512   -19.47111 1.000 43.92956 ? 194 TYR A CA  1 
ATOM   909  C  C   . TYR A 1 164 ? -1.60521  3.60366   -18.04153 1.000 37.90145 ? 194 TYR A C   1 
ATOM   910  O  O   . TYR A 1 164 ? -0.53259  4.07325   -17.68805 1.000 34.70999 ? 194 TYR A O   1 
ATOM   911  C  CB  . TYR A 1 164 ? -1.56605  1.60719   -19.52668 1.000 40.78908 ? 194 TYR A CB  1 
ATOM   912  C  CG  . TYR A 1 164 ? -1.94659  1.00188   -20.85056 1.000 50.04444 ? 194 TYR A CG  1 
ATOM   913  C  CD1 . TYR A 1 164 ? -0.99103  0.40653   -21.66681 1.000 51.23621 ? 194 TYR A CD1 1 
ATOM   914  C  CD2 . TYR A 1 164 ? -3.25548  1.04636   -21.29630 1.000 48.24207 ? 194 TYR A CD2 1 
ATOM   915  C  CE1 . TYR A 1 164 ? -1.33804  -0.13940  -22.88494 1.000 53.49473 ? 194 TYR A CE1 1 
ATOM   916  C  CE2 . TYR A 1 164 ? -3.61147  0.50663   -22.51042 1.000 56.41083 ? 194 TYR A CE2 1 
ATOM   917  C  CZ  . TYR A 1 164 ? -2.64965  -0.08372  -23.29979 1.000 56.57660 ? 194 TYR A CZ  1 
ATOM   918  O  OH  . TYR A 1 164 ? -3.01276  -0.62053  -24.50832 1.000 69.08064 ? 194 TYR A OH  1 
ATOM   919  N  N   . SER A 1 165 ? -2.63160  3.46071   -17.21620 1.000 34.84460 ? 195 SER A N   1 
ATOM   920  C  CA  . SER A 1 165 ? -2.53890  3.84341   -15.81609 1.000 32.27199 ? 195 SER A CA  1 
ATOM   921  C  C   . SER A 1 165 ? -1.99713  2.69262   -14.96364 1.000 29.89183 ? 195 SER A C   1 
ATOM   922  O  O   . SER A 1 165 ? -1.92893  1.53819   -15.39525 1.000 30.37427 ? 195 SER A O   1 
ATOM   923  C  CB  . SER A 1 165 ? -3.90765  4.27615   -15.31315 1.000 34.87416 ? 195 SER A CB  1 
ATOM   924  O  OG  . SER A 1 165 ? -4.76121  3.14951   -15.33147 1.000 30.37385 ? 195 SER A OG  1 
ATOM   925  N  N   . ALA A 1 166 ? -1.58574  3.02830   -13.73867 1.000 30.28690 ? 196 ALA A N   1 
ATOM   926  C  CA  . ALA A 1 166 ? -1.17850  1.98730   -12.80093 1.000 28.48523 ? 196 ALA A CA  1 
ATOM   927  C  C   . ALA A 1 166 ? -2.29942  0.97428   -12.59171 1.000 23.87086 ? 196 ALA A C   1 
ATOM   928  O  O   . ALA A 1 166 ? -2.06902  -0.23647  -12.62013 1.000 28.47521 ? 196 ALA A O   1 
ATOM   929  C  CB  . ALA A 1 166 ? -0.75117  2.62242   -11.47347 1.000 28.11693 ? 196 ALA A CB  1 
ATOM   930  N  N   . GLY A 1 167 ? -3.53226  1.44636   -12.43200 1.000 25.68215 ? 197 GLY A N   1 
ATOM   931  C  CA  . GLY A 1 167 ? -4.64745  0.52187   -12.27564 1.000 27.69336 ? 197 GLY A CA  1 
ATOM   932  C  C   . GLY A 1 167 ? -4.81068  -0.41041  -13.46047 1.000 31.17651 ? 197 GLY A C   1 
ATOM   933  O  O   . GLY A 1 167 ? -5.11729  -1.59566  -13.29799 1.000 26.40930 ? 197 GLY A O   1 
ATOM   934  N  N   . GLU A 1 168 ? -4.60542  0.10675   -14.67346 1.000 30.58223 ? 198 GLU A N   1 
ATOM   935  C  CA  . GLU A 1 168 ? -4.68877  -0.76333  -15.84131 1.000 30.43927 ? 198 GLU A CA  1 
ATOM   936  C  C   . GLU A 1 168 ? -3.51507  -1.73362  -15.87644 1.000 30.16478 ? 198 GLU A C   1 
ATOM   937  O  O   . GLU A 1 168 ? -3.68044  -2.90127  -16.25121 1.000 30.64441 ? 198 GLU A O   1 
ATOM   938  C  CB  . GLU A 1 168 ? -4.74243  0.07235   -17.12683 1.000 34.79305 ? 198 GLU A CB  1 
ATOM   939  C  CG  . GLU A 1 168 ? -6.03432  0.85640   -17.30734 1.000 33.18066 ? 198 GLU A CG  1 
ATOM   940  C  CD  . GLU A 1 168 ? -5.92159  1.96156   -18.35430 1.000 41.87210 ? 198 GLU A CD  1 
ATOM   941  O  OE1 . GLU A 1 168 ? -4.83995  2.58069   -18.48260 1.000 37.31574 ? 198 GLU A OE1 1 
ATOM   942  O  OE2 . GLU A 1 168 ? -6.93139  2.22233   -19.03941 1.000 41.28597 ? 198 GLU A OE2 1 
ATOM   943  N  N   . ARG A 1 169 ? -2.32457  -1.27566  -15.47568 1.000 29.08012 ? 199 ARG A N   1 
ATOM   944  C  CA  . ARG A 1 169 ? -1.13981  -2.12605  -15.56162 1.000 30.43385 ? 199 ARG A CA  1 
ATOM   945  C  C   . ARG A 1 169 ? -1.23810  -3.32099  -14.62042 1.000 32.44843 ? 199 ARG A C   1 
ATOM   946  O  O   . ARG A 1 169 ? -0.98797  -4.46215  -15.03174 1.000 33.49201 ? 199 ARG A O   1 
ATOM   947  C  CB  . ARG A 1 169 ? 0.12187   -1.31474  -15.27665 1.000 30.58099 ? 199 ARG A CB  1 
ATOM   948  C  CG  . ARG A 1 169 ? 0.48355   -0.35204  -16.41346 1.000 37.91389 ? 199 ARG A CG  1 
ATOM   949  C  CD  . ARG A 1 169 ? 1.90276   0.20677   -16.26315 1.000 36.20629 ? 199 ARG A CD  1 
ATOM   950  N  NE  . ARG A 1 169 ? 2.08263   1.00428   -15.05100 1.000 39.24292 ? 199 ARG A NE  1 
ATOM   951  C  CZ  . ARG A 1 169 ? 1.89880   2.31940   -14.98031 1.000 40.23887 ? 199 ARG A CZ  1 
ATOM   952  N  NH1 . ARG A 1 169 ? 1.54287   3.02696   -16.04184 1.000 36.61414 ? 199 ARG A NH1 1 
ATOM   953  N  NH2 . ARG A 1 169 ? 2.09527   2.94624   -13.81934 1.000 37.32162 ? 199 ARG A NH2 1 
ATOM   954  N  N   . ILE A 1 170 ? -1.60666  -3.08671  -13.35394 1.000 26.16617 ? 200 ILE A N   1 
ATOM   955  C  CA  . ILE A 1 170 ? -1.66500  -4.20210  -12.41455 1.000 28.14012 ? 200 ILE A CA  1 
ATOM   956  C  C   . ILE A 1 170 ? -2.64981  -5.24600  -12.91009 1.000 29.37167 ? 200 ILE A C   1 
ATOM   957  O  O   . ILE A 1 170 ? -2.34681  -6.43727  -12.93436 1.000 32.83929 ? 200 ILE A O   1 
ATOM   958  C  CB  . ILE A 1 170 ? -1.99399  -3.72945  -10.98134 1.000 27.23309 ? 200 ILE A CB  1 
ATOM   959  C  CG1 . ILE A 1 170 ? -1.90697  -4.92265  -10.02606 1.000 25.31405 ? 200 ILE A CG1 1 
ATOM   960  C  CG2 . ILE A 1 170 ? -3.38601  -3.07779  -10.87326 1.000 23.93647 ? 200 ILE A CG2 1 
ATOM   961  C  CD1 . ILE A 1 170 ? -1.83847  -4.53418  -8.55898  1.000 23.59670 ? 200 ILE A CD1 1 
ATOM   962  N  N   . VAL A 1 171 ? -3.81861  -4.80936  -13.38130 1.000 30.32144 ? 201 VAL A N   1 
ATOM   963  C  CA  . VAL A 1 171 ? -4.82371  -5.76474  -13.82545 1.000 30.70073 ? 201 VAL A CA  1 
ATOM   964  C  C   . VAL A 1 171 ? -4.29866  -6.56535  -15.01546 1.000 35.26081 ? 201 VAL A C   1 
ATOM   965  O  O   . VAL A 1 171 ? -4.48092  -7.78508  -15.08952 1.000 32.61354 ? 201 VAL A O   1 
ATOM   966  C  CB  . VAL A 1 171 ? -6.13898  -5.01922  -14.12529 1.000 38.02442 ? 201 VAL A CB  1 
ATOM   967  C  CG1 . VAL A 1 171 ? -6.95115  -5.72581  -15.16364 1.000 39.80683 ? 201 VAL A CG1 1 
ATOM   968  C  CG2 . VAL A 1 171 ? -6.95205  -4.83609  -12.82811 1.000 27.33957 ? 201 VAL A CG2 1 
ATOM   969  N  N   . ASP A 1 172 ? -3.56403  -5.91203  -15.91860 1.000 33.35016 ? 202 ASP A N   1 
ATOM   970  C  CA  . ASP A 1 172 ? -3.03021  -6.62644  -17.07952 1.000 38.74549 ? 202 ASP A CA  1 
ATOM   971  C  C   . ASP A 1 172 ? -1.87863  -7.55048  -16.69485 1.000 38.32221 ? 202 ASP A C   1 
ATOM   972  O  O   . ASP A 1 172 ? -1.79299  -8.68384  -17.18352 1.000 37.00127 ? 202 ASP A O   1 
ATOM   973  C  CB  . ASP A 1 172 ? -2.57681  -5.63430  -18.14839 1.000 38.66782 ? 202 ASP A CB  1 
ATOM   974  C  CG  . ASP A 1 172 ? -1.87127  -6.31809  -19.31386 1.000 47.21807 ? 202 ASP A CG  1 
ATOM   975  O  OD1 . ASP A 1 172 ? -2.55858  -7.02037  -20.08878 1.000 45.81403 ? 202 ASP A OD1 1 
ATOM   976  O  OD2 . ASP A 1 172 ? -0.63668  -6.15369  -19.44894 1.000 45.19410 ? 202 ASP A OD2 1 
ATOM   977  N  N   . ILE A 1 173 ? -0.97852  -7.08014  -15.83314 1.000 35.85239 ? 203 ILE A N   1 
ATOM   978  C  CA  . ILE A 1 173 ? 0.12512   -7.91990  -15.37906 1.000 37.33616 ? 203 ILE A CA  1 
ATOM   979  C  C   . ILE A 1 173 ? -0.41053  -9.17865  -14.70670 1.000 38.55284 ? 203 ILE A C   1 
ATOM   980  O  O   . ILE A 1 173 ? 0.04575   -10.29494 -14.98471 1.000 42.14802 ? 203 ILE A O   1 
ATOM   981  C  CB  . ILE A 1 173 ? 1.05399   -7.12093  -14.44648 1.000 32.57227 ? 203 ILE A CB  1 
ATOM   982  C  CG1 . ILE A 1 173 ? 1.79380   -6.04353  -15.23379 1.000 36.84984 ? 203 ILE A CG1 1 
ATOM   983  C  CG2 . ILE A 1 173 ? 2.03078   -8.03657  -13.73298 1.000 36.91297 ? 203 ILE A CG2 1 
ATOM   984  C  CD1 . ILE A 1 173 ? 2.31299   -4.87838  -14.35661 1.000 31.10970 ? 203 ILE A CD1 1 
ATOM   985  N  N   . ILE A 1 174 ? -1.41310  -9.02670  -13.84053 1.000 35.74501 ? 204 ILE A N   1 
ATOM   986  C  CA  . ILE A 1 174 ? -1.90590  -10.17902 -13.09251 1.000 36.92618 ? 204 ILE A CA  1 
ATOM   987  C  C   . ILE A 1 174 ? -2.64594  -11.13549 -14.01239 1.000 40.82829 ? 204 ILE A C   1 
ATOM   988  O  O   . ILE A 1 174 ? -2.47994  -12.35871 -13.91759 1.000 41.92882 ? 204 ILE A O   1 
ATOM   989  C  CB  . ILE A 1 174 ? -2.78377  -9.72407  -11.91222 1.000 35.76804 ? 204 ILE A CB  1 
ATOM   990  C  CG1 . ILE A 1 174 ? -1.98423  -8.80579  -10.98470 1.000 32.05050 ? 204 ILE A CG1 1 
ATOM   991  C  CG2 . ILE A 1 174 ? -3.27189  -10.91858 -11.12825 1.000 34.44506 ? 204 ILE A CG2 1 
ATOM   992  C  CD1 . ILE A 1 174 ? -0.85056  -9.51987  -10.29282 1.000 32.50087 ? 204 ILE A CD1 1 
ATOM   993  N  N   . ALA A 1 175 ? -3.46517  -10.60067 -14.92193 1.000 40.35878 ? 205 ALA A N   1 
ATOM   994  C  CA  . ALA A 1 175 ? -4.19072  -11.45844 -15.85940 1.000 42.99218 ? 205 ALA A CA  1 
ATOM   995  C  C   . ALA A 1 175 ? -3.23227  -12.21464 -16.76843 1.000 45.68211 ? 205 ALA A C   1 
ATOM   996  O  O   . ALA A 1 175 ? -3.44116  -13.40400 -17.04724 1.000 48.56447 ? 205 ALA A O   1 
ATOM   997  C  CB  . ALA A 1 175 ? -5.16929  -10.63219 -16.69442 1.000 36.54559 ? 205 ALA A CB  1 
ATOM   998  N  N   . THR A 1 176 ? -2.17655  -11.54054 -17.23591 1.000 41.84748 ? 206 THR A N   1 
ATOM   999  C  CA  . THR A 1 176 ? -1.20236  -12.19008 -18.10784 1.000 44.67677 ? 206 THR A CA  1 
ATOM   1000 C  C   . THR A 1 176 ? -0.49320  -13.32559 -17.38255 1.000 45.86816 ? 206 THR A C   1 
ATOM   1001 O  O   . THR A 1 176 ? -0.17521  -14.35689 -17.98429 1.000 45.61375 ? 206 THR A O   1 
ATOM   1002 C  CB  . THR A 1 176 ? -0.18818  -11.16644 -18.61905 1.000 42.80620 ? 206 THR A CB  1 
ATOM   1003 O  OG1 . THR A 1 176 ? -0.86870  -10.15288 -19.36397 1.000 43.22544 ? 206 THR A OG1 1 
ATOM   1004 C  CG2 . THR A 1 176 ? 0.81783   -11.83099 -19.53256 1.000 41.70985 ? 206 THR A CG2 1 
ATOM   1005 N  N   . ASP A 1 177 ? -0.25415  -13.15683 -16.08031 1.000 49.38325 ? 207 ASP A N   1 
ATOM   1006 C  CA  . ASP A 1 177 ? 0.36587   -14.21314 -15.28373 1.000 48.78452 ? 207 ASP A CA  1 
ATOM   1007 C  C   . ASP A 1 177 ? -0.53984  -15.43637 -15.17726 1.000 49.95389 ? 207 ASP A C   1 
ATOM   1008 O  O   . ASP A 1 177 ? -0.05018  -16.57163 -15.12648 1.000 54.58417 ? 207 ASP A O   1 
ATOM   1009 C  CB  . ASP A 1 177 ? 0.73120   -13.66562 -13.89895 1.000 43.72207 ? 207 ASP A CB  1 
ATOM   1010 C  CG  . ASP A 1 177 ? 1.85613   -14.44165 -13.22896 1.000 49.76236 ? 207 ASP A CG  1 
ATOM   1011 O  OD1 . ASP A 1 177 ? 3.00776   -14.39873 -13.72648 1.000 51.28808 ? 207 ASP A OD1 1 
ATOM   1012 O  OD2 . ASP A 1 177 ? 1.58891   -15.07691 -12.18267 1.000 43.77151 ? 207 ASP A OD2 1 
ATOM   1013 N  N   . ILE A 1 178 ? -1.85979  -15.23695 -15.15164 1.000 50.30248 ? 208 ILE A N   1 
ATOM   1014 C  CA  . ILE A 1 178 ? -2.77976  -16.37702 -15.14441 1.000 51.93924 ? 208 ILE A CA  1 
ATOM   1015 C  C   . ILE A 1 178 ? -2.57321  -17.17826 -16.42874 1.000 53.66766 ? 208 ILE A C   1 
ATOM   1016 O  O   . ILE A 1 178 ? -2.51248  -18.40742 -16.39634 1.000 56.99475 ? 208 ILE A O   1 
ATOM   1017 C  CB  . ILE A 1 178 ? -4.27777  -15.96742 -15.01009 1.000 54.41148 ? 208 ILE A CB  1 
ATOM   1018 C  CG1 . ILE A 1 178 ? -4.47761  -14.81394 -14.02559 1.000 52.56532 ? 208 ILE A CG1 1 
ATOM   1019 C  CG2 . ILE A 1 178 ? -5.10951  -17.16840 -14.55210 1.000 50.38718 ? 208 ILE A CG2 1 
ATOM   1020 C  CD1 . ILE A 1 178 ? -4.39975  -15.21580 -12.57341 1.000 47.14757 ? 208 ILE A CD1 1 
HETATM 1021 C  C10 . RWR B 2 .   ? -4.31666  -11.31696 16.20132  1.000 27.79521 ? 301 RWR A C10 1 
HETATM 1022 C  C11 . RWR B 2 .   ? -3.33890  -12.28600 15.71193  1.000 28.16123 ? 301 RWR A C11 1 
HETATM 1023 C  C12 . RWR B 2 .   ? -2.25718  -12.70163 16.53679  1.000 32.04632 ? 301 RWR A C12 1 
HETATM 1024 C  C13 . RWR B 2 .   ? -2.19752  -12.16590 17.85002  1.000 30.19938 ? 301 RWR A C13 1 
HETATM 1025 C  C14 . RWR B 2 .   ? -3.15028  -11.22912 18.33320  1.000 31.77146 ? 301 RWR A C14 1 
HETATM 1026 C  C15 . RWR B 2 .   ? -4.22234  -10.79085 17.51608  1.000 30.15010 ? 301 RWR A C15 1 
HETATM 1027 C  C16 . RWR B 2 .   ? -5.26936  -9.78354  18.08093  1.000 31.89808 ? 301 RWR A C16 1 
HETATM 1028 C  C17 . RWR B 2 .   ? -1.20424  -13.70874 16.07071  1.000 29.88598 ? 301 RWR A C17 1 
HETATM 1029 C  C18 . RWR B 2 .   ? -0.54515  -15.02568 16.69256  1.000 33.49306 ? 301 RWR A C18 1 
HETATM 1030 C  C19 . RWR B 2 .   ? 0.23938   -13.69094 16.68104  1.000 31.15339 ? 301 RWR A C19 1 
HETATM 1031 C  C20 . RWR B 2 .   ? -3.40308  -12.82735 14.28764  1.000 25.71787 ? 301 RWR A C20 1 
HETATM 1032 C  C21 . RWR B 2 .   ? -4.27467  -13.87923 13.89934  1.000 30.76958 ? 301 RWR A C21 1 
HETATM 1033 C  C22 . RWR B 2 .   ? -4.35972  -14.37687 12.57167  1.000 26.23850 ? 301 RWR A C22 1 
HETATM 1034 C  C02 . RWR B 2 .   ? -6.80377  -11.59977 15.69412  1.000 28.86404 ? 301 RWR A C02 1 
HETATM 1035 C  C04 . RWR B 2 .   ? -5.44963  -10.91941 15.23947  1.000 27.61024 ? 301 RWR A C04 1 
HETATM 1036 C  C06 . RWR B 2 .   ? -4.88927  -8.70758  14.26578  1.000 26.39011 ? 301 RWR A C06 1 
HETATM 1037 C  C07 . RWR B 2 .   ? -3.39386  -8.65035  14.69727  1.000 23.95729 ? 301 RWR A C07 1 
HETATM 1038 C  C08 . RWR B 2 .   ? -5.47615  -7.29877  14.16192  1.000 26.31152 ? 301 RWR A C08 1 
HETATM 1039 C  C09 . RWR B 2 .   ? -4.92373  -9.39951  12.85427  1.000 24.82768 ? 301 RWR A C09 1 
HETATM 1040 C  C23 . RWR B 2 .   ? -5.27930  -15.51949 12.17435  1.000 25.61673 ? 301 RWR A C23 1 
HETATM 1041 C  C24 . RWR B 2 .   ? -4.99934  -16.12814 10.79670  1.000 28.24875 ? 301 RWR A C24 1 
HETATM 1042 C  C25 . RWR B 2 .   ? -4.69704  -14.98321 9.86497   1.000 25.64278 ? 301 RWR A C25 1 
HETATM 1043 C  C27 . RWR B 2 .   ? -3.52688  -13.81191 11.62263  1.000 24.22354 ? 301 RWR A C27 1 
HETATM 1044 C  C28 . RWR B 2 .   ? -2.63156  -12.77249 11.92388  1.000 22.00264 ? 301 RWR A C28 1 
HETATM 1045 C  C29 . RWR B 2 .   ? -2.59162  -12.29309 13.26113  1.000 27.15349 ? 301 RWR A C29 1 
HETATM 1046 O  O01 . RWR B 2 .   ? -6.68424  -12.68185 16.34893  1.000 28.01817 ? 301 RWR A O01 1 
HETATM 1047 O  O03 . RWR B 2 .   ? -7.89141  -11.07315 15.45215  1.000 25.28547 ? 301 RWR A O03 1 
HETATM 1048 O  O05 . RWR B 2 .   ? -5.67373  -9.49749  15.14436  1.000 27.40630 ? 301 RWR A O05 1 
HETATM 1049 O  O26 . RWR B 2 .   ? -3.52456  -14.26297 10.29204  1.000 25.84867 ? 301 RWR A O26 1 
HETATM 1050 MG MG  . MG  C 3 .   ? 7.93182   2.05273   6.96036   1.000 39.03136 ? 302 MG  A MG  1 
HETATM 1051 S  S   . SO4 D 4 .   ? -8.73818  14.16579  10.65984  1.000 44.05488 ? 303 SO4 A S   1 
HETATM 1052 O  O1  . SO4 D 4 .   ? -9.85438  15.10799  10.62432  1.000 41.85051 ? 303 SO4 A O1  1 
HETATM 1053 O  O2  . SO4 D 4 .   ? -9.23948  12.80953  10.47333  1.000 39.61139 ? 303 SO4 A O2  1 
HETATM 1054 O  O3  . SO4 D 4 .   ? -8.08308  14.22729  11.95992  1.000 47.74502 ? 303 SO4 A O3  1 
HETATM 1055 O  O4  . SO4 D 4 .   ? -7.80399  14.49737  9.58618   1.000 33.15367 ? 303 SO4 A O4  1 
HETATM 1056 O  O   . HOH E 5 .   ? 0.61414   4.51880   -21.97783 1.000 51.74747 ? 401 HOH A O   1 
HETATM 1057 O  O   . HOH E 5 .   ? 8.03348   2.19897   9.98248   1.000 35.75961 ? 402 HOH A O   1 
HETATM 1058 O  O   . HOH E 5 .   ? -12.23034 -3.82418  8.82435   1.000 34.23064 ? 403 HOH A O   1 
HETATM 1059 O  O   . HOH E 5 .   ? 10.40102  -0.63122  13.93434  1.000 38.08848 ? 404 HOH A O   1 
HETATM 1060 O  O   . HOH E 5 .   ? -1.43668  18.18487  5.63199   1.000 40.93334 ? 405 HOH A O   1 
HETATM 1061 O  O   . HOH E 5 .   ? -1.23019  5.66561   -13.01842 1.000 31.48908 ? 406 HOH A O   1 
HETATM 1062 O  O   . HOH E 5 .   ? 8.11181   -0.56252  12.41744  1.000 33.46584 ? 407 HOH A O   1 
HETATM 1063 O  O   . HOH E 5 .   ? -7.01138  -1.78088  2.27520   1.000 45.19100 ? 408 HOH A O   1 
HETATM 1064 O  O   . HOH E 5 .   ? -17.00653 18.24872  6.88526   1.000 43.87428 ? 409 HOH A O   1 
HETATM 1065 O  O   . HOH E 5 .   ? 5.22752   -6.54131  -8.69745  1.000 28.79146 ? 410 HOH A O   1 
HETATM 1066 O  O   . HOH E 5 .   ? 15.60768  2.36924   5.89620   1.000 35.11743 ? 411 HOH A O   1 
HETATM 1067 O  O   . HOH E 5 .   ? 5.94573   -5.49300  13.42619  1.000 28.53492 ? 412 HOH A O   1 
HETATM 1068 O  O   . HOH E 5 .   ? 0.18329   -9.42261  -6.58256  1.000 30.01176 ? 413 HOH A O   1 
HETATM 1069 O  O   . HOH E 5 .   ? -5.05767  21.27707  -0.80224  1.000 44.04666 ? 414 HOH A O   1 
HETATM 1070 O  O   . HOH E 5 .   ? -7.18748  3.00410   -14.53257 1.000 40.41934 ? 415 HOH A O   1 
HETATM 1071 O  O   . HOH E 5 .   ? -7.54382  -0.85244  14.32247  1.000 39.19452 ? 416 HOH A O   1 
HETATM 1072 O  O   . HOH E 5 .   ? -6.06548  -0.96211  7.51550   1.000 34.09778 ? 417 HOH A O   1 
HETATM 1073 O  O   . HOH E 5 .   ? -3.78135  16.12826  -8.06104  1.000 36.19545 ? 418 HOH A O   1 
HETATM 1074 O  O   . HOH E 5 .   ? -8.11448  10.90232  9.12384   1.000 30.95488 ? 419 HOH A O   1 
HETATM 1075 O  O   . HOH E 5 .   ? -4.45578  -1.94821  9.61121   1.000 25.86373 ? 420 HOH A O   1 
HETATM 1076 O  O   . HOH E 5 .   ? -1.34164  -17.77754 -0.53415  1.000 33.77850 ? 421 HOH A O   1 
HETATM 1077 O  O   . HOH E 5 .   ? -5.17618  -14.22732 17.87566  1.000 33.82502 ? 422 HOH A O   1 
HETATM 1078 O  O   . HOH E 5 .   ? 4.78387   -3.20926  11.80690  1.000 28.97230 ? 423 HOH A O   1 
HETATM 1079 O  O   . HOH E 5 .   ? 10.36158  -11.10080 10.34507  1.000 41.38913 ? 424 HOH A O   1 
HETATM 1080 O  O   . HOH E 5 .   ? -3.09031  15.37668  -10.18416 1.000 40.88452 ? 425 HOH A O   1 
HETATM 1081 O  O   . HOH E 5 .   ? -5.69547  14.80651  14.73136  1.000 53.94106 ? 426 HOH A O   1 
HETATM 1082 O  O   . HOH E 5 .   ? -0.76415  -14.10453 -0.12926  1.000 25.17485 ? 427 HOH A O   1 
HETATM 1083 O  O   . HOH E 5 .   ? -0.00684  -13.71382 -10.47550 1.000 42.50476 ? 428 HOH A O   1 
HETATM 1084 O  O   . HOH E 5 .   ? 10.01084  2.52322   5.33692   1.000 36.95957 ? 429 HOH A O   1 
HETATM 1085 O  O   . HOH E 5 .   ? -15.54257 7.16461   7.88533   1.000 31.91458 ? 430 HOH A O   1 
HETATM 1086 O  O   . HOH E 5 .   ? 6.07024   -16.03333 6.14978   1.000 33.09065 ? 431 HOH A O   1 
HETATM 1087 O  O   . HOH E 5 .   ? -9.68123  -1.31813  7.90114   1.000 45.09540 ? 432 HOH A O   1 
HETATM 1088 O  O   . HOH E 5 .   ? -16.52795 12.94369  10.69847  1.000 44.49173 ? 433 HOH A O   1 
HETATM 1089 O  O   . HOH E 5 .   ? -9.29402  -8.67414  1.17656   1.000 26.35794 ? 434 HOH A O   1 
HETATM 1090 O  O   . HOH E 5 .   ? 5.70529   1.74801   0.12666   1.000 28.84156 ? 435 HOH A O   1 
HETATM 1091 O  O   . HOH E 5 .   ? 12.39955  -8.08800  8.58131   1.000 33.16754 ? 436 HOH A O   1 
HETATM 1092 O  O   . HOH E 5 .   ? -6.47745  2.62114   -0.80427  1.000 22.20931 ? 437 HOH A O   1 
HETATM 1093 O  O   . HOH E 5 .   ? 3.77857   -15.62778 14.61643  1.000 36.00140 ? 438 HOH A O   1 
HETATM 1094 O  O   . HOH E 5 .   ? -2.57843  -13.57043 -1.87464  1.000 26.98863 ? 439 HOH A O   1 
HETATM 1095 O  O   . HOH E 5 .   ? -9.16157  5.43071   -3.43392  1.000 20.78320 ? 440 HOH A O   1 
HETATM 1096 O  O   . HOH E 5 .   ? 2.31454   17.06534  8.64657   1.000 37.78557 ? 441 HOH A O   1 
HETATM 1097 O  O   . HOH E 5 .   ? 8.86789   5.20898   4.91051   1.000 37.51913 ? 442 HOH A O   1 
HETATM 1098 O  O   . HOH E 5 .   ? -17.49788 16.05217  10.13413  1.000 44.47174 ? 443 HOH A O   1 
HETATM 1099 O  O   . HOH E 5 .   ? -2.81632  -1.36701  16.88022  1.000 39.54203 ? 444 HOH A O   1 
HETATM 1100 O  O   . HOH E 5 .   ? 5.91419   -15.68806 8.55694   1.000 31.91847 ? 445 HOH A O   1 
HETATM 1101 O  O   . HOH E 5 .   ? 1.59459   5.48321   -12.61476 1.000 42.93663 ? 446 HOH A O   1 
HETATM 1102 O  O   . HOH E 5 .   ? 1.11904   -18.72799 -16.62130 1.000 53.27118 ? 447 HOH A O   1 
HETATM 1103 O  O   . HOH E 5 .   ? -6.89698  1.74501   8.72756   1.000 36.54775 ? 448 HOH A O   1 
HETATM 1104 O  O   . HOH E 5 .   ? 5.29788   0.14826   -14.29335 1.000 43.92947 ? 449 HOH A O   1 
HETATM 1105 O  O   . HOH E 5 .   ? 1.48689   -0.27175  11.20721  1.000 36.33654 ? 450 HOH A O   1 
HETATM 1106 O  O   . HOH E 5 .   ? 2.64538   -10.70280 -16.25148 1.000 43.29341 ? 451 HOH A O   1 
HETATM 1107 O  O   . HOH E 5 .   ? 5.25365   -16.96126 -1.11050  1.000 40.33212 ? 452 HOH A O   1 
HETATM 1108 O  O   . HOH E 5 .   ? 8.17633   -12.71878 16.80770  1.000 45.03320 ? 453 HOH A O   1 
HETATM 1109 O  O   . HOH E 5 .   ? 10.71708  3.87906   8.84384   1.000 35.65496 ? 454 HOH A O   1 
HETATM 1110 O  O   . HOH E 5 .   ? -14.93643 14.97430  12.74772  1.000 54.44413 ? 455 HOH A O   1 
HETATM 1111 O  O   . HOH E 5 .   ? 4.16397   6.03200   14.78524  1.000 40.78882 ? 456 HOH A O   1 
HETATM 1112 O  O   . HOH E 5 .   ? 0.50750   -8.21166  19.71202  1.000 43.62676 ? 457 HOH A O   1 
HETATM 1113 O  O   . HOH E 5 .   ? 8.37564   5.19533   8.65964   1.000 40.27855 ? 458 HOH A O   1 
HETATM 1114 O  O   . HOH E 5 .   ? 0.94543   16.59259  1.84814   1.000 42.88496 ? 459 HOH A O   1 
HETATM 1115 O  O   . HOH E 5 .   ? 2.73643   10.51780  12.64090  1.000 42.38762 ? 460 HOH A O   1 
HETATM 1116 O  O   . HOH E 5 .   ? 4.40883   -2.98664  17.32442  1.000 42.03138 ? 461 HOH A O   1 
HETATM 1117 O  O   . HOH E 5 .   ? 9.86038   -14.81494 5.12552   1.000 47.00383 ? 462 HOH A O   1 
HETATM 1118 O  O   . HOH E 5 .   ? -12.11435 4.31091   8.34023   1.000 39.11868 ? 463 HOH A O   1 
HETATM 1119 O  O   . HOH E 5 .   ? 0.88774   -17.20294 -1.77701  1.000 41.63080 ? 464 HOH A O   1 
HETATM 1120 O  O   . HOH E 5 .   ? -0.22329  -15.68725 -3.45166  1.000 42.06473 ? 465 HOH A O   1 
HETATM 1121 O  O   . HOH E 5 .   ? 3.50773   14.17395  10.89806  1.000 37.15179 ? 466 HOH A O   1 
HETATM 1122 O  O   . HOH E 5 .   ? 1.35254   -4.59109  17.76851  1.000 38.21775 ? 467 HOH A O   1 
HETATM 1123 O  O   . HOH E 5 .   ? 15.91004  0.86261   3.00473   1.000 45.01541 ? 468 HOH A O   1 
HETATM 1124 O  O   . HOH E 5 .   ? -8.03815  -1.12304  -12.12665 1.000 40.11910 ? 469 HOH A O   1 
HETATM 1125 O  O   . HOH E 5 .   ? 8.98814   -1.01649  -11.81471 1.000 44.60695 ? 470 HOH A O   1 
HETATM 1126 O  O   . HOH E 5 .   ? 5.19155   -9.28924  19.02498  1.000 37.64186 ? 471 HOH A O   1 
HETATM 1127 O  O   . HOH E 5 .   ? 10.65541  -13.44155 6.86766   1.000 49.25031 ? 472 HOH A O   1 
HETATM 1128 O  O   . HOH E 5 .   ? 1.51142   -13.35518 -8.25678  1.000 39.01471 ? 473 HOH A O   1 
HETATM 1129 O  O   . HOH E 5 .   ? 12.87927  -9.45248  0.44781   1.000 42.04279 ? 474 HOH A O   1 
HETATM 1130 O  O   . HOH E 5 .   ? 2.13227   9.31486   14.62304  1.000 43.16237 ? 475 HOH A O   1 
HETATM 1131 O  O   . HOH E 5 .   ? -8.55692  1.04447   -13.32903 1.000 41.61247 ? 476 HOH A O   1 
HETATM 1132 O  O   . HOH E 5 .   ? -5.12937  -3.55965  2.24898   1.000 35.00470 ? 477 HOH A O   1 
HETATM 1133 O  O   . HOH E 5 .   ? 7.91131   -6.40666  17.65107  1.000 39.21911 ? 478 HOH A O   1 
HETATM 1134 O  O   . HOH E 5 .   ? 6.05165   -3.84183  15.34340  1.000 36.78754 ? 479 HOH A O   1 
HETATM 1135 O  O   . HOH E 5 .   ? 6.99548   0.46893   -12.60887 1.000 46.62753 ? 480 HOH A O   1 
HETATM 1136 O  O   . HOH E 5 .   ? -6.40934  6.87398   12.20689  1.000 36.02849 ? 481 HOH A O   1 
HETATM 1137 O  O   . HOH E 5 .   ? 5.69753   -1.59850  13.82275  1.000 36.86488 ? 482 HOH A O   1 
HETATM 1138 O  O   . HOH E 5 .   ? 8.10524   -15.52612 16.47160  1.000 46.67520 ? 483 HOH A O   1 
HETATM 1139 O  O   . HOH E 5 .   ? 1.78236   2.86907   -22.84092 1.000 52.27070 ? 484 HOH A O   1 
HETATM 1140 O  O   . HOH E 5 .   ? 11.28641  -9.33184  -1.18108  1.000 46.00407 ? 485 HOH A O   1 
HETATM 1141 O  O   . HOH E 5 .   ? 1.44470   8.20359   -14.20886 1.000 48.28696 ? 486 HOH A O   1 
HETATM 1142 O  O   . HOH E 5 .   ? 2.59232   -9.04498  -18.13821 1.000 42.97867 ? 487 HOH A O   1 
HETATM 1143 O  O   . HOH E 5 .   ? 7.76582   -14.02045 -12.52706 1.000 50.33977 ? 488 HOH A O   1 
HETATM 1144 O  O   . HOH E 5 .   ? -0.91658  17.91527  2.83769   1.000 41.77587 ? 489 HOH A O   1 
HETATM 1145 O  O   . HOH E 5 .   ? 14.16765  -12.56140 4.16026   1.000 50.87516 ? 490 HOH A O   1 
HETATM 1146 O  O   . HOH E 5 .   ? -8.00938  8.82551   10.57268  1.000 35.04510 ? 491 HOH A O   1 
HETATM 1147 O  O   . HOH E 5 .   ? 12.16972  -10.55814 -3.93730  1.000 44.77076 ? 492 HOH A O   1 
HETATM 1148 O  O   . HOH E 5 .   ? 1.14211   18.31426  6.63606   1.000 41.53906 ? 493 HOH A O   1 
HETATM 1149 O  O   . HOH E 5 .   ? 3.78143   14.53981  14.87543  1.000 50.48872 ? 494 HOH A O   1 
HETATM 1150 O  O   . HOH E 5 .   ? 4.68476   15.80328  12.40781  1.000 52.63423 ? 495 HOH A O   1 
HETATM 1151 O  O   . HOH E 5 .   ? 14.93071  -10.27286 3.36538   1.000 52.00604 ? 496 HOH A O   1 
HETATM 1152 O  O   . HOH E 5 .   ? 3.45560   17.03690  2.67956   1.000 40.99146 ? 497 HOH A O   1 
HETATM 1153 O  O   . HOH E 5 .   ? -2.86842  -15.87167 -3.69967  1.000 40.35695 ? 498 HOH A O   1 
HETATM 1154 O  O   . HOH E 5 .   ? 2.13219   -17.07420 16.31511  1.000 40.92439 ? 499 HOH A O   1 
HETATM 1155 O  O   . HOH E 5 .   ? 1.88126   -16.23455 18.77446  1.000 44.53390 ? 500 HOH A O   1 
HETATM 1156 O  O   . HOH E 5 .   ? 5.81704   -18.76980 -14.76536 1.000 58.22956 ? 501 HOH A O   1 
HETATM 1157 O  O   . HOH E 5 .   ? 3.07151   18.64737  4.47403   1.000 49.09877 ? 502 HOH A O   1 
# 
